data_4X91
#
_entry.id   4X91
#
_cell.length_a   62.830
_cell.length_b   90.172
_cell.length_c   99.345
_cell.angle_alpha   79.080
_cell.angle_beta   88.880
_cell.angle_gamma   89.110
#
_symmetry.space_group_name_H-M   'P 1'
#
loop_
_entity.id
_entity.type
_entity.pdbx_description
1 polymer 'Group XV phospholipase A2'
2 non-polymer 2-acetamido-2-deoxy-beta-D-glucopyranose
3 non-polymer 'propan-2-yl (R)-dodec-11-en-1-ylphosphonofluoridate'
4 non-polymer '4-(2-HYDROXYETHYL)-1-PIPERAZINE ETHANESULFONIC ACID'
5 non-polymer 'PHOSPHATE ION'
6 non-polymer (4S)-2-METHYL-2,4-PENTANEDIOL
7 water water
#
_entity_poly.entity_id   1
_entity_poly.type   'polypeptide(L)'
_entity_poly.pdbx_seq_one_letter_code
;GAGRHPPVVLVPGDLGNQLEAKLDKPTVVHYLCSKKTESYFTIWLNLELLLPVIIDCWIDNIRLVYNKTSRATQFPDGVD
VRVPGFGKTFSLEFLDPSKSSVGSYFHTMVESLVGWGYTRGEDVRGAPYDWRRAPNENGPYFLALREMIEEMYQLYGGPV
VLVAHSMGNMYTLYFLQRQPQAWKDKYIRAFVSLGAPWGGVAKTLRVLASGDNNRIPVIGPLKIREQQRSAVSTSWLLPY
NYTWSPEKVFVQTPTINYTLRDYRKFFQDIGFEDGWLMRQDTEGLVEATMPPGVQLHCLYGTGVPTPDSFYYESFPDRDP
KICFGDGDGTVNLKSALQCQAWQSRQEHQVLLQELPGSEHIEMLANATTLAYLKRVLLGP
;
_entity_poly.pdbx_strand_id   A,B,C,D
#
# COMPACT_ATOMS: atom_id res chain seq x y z
N HIS A 5 -8.71 17.45 7.94
CA HIS A 5 -9.80 16.42 8.13
C HIS A 5 -9.27 15.22 8.92
N PRO A 6 -10.10 14.63 9.78
CA PRO A 6 -9.63 13.56 10.67
C PRO A 6 -9.46 12.24 9.93
N PRO A 7 -8.51 11.37 10.35
CA PRO A 7 -8.37 10.05 9.71
C PRO A 7 -9.64 9.23 9.97
N VAL A 8 -9.92 8.31 9.07
CA VAL A 8 -11.20 7.53 9.02
C VAL A 8 -10.86 6.06 8.94
N VAL A 9 -11.53 5.26 9.78
CA VAL A 9 -11.53 3.79 9.75
C VAL A 9 -12.95 3.31 9.45
N LEU A 10 -13.09 2.47 8.43
CA LEU A 10 -14.37 1.91 7.95
C LEU A 10 -14.50 0.48 8.50
N VAL A 11 -15.59 0.20 9.20
CA VAL A 11 -15.89 -1.14 9.77
C VAL A 11 -17.13 -1.68 9.07
N PRO A 12 -17.00 -2.76 8.27
CA PRO A 12 -18.13 -3.27 7.52
C PRO A 12 -19.05 -4.15 8.37
N GLY A 13 -20.17 -4.49 7.76
CA GLY A 13 -21.15 -5.39 8.36
C GLY A 13 -20.91 -6.81 7.96
N ASP A 14 -21.87 -7.64 8.31
CA ASP A 14 -21.93 -9.07 7.94
C ASP A 14 -21.90 -9.15 6.42
N LEU A 15 -21.14 -10.07 5.84
CA LEU A 15 -20.98 -10.24 4.37
C LEU A 15 -20.26 -9.04 3.76
N GLY A 16 -19.66 -8.19 4.58
CA GLY A 16 -19.29 -6.81 4.22
C GLY A 16 -17.84 -6.66 3.80
N ASN A 17 -17.11 -7.74 3.62
CA ASN A 17 -15.75 -7.65 3.02
C ASN A 17 -15.41 -8.99 2.39
N GLN A 18 -14.48 -8.97 1.46
CA GLN A 18 -14.03 -10.18 0.74
C GLN A 18 -13.51 -11.17 1.78
N LEU A 19 -13.63 -12.46 1.48
CA LEU A 19 -12.90 -13.55 2.14
C LEU A 19 -12.24 -14.39 1.05
N GLU A 20 -11.06 -14.91 1.35
CA GLU A 20 -10.24 -15.73 0.44
C GLU A 20 -10.03 -17.09 1.13
N ALA A 21 -9.99 -18.14 0.32
CA ALA A 21 -9.77 -19.52 0.78
C ALA A 21 -8.59 -20.14 0.02
N LYS A 22 -7.87 -21.02 0.72
CA LYS A 22 -6.84 -21.91 0.16
C LYS A 22 -7.22 -23.33 0.59
N LEU A 23 -7.10 -24.31 -0.31
CA LEU A 23 -7.63 -25.68 -0.11
C LEU A 23 -6.51 -26.72 -0.21
N ASP A 24 -6.56 -27.70 0.69
CA ASP A 24 -5.88 -29.01 0.60
C ASP A 24 -6.82 -30.04 1.24
N LYS A 25 -7.99 -30.24 0.65
CA LYS A 25 -9.10 -31.03 1.28
C LYS A 25 -8.87 -32.52 1.02
N PRO A 26 -9.11 -33.39 2.04
CA PRO A 26 -8.97 -34.83 1.86
C PRO A 26 -10.05 -35.41 0.92
N THR A 27 -11.26 -34.83 0.95
CA THR A 27 -12.37 -35.19 0.03
C THR A 27 -13.18 -33.94 -0.37
N VAL A 28 -14.05 -34.12 -1.37
CA VAL A 28 -15.01 -33.09 -1.85
C VAL A 28 -16.37 -33.75 -2.02
N VAL A 29 -17.42 -32.94 -2.09
CA VAL A 29 -18.84 -33.38 -2.11
C VAL A 29 -19.29 -33.64 -3.56
N HIS A 30 -18.65 -32.98 -4.54
CA HIS A 30 -18.81 -33.23 -6.00
C HIS A 30 -17.44 -33.27 -6.69
N TYR A 31 -17.31 -34.06 -7.75
CA TYR A 31 -16.05 -34.18 -8.54
C TYR A 31 -15.66 -32.83 -9.12
N LEU A 32 -16.63 -31.98 -9.44
CA LEU A 32 -16.35 -30.63 -10.02
C LEU A 32 -15.92 -29.63 -8.93
N CYS A 33 -15.90 -30.00 -7.64
CA CYS A 33 -15.27 -29.17 -6.56
C CYS A 33 -13.75 -29.37 -6.59
N SER A 34 -12.96 -28.30 -6.56
CA SER A 34 -11.48 -28.33 -6.42
C SER A 34 -11.07 -28.88 -5.05
N LYS A 35 -10.15 -29.84 -5.01
CA LYS A 35 -9.60 -30.44 -3.77
C LYS A 35 -8.50 -29.56 -3.18
N LYS A 36 -7.71 -28.94 -4.05
CA LYS A 36 -6.41 -28.31 -3.68
C LYS A 36 -6.22 -27.05 -4.54
N THR A 37 -5.70 -25.98 -3.94
CA THR A 37 -5.28 -24.74 -4.63
C THR A 37 -3.86 -24.40 -4.16
N GLU A 38 -3.01 -23.88 -5.05
CA GLU A 38 -1.60 -23.53 -4.71
C GLU A 38 -1.59 -22.16 -4.02
N SER A 39 -2.62 -21.35 -4.27
CA SER A 39 -2.77 -20.01 -3.63
C SER A 39 -4.21 -19.78 -3.19
N TYR A 40 -4.47 -18.60 -2.62
CA TYR A 40 -5.80 -18.14 -2.17
C TYR A 40 -6.62 -17.70 -3.39
N PHE A 41 -7.91 -18.02 -3.39
CA PHE A 41 -8.91 -17.49 -4.35
C PHE A 41 -10.03 -16.83 -3.54
N THR A 42 -10.80 -15.97 -4.17
CA THR A 42 -11.96 -15.28 -3.54
C THR A 42 -13.10 -16.27 -3.33
N ILE A 43 -13.48 -16.49 -2.07
CA ILE A 43 -14.64 -17.34 -1.69
C ILE A 43 -15.86 -16.45 -1.41
N TRP A 44 -15.65 -15.18 -1.10
CA TRP A 44 -16.73 -14.16 -1.02
C TRP A 44 -16.17 -12.82 -1.48
N LEU A 45 -16.80 -12.13 -2.44
CA LEU A 45 -18.00 -12.55 -3.14
C LEU A 45 -17.62 -12.97 -4.56
N ASN A 46 -18.03 -14.17 -4.96
CA ASN A 46 -17.84 -14.71 -6.32
C ASN A 46 -19.13 -15.45 -6.72
N LEU A 47 -19.91 -14.85 -7.61
CA LEU A 47 -21.29 -15.32 -7.96
C LEU A 47 -21.24 -16.69 -8.63
N GLU A 48 -20.17 -16.98 -9.35
CA GLU A 48 -19.99 -18.26 -10.09
C GLU A 48 -19.93 -19.44 -9.10
N LEU A 49 -19.54 -19.21 -7.84
CA LEU A 49 -19.48 -20.26 -6.77
C LEU A 49 -20.88 -20.51 -6.19
N LEU A 50 -21.87 -19.65 -6.49
CA LEU A 50 -23.23 -19.72 -5.89
C LEU A 50 -24.26 -20.33 -6.86
N LEU A 51 -23.84 -20.77 -8.05
CA LEU A 51 -24.74 -21.43 -9.03
C LEU A 51 -25.14 -22.80 -8.48
N PRO A 52 -26.27 -23.38 -8.96
CA PRO A 52 -26.68 -24.73 -8.54
C PRO A 52 -25.54 -25.76 -8.65
N VAL A 53 -25.49 -26.71 -7.71
CA VAL A 53 -24.48 -27.81 -7.60
C VAL A 53 -23.13 -27.26 -7.11
N ILE A 54 -22.56 -26.28 -7.82
CA ILE A 54 -21.26 -25.62 -7.47
C ILE A 54 -21.35 -25.08 -6.03
N ILE A 55 -22.55 -24.65 -5.60
CA ILE A 55 -22.77 -24.01 -4.28
C ILE A 55 -22.51 -25.01 -3.16
N ASP A 56 -22.62 -26.32 -3.45
CA ASP A 56 -22.32 -27.37 -2.44
C ASP A 56 -20.82 -27.32 -2.12
N CYS A 57 -19.99 -27.04 -3.13
CA CYS A 57 -18.52 -26.85 -2.98
C CYS A 57 -18.27 -25.64 -2.05
N TRP A 58 -19.00 -24.56 -2.31
CA TRP A 58 -18.86 -23.26 -1.61
C TRP A 58 -19.27 -23.45 -0.15
N ILE A 59 -20.46 -24.00 0.09
CA ILE A 59 -20.98 -24.31 1.46
C ILE A 59 -19.93 -25.14 2.21
N ASP A 60 -19.38 -26.17 1.57
CA ASP A 60 -18.42 -27.09 2.22
C ASP A 60 -17.13 -26.36 2.60
N ASN A 61 -16.78 -25.25 1.93
CA ASN A 61 -15.54 -24.46 2.18
C ASN A 61 -15.79 -23.33 3.21
N ILE A 62 -16.92 -22.63 3.11
CA ILE A 62 -17.17 -21.37 3.87
C ILE A 62 -17.95 -21.63 5.17
N ARG A 63 -18.60 -22.79 5.32
CA ARG A 63 -19.22 -23.19 6.61
C ARG A 63 -18.13 -23.20 7.69
N LEU A 64 -18.52 -22.91 8.93
CA LEU A 64 -17.69 -23.12 10.13
C LEU A 64 -18.14 -24.43 10.80
N VAL A 65 -17.19 -25.13 11.37
CA VAL A 65 -17.38 -26.36 12.17
C VAL A 65 -17.38 -25.89 13.62
N TYR A 66 -18.45 -26.18 14.36
CA TYR A 66 -18.50 -25.84 15.81
C TYR A 66 -17.96 -27.02 16.60
N ASN A 67 -16.97 -26.75 17.44
CA ASN A 67 -16.32 -27.76 18.30
C ASN A 67 -16.84 -27.58 19.73
N LYS A 68 -17.65 -28.54 20.20
CA LYS A 68 -18.30 -28.50 21.54
C LYS A 68 -17.25 -28.57 22.64
N THR A 69 -16.14 -29.25 22.42
CA THR A 69 -15.04 -29.38 23.41
C THR A 69 -14.42 -28.00 23.67
N SER A 70 -13.91 -27.36 22.61
CA SER A 70 -13.21 -26.05 22.69
C SER A 70 -14.19 -24.88 22.82
N ARG A 71 -15.50 -25.10 22.57
CA ARG A 71 -16.54 -24.05 22.46
C ARG A 71 -16.08 -22.97 21.45
N ALA A 72 -15.54 -23.40 20.32
CA ALA A 72 -14.94 -22.52 19.30
C ALA A 72 -15.23 -23.08 17.91
N THR A 73 -15.20 -22.22 16.90
CA THR A 73 -15.38 -22.62 15.49
C THR A 73 -14.01 -22.88 14.87
N GLN A 74 -13.99 -23.74 13.86
CA GLN A 74 -12.78 -24.08 13.07
C GLN A 74 -13.22 -24.26 11.63
N PHE A 75 -12.27 -24.13 10.70
CA PHE A 75 -12.49 -24.32 9.25
C PHE A 75 -12.61 -25.83 9.01
N PRO A 76 -13.34 -26.25 7.96
CA PRO A 76 -13.34 -27.66 7.53
C PRO A 76 -11.92 -28.17 7.27
N ASP A 77 -11.71 -29.49 7.43
CA ASP A 77 -10.43 -30.18 7.12
C ASP A 77 -9.88 -29.62 5.80
N GLY A 78 -8.63 -29.14 5.85
CA GLY A 78 -7.86 -28.72 4.66
C GLY A 78 -8.40 -27.45 4.01
N VAL A 79 -9.06 -26.59 4.78
CA VAL A 79 -9.51 -25.25 4.32
C VAL A 79 -8.86 -24.17 5.19
N ASP A 80 -8.32 -23.14 4.56
CA ASP A 80 -7.95 -21.88 5.23
C ASP A 80 -8.78 -20.73 4.64
N VAL A 81 -9.27 -19.83 5.50
CA VAL A 81 -10.01 -18.61 5.11
C VAL A 81 -9.28 -17.43 5.71
N ARG A 82 -8.89 -16.45 4.90
CA ARG A 82 -8.24 -15.23 5.39
C ARG A 82 -9.00 -14.01 4.90
N VAL A 83 -8.75 -12.90 5.60
CA VAL A 83 -9.33 -11.56 5.37
C VAL A 83 -8.28 -10.72 4.65
N PRO A 84 -8.44 -10.45 3.33
CA PRO A 84 -7.50 -9.57 2.65
C PRO A 84 -7.82 -8.11 2.98
N GLY A 85 -6.82 -7.24 2.84
CA GLY A 85 -7.01 -5.78 2.68
C GLY A 85 -7.20 -5.08 3.99
N PHE A 86 -6.72 -5.65 5.11
CA PHE A 86 -6.75 -4.96 6.41
C PHE A 86 -5.84 -3.73 6.29
N GLY A 87 -6.33 -2.55 6.67
CA GLY A 87 -5.60 -1.28 6.53
C GLY A 87 -5.80 -0.63 5.15
N LYS A 88 -6.46 -1.35 4.22
CA LYS A 88 -6.82 -0.86 2.87
C LYS A 88 -8.34 -0.75 2.77
N THR A 89 -8.85 -0.32 1.62
CA THR A 89 -10.31 -0.17 1.39
C THR A 89 -10.83 -1.11 0.30
N PHE A 90 -9.98 -1.69 -0.55
CA PHE A 90 -10.47 -2.44 -1.75
C PHE A 90 -11.46 -3.52 -1.31
N SER A 91 -11.19 -4.21 -0.20
CA SER A 91 -11.88 -5.48 0.18
C SER A 91 -13.25 -5.16 0.79
N LEU A 92 -13.50 -3.92 1.21
CA LEU A 92 -14.90 -3.55 1.59
C LEU A 92 -15.53 -2.54 0.61
N GLU A 93 -14.78 -1.96 -0.34
CA GLU A 93 -15.39 -1.18 -1.47
C GLU A 93 -16.15 -2.13 -2.41
N PHE A 94 -15.52 -3.26 -2.74
CA PHE A 94 -16.03 -4.29 -3.68
C PHE A 94 -15.96 -5.65 -3.01
N LEU A 95 -17.10 -6.30 -2.83
CA LEU A 95 -17.17 -7.67 -2.26
C LEU A 95 -16.72 -8.64 -3.36
N ASP A 96 -17.03 -8.32 -4.61
CA ASP A 96 -16.62 -9.12 -5.79
C ASP A 96 -15.40 -8.45 -6.39
N PRO A 97 -14.22 -9.10 -6.40
CA PRO A 97 -13.00 -8.47 -6.93
C PRO A 97 -13.06 -8.23 -8.45
N SER A 98 -13.99 -8.87 -9.17
CA SER A 98 -14.35 -8.54 -10.58
C SER A 98 -14.99 -7.15 -10.64
N LYS A 99 -15.41 -6.60 -9.49
CA LYS A 99 -15.88 -5.20 -9.27
C LYS A 99 -17.25 -4.99 -9.93
N SER A 100 -18.00 -6.07 -10.19
CA SER A 100 -19.43 -5.99 -10.58
C SER A 100 -20.22 -5.19 -9.53
N SER A 101 -21.21 -4.44 -9.98
CA SER A 101 -22.08 -3.52 -9.18
C SER A 101 -22.77 -4.30 -8.05
N VAL A 102 -23.05 -5.58 -8.28
CA VAL A 102 -23.69 -6.49 -7.28
C VAL A 102 -22.87 -6.46 -5.97
N GLY A 103 -21.54 -6.41 -6.06
CA GLY A 103 -20.66 -6.39 -4.88
C GLY A 103 -20.28 -4.98 -4.42
N SER A 104 -20.84 -3.94 -5.02
CA SER A 104 -20.48 -2.55 -4.70
C SER A 104 -21.04 -2.24 -3.31
N TYR A 105 -20.18 -2.06 -2.33
CA TYR A 105 -20.59 -1.89 -0.92
C TYR A 105 -20.14 -0.51 -0.40
N PHE A 106 -18.89 -0.34 0.00
CA PHE A 106 -18.36 0.95 0.51
C PHE A 106 -17.81 1.81 -0.66
N HIS A 107 -17.83 1.29 -1.89
CA HIS A 107 -17.15 1.93 -3.04
C HIS A 107 -17.60 3.39 -3.23
N THR A 108 -18.90 3.64 -3.25
CA THR A 108 -19.47 5.01 -3.45
C THR A 108 -18.96 5.93 -2.34
N MET A 109 -19.01 5.48 -1.09
CA MET A 109 -18.57 6.30 0.07
C MET A 109 -17.08 6.64 -0.05
N VAL A 110 -16.25 5.69 -0.49
CA VAL A 110 -14.78 5.89 -0.56
C VAL A 110 -14.48 6.84 -1.73
N GLU A 111 -15.20 6.71 -2.85
CA GLU A 111 -15.13 7.67 -4.00
C GLU A 111 -15.39 9.09 -3.46
N SER A 112 -16.43 9.25 -2.63
CA SER A 112 -16.77 10.56 -2.02
C SER A 112 -15.61 11.01 -1.10
N LEU A 113 -15.14 10.15 -0.20
CA LEU A 113 -14.04 10.49 0.73
C LEU A 113 -12.81 10.97 -0.06
N VAL A 114 -12.42 10.24 -1.11
CA VAL A 114 -11.24 10.58 -1.94
C VAL A 114 -11.49 11.92 -2.66
N GLY A 115 -12.71 12.14 -3.17
CA GLY A 115 -13.12 13.46 -3.69
C GLY A 115 -12.95 14.58 -2.67
N TRP A 116 -13.12 14.31 -1.38
CA TRP A 116 -12.97 15.33 -0.30
C TRP A 116 -11.52 15.43 0.16
N GLY A 117 -10.62 14.63 -0.44
CA GLY A 117 -9.17 14.76 -0.26
C GLY A 117 -8.53 13.66 0.56
N TYR A 118 -9.28 12.61 0.91
CA TYR A 118 -8.76 11.42 1.63
C TYR A 118 -7.90 10.62 0.64
N THR A 119 -7.02 9.79 1.15
CA THR A 119 -6.14 8.89 0.37
C THR A 119 -6.36 7.44 0.85
N ARG A 120 -6.72 6.55 -0.08
CA ARG A 120 -6.98 5.12 0.21
C ARG A 120 -5.72 4.49 0.83
N GLY A 121 -5.87 3.75 1.92
CA GLY A 121 -4.77 3.03 2.58
C GLY A 121 -3.92 3.94 3.47
N GLU A 122 -4.20 5.26 3.46
N GLU A 122 -4.20 5.26 3.46
CA GLU A 122 -3.45 6.24 4.27
CA GLU A 122 -3.46 6.24 4.28
C GLU A 122 -4.39 6.80 5.36
C GLU A 122 -4.40 6.79 5.36
N ASP A 123 -5.05 7.93 5.13
CA ASP A 123 -5.90 8.57 6.17
C ASP A 123 -7.34 8.06 6.06
N VAL A 124 -7.63 7.17 5.12
CA VAL A 124 -8.87 6.33 5.16
C VAL A 124 -8.43 4.88 5.00
N ARG A 125 -8.78 4.05 5.98
CA ARG A 125 -8.41 2.61 5.99
C ARG A 125 -9.61 1.78 6.37
N GLY A 126 -9.70 0.58 5.80
CA GLY A 126 -10.71 -0.41 6.16
C GLY A 126 -10.24 -1.29 7.30
N ALA A 127 -11.20 -1.78 8.09
CA ALA A 127 -11.01 -2.79 9.16
C ALA A 127 -11.88 -4.00 8.84
N PRO A 128 -11.61 -4.72 7.72
CA PRO A 128 -12.38 -5.91 7.39
C PRO A 128 -12.06 -7.02 8.41
N TYR A 129 -12.99 -7.95 8.56
CA TYR A 129 -12.85 -9.07 9.53
C TYR A 129 -13.62 -10.27 9.02
N ASP A 130 -13.41 -11.39 9.70
CA ASP A 130 -14.15 -12.63 9.38
C ASP A 130 -15.53 -12.50 10.02
N TRP A 131 -16.47 -11.97 9.26
CA TRP A 131 -17.83 -11.63 9.74
C TRP A 131 -18.67 -12.89 10.03
N ARG A 132 -18.19 -14.08 9.67
CA ARG A 132 -18.85 -15.35 10.08
C ARG A 132 -18.74 -15.52 11.60
N ARG A 133 -17.75 -14.89 12.23
CA ARG A 133 -17.50 -15.07 13.68
C ARG A 133 -18.03 -13.86 14.45
N ALA A 134 -18.29 -14.06 15.74
CA ALA A 134 -18.61 -12.98 16.70
C ALA A 134 -17.29 -12.48 17.30
N PRO A 135 -17.29 -11.35 18.04
CA PRO A 135 -16.05 -10.79 18.59
C PRO A 135 -15.23 -11.75 19.48
N ASN A 136 -15.87 -12.73 20.11
CA ASN A 136 -15.17 -13.70 21.00
C ASN A 136 -14.14 -14.47 20.18
N GLU A 137 -14.27 -14.56 18.85
CA GLU A 137 -13.29 -15.29 18.01
C GLU A 137 -12.60 -14.32 17.06
N ASN A 138 -12.49 -13.03 17.40
CA ASN A 138 -11.78 -12.04 16.56
C ASN A 138 -10.89 -11.17 17.44
N GLY A 139 -10.28 -11.78 18.48
CA GLY A 139 -9.30 -11.12 19.36
C GLY A 139 -8.20 -10.42 18.57
N PRO A 140 -7.45 -11.14 17.72
CA PRO A 140 -6.40 -10.52 16.90
C PRO A 140 -6.86 -9.30 16.09
N TYR A 141 -8.07 -9.35 15.50
CA TYR A 141 -8.65 -8.21 14.75
C TYR A 141 -8.70 -6.95 15.64
N PHE A 142 -9.19 -7.07 16.87
CA PHE A 142 -9.32 -5.90 17.79
C PHE A 142 -7.94 -5.37 18.19
N LEU A 143 -6.94 -6.25 18.35
CA LEU A 143 -5.57 -5.79 18.65
C LEU A 143 -5.07 -5.00 17.43
N ALA A 144 -5.25 -5.56 16.22
CA ALA A 144 -4.82 -4.91 14.97
C ALA A 144 -5.55 -3.56 14.81
N LEU A 145 -6.84 -3.51 15.15
CA LEU A 145 -7.66 -2.27 15.05
C LEU A 145 -7.10 -1.19 15.99
N ARG A 146 -6.81 -1.57 17.24
CA ARG A 146 -6.23 -0.64 18.25
C ARG A 146 -4.93 -0.06 17.68
N GLU A 147 -4.06 -0.94 17.16
N GLU A 147 -4.06 -0.94 17.16
CA GLU A 147 -2.71 -0.56 16.67
CA GLU A 147 -2.71 -0.56 16.67
C GLU A 147 -2.86 0.37 15.45
C GLU A 147 -2.86 0.38 15.46
N MET A 148 -3.78 0.06 14.54
CA MET A 148 -4.02 0.87 13.32
C MET A 148 -4.54 2.26 13.71
N ILE A 149 -5.46 2.33 14.66
CA ILE A 149 -6.00 3.64 15.13
C ILE A 149 -4.84 4.47 15.71
N GLU A 150 -3.98 3.86 16.52
CA GLU A 150 -2.83 4.55 17.18
C GLU A 150 -1.85 5.05 16.11
N GLU A 151 -1.51 4.20 15.15
CA GLU A 151 -0.62 4.54 14.01
C GLU A 151 -1.21 5.73 13.24
N MET A 152 -2.51 5.70 12.92
CA MET A 152 -3.14 6.77 12.10
C MET A 152 -3.13 8.07 12.91
N TYR A 153 -3.34 7.97 14.21
CA TYR A 153 -3.28 9.15 15.12
C TYR A 153 -1.88 9.80 15.00
N GLN A 154 -0.84 8.96 15.01
CA GLN A 154 0.58 9.39 15.08
C GLN A 154 0.97 9.99 13.73
N LEU A 155 0.61 9.35 12.60
CA LEU A 155 0.97 9.81 11.24
C LEU A 155 0.21 11.09 10.89
N TYR A 156 -1.08 11.18 11.14
CA TYR A 156 -1.94 12.25 10.55
C TYR A 156 -2.23 13.33 11.60
N GLY A 157 -1.74 13.18 12.83
CA GLY A 157 -1.78 14.22 13.87
C GLY A 157 -3.18 14.47 14.43
N GLY A 158 -4.03 13.44 14.56
CA GLY A 158 -5.35 13.66 15.19
C GLY A 158 -6.14 12.39 15.44
N PRO A 159 -7.13 12.44 16.36
CA PRO A 159 -8.03 11.31 16.62
C PRO A 159 -8.86 10.91 15.40
N VAL A 160 -9.25 9.63 15.35
CA VAL A 160 -9.88 9.01 14.15
C VAL A 160 -11.40 9.00 14.30
N VAL A 161 -12.09 9.12 13.17
CA VAL A 161 -13.55 8.90 13.05
C VAL A 161 -13.76 7.45 12.59
N LEU A 162 -14.51 6.69 13.37
CA LEU A 162 -14.95 5.32 13.05
C LEU A 162 -16.29 5.44 12.31
N VAL A 163 -16.38 4.79 11.16
CA VAL A 163 -17.61 4.75 10.35
C VAL A 163 -17.95 3.28 10.17
N ALA A 164 -19.08 2.84 10.71
CA ALA A 164 -19.46 1.42 10.74
C ALA A 164 -20.86 1.26 10.18
N HIS A 165 -21.06 0.16 9.47
CA HIS A 165 -22.35 -0.22 8.85
C HIS A 165 -22.82 -1.54 9.43
N SER A 166 -24.11 -1.62 9.76
CA SER A 166 -24.79 -2.87 10.15
C SER A 166 -24.00 -3.50 11.30
N MET A 167 -23.62 -4.77 11.21
CA MET A 167 -23.01 -5.54 12.34
C MET A 167 -21.66 -4.91 12.76
N GLY A 168 -21.04 -4.13 11.86
CA GLY A 168 -19.78 -3.43 12.16
C GLY A 168 -19.93 -2.52 13.35
N ASN A 169 -21.14 -2.03 13.58
CA ASN A 169 -21.46 -1.13 14.71
C ASN A 169 -21.36 -1.94 16.01
N MET A 170 -21.71 -3.22 15.98
CA MET A 170 -21.68 -4.10 17.17
C MET A 170 -20.22 -4.47 17.47
N TYR A 171 -19.44 -4.79 16.44
CA TYR A 171 -17.98 -5.01 16.53
C TYR A 171 -17.33 -3.75 17.11
N THR A 172 -17.67 -2.58 16.61
CA THR A 172 -17.08 -1.29 17.05
C THR A 172 -17.47 -1.01 18.52
N LEU A 173 -18.73 -1.26 18.89
CA LEU A 173 -19.20 -1.04 20.28
C LEU A 173 -18.44 -1.99 21.22
N TYR A 174 -18.28 -3.26 20.83
CA TYR A 174 -17.55 -4.28 21.61
C TYR A 174 -16.14 -3.75 21.89
N PHE A 175 -15.48 -3.28 20.82
CA PHE A 175 -14.12 -2.70 20.88
C PHE A 175 -14.10 -1.53 21.87
N LEU A 176 -14.99 -0.55 21.70
CA LEU A 176 -14.95 0.73 22.49
C LEU A 176 -15.26 0.46 23.97
N GLN A 177 -16.17 -0.47 24.26
CA GLN A 177 -16.55 -0.89 25.62
C GLN A 177 -15.32 -1.39 26.38
N ARG A 178 -14.32 -1.93 25.68
CA ARG A 178 -13.14 -2.58 26.30
C ARG A 178 -11.90 -1.69 26.23
N GLN A 179 -11.99 -0.49 25.68
CA GLN A 179 -10.86 0.47 25.74
C GLN A 179 -11.13 1.41 26.89
N PRO A 180 -10.10 1.73 27.70
CA PRO A 180 -10.22 2.77 28.72
C PRO A 180 -10.72 4.10 28.15
N GLN A 181 -11.48 4.85 28.95
CA GLN A 181 -12.01 6.18 28.55
C GLN A 181 -10.86 7.09 28.09
N ALA A 182 -9.73 7.06 28.78
CA ALA A 182 -8.58 7.95 28.48
C ALA A 182 -8.07 7.64 27.06
N TRP A 183 -8.04 6.36 26.69
CA TRP A 183 -7.57 5.93 25.35
C TRP A 183 -8.55 6.47 24.29
N LYS A 184 -9.85 6.35 24.53
CA LYS A 184 -10.89 6.79 23.57
C LYS A 184 -10.85 8.30 23.42
N ASP A 185 -10.67 9.04 24.52
CA ASP A 185 -10.63 10.54 24.51
C ASP A 185 -9.44 11.00 23.67
N LYS A 186 -8.34 10.28 23.72
CA LYS A 186 -7.13 10.62 22.92
C LYS A 186 -7.33 10.21 21.44
N TYR A 187 -7.75 8.97 21.17
CA TYR A 187 -7.57 8.33 19.83
C TYR A 187 -8.84 8.41 18.98
N ILE A 188 -10.01 8.59 19.58
CA ILE A 188 -11.32 8.54 18.86
C ILE A 188 -11.95 9.94 18.86
N ARG A 189 -12.17 10.49 17.67
CA ARG A 189 -12.87 11.77 17.46
C ARG A 189 -14.39 11.52 17.50
N ALA A 190 -14.88 10.55 16.74
CA ALA A 190 -16.33 10.25 16.67
C ALA A 190 -16.56 8.87 16.09
N PHE A 191 -17.76 8.40 16.34
CA PHE A 191 -18.30 7.11 15.84
C PHE A 191 -19.55 7.47 15.03
N VAL A 192 -19.46 7.29 13.72
CA VAL A 192 -20.63 7.43 12.79
C VAL A 192 -21.19 6.03 12.58
N SER A 193 -22.39 5.82 13.10
CA SER A 193 -23.08 4.52 13.20
C SER A 193 -24.16 4.44 12.13
N LEU A 194 -23.98 3.61 11.11
CA LEU A 194 -24.93 3.49 9.97
C LEU A 194 -25.68 2.16 10.06
N GLY A 195 -27.00 2.22 10.28
CA GLY A 195 -27.87 1.04 10.25
C GLY A 195 -27.44 0.00 11.27
N ALA A 196 -27.25 0.42 12.52
CA ALA A 196 -26.75 -0.42 13.63
C ALA A 196 -27.86 -1.31 14.18
N PRO A 197 -27.71 -2.66 14.13
CA PRO A 197 -28.67 -3.58 14.76
C PRO A 197 -28.41 -3.78 16.26
N TRP A 198 -28.44 -2.68 17.01
CA TRP A 198 -28.39 -2.76 18.49
C TRP A 198 -29.55 -3.68 18.92
N GLY A 199 -29.32 -4.57 19.86
CA GLY A 199 -30.40 -5.47 20.32
C GLY A 199 -30.77 -6.55 19.30
N GLY A 200 -30.01 -6.73 18.21
CA GLY A 200 -30.26 -7.83 17.25
C GLY A 200 -31.38 -7.47 16.27
N VAL A 201 -31.71 -8.37 15.35
CA VAL A 201 -32.77 -8.16 14.32
C VAL A 201 -33.64 -9.42 14.23
N ALA A 202 -34.95 -9.21 14.01
CA ALA A 202 -35.97 -10.27 13.98
C ALA A 202 -35.59 -11.31 12.91
N LYS A 203 -35.03 -10.84 11.81
CA LYS A 203 -34.76 -11.63 10.58
C LYS A 203 -33.87 -12.85 10.89
N THR A 204 -33.05 -12.79 11.93
CA THR A 204 -32.17 -13.92 12.35
C THR A 204 -33.00 -15.18 12.65
N LEU A 205 -34.20 -15.02 13.24
CA LEU A 205 -35.04 -16.20 13.60
C LEU A 205 -35.35 -17.00 12.33
N ARG A 206 -35.73 -16.33 11.25
CA ARG A 206 -36.14 -17.02 10.00
C ARG A 206 -34.93 -17.68 9.35
N VAL A 207 -33.81 -16.95 9.27
CA VAL A 207 -32.53 -17.47 8.71
C VAL A 207 -32.23 -18.82 9.38
N LEU A 208 -32.26 -18.85 10.71
CA LEU A 208 -31.86 -20.05 11.51
C LEU A 208 -32.90 -21.16 11.36
N ALA A 209 -34.20 -20.83 11.35
CA ALA A 209 -35.28 -21.85 11.30
C ALA A 209 -35.31 -22.50 9.91
N SER A 210 -35.53 -21.71 8.88
CA SER A 210 -35.94 -22.17 7.53
C SER A 210 -34.99 -21.69 6.41
N GLY A 211 -33.96 -20.89 6.73
CA GLY A 211 -33.00 -20.39 5.74
C GLY A 211 -33.53 -19.17 5.01
N ASP A 212 -32.64 -18.40 4.39
CA ASP A 212 -32.99 -17.17 3.64
C ASP A 212 -32.18 -17.16 2.34
N ASN A 213 -32.89 -17.40 1.23
CA ASN A 213 -32.34 -17.39 -0.15
C ASN A 213 -32.80 -16.12 -0.85
N ASN A 214 -33.28 -15.10 -0.14
CA ASN A 214 -33.93 -13.89 -0.74
C ASN A 214 -33.04 -13.31 -1.85
N ARG A 215 -31.74 -13.27 -1.61
CA ARG A 215 -30.75 -12.64 -2.53
C ARG A 215 -30.11 -13.70 -3.43
N ILE A 216 -30.73 -14.89 -3.56
CA ILE A 216 -30.15 -16.04 -4.33
C ILE A 216 -31.27 -17.03 -4.66
N PRO A 217 -32.38 -16.56 -5.27
CA PRO A 217 -33.63 -17.32 -5.34
C PRO A 217 -33.52 -18.64 -6.12
N VAL A 218 -32.46 -18.82 -6.90
CA VAL A 218 -32.24 -20.06 -7.70
C VAL A 218 -31.89 -21.21 -6.75
N ILE A 219 -31.30 -20.91 -5.58
CA ILE A 219 -30.87 -21.92 -4.56
C ILE A 219 -31.95 -22.10 -3.49
N GLY A 220 -32.11 -23.35 -3.07
CA GLY A 220 -33.04 -23.79 -2.01
C GLY A 220 -32.73 -23.15 -0.65
N PRO A 221 -33.74 -22.62 0.07
CA PRO A 221 -33.51 -21.99 1.37
C PRO A 221 -32.92 -23.00 2.38
N LEU A 222 -33.31 -24.28 2.30
CA LEU A 222 -32.85 -25.35 3.22
C LEU A 222 -31.38 -25.67 2.98
N LYS A 223 -30.90 -25.46 1.74
CA LYS A 223 -29.49 -25.70 1.36
C LYS A 223 -28.62 -24.59 1.96
N ILE A 224 -28.97 -23.33 1.71
CA ILE A 224 -28.19 -22.16 2.21
C ILE A 224 -28.29 -22.08 3.74
N ARG A 225 -29.34 -22.64 4.33
CA ARG A 225 -29.54 -22.66 5.81
C ARG A 225 -28.33 -23.31 6.48
N GLU A 226 -27.76 -24.35 5.87
CA GLU A 226 -26.57 -25.09 6.42
C GLU A 226 -25.46 -24.09 6.70
N GLN A 227 -25.15 -23.21 5.74
CA GLN A 227 -24.07 -22.21 5.85
C GLN A 227 -24.47 -21.13 6.86
N GLN A 228 -25.69 -20.65 6.76
CA GLN A 228 -26.15 -19.47 7.53
C GLN A 228 -26.15 -19.82 9.04
N ARG A 229 -26.49 -21.06 9.38
CA ARG A 229 -26.53 -21.54 10.79
C ARG A 229 -25.11 -21.67 11.34
N SER A 230 -24.15 -22.09 10.50
CA SER A 230 -22.73 -22.34 10.88
C SER A 230 -22.02 -21.05 11.27
N ALA A 231 -22.52 -19.90 10.80
CA ALA A 231 -21.96 -18.56 11.12
C ALA A 231 -22.39 -18.14 12.54
N VAL A 232 -21.45 -18.08 13.48
CA VAL A 232 -21.74 -17.64 14.88
C VAL A 232 -22.42 -16.26 14.86
N SER A 233 -22.00 -15.36 13.99
CA SER A 233 -22.56 -13.99 13.90
C SER A 233 -24.09 -14.06 13.78
N THR A 234 -24.66 -15.09 13.15
CA THR A 234 -26.13 -15.16 12.96
C THR A 234 -26.80 -15.32 14.33
N SER A 235 -26.34 -16.25 15.16
CA SER A 235 -26.91 -16.50 16.51
C SER A 235 -26.64 -15.30 17.42
N TRP A 236 -25.50 -14.64 17.23
CA TRP A 236 -25.10 -13.43 17.98
C TRP A 236 -26.12 -12.31 17.78
N LEU A 237 -26.71 -12.21 16.58
CA LEU A 237 -27.66 -11.09 16.25
C LEU A 237 -29.13 -11.45 16.51
N LEU A 238 -29.42 -12.56 17.21
CA LEU A 238 -30.81 -12.82 17.67
C LEU A 238 -31.20 -11.69 18.61
N PRO A 239 -32.49 -11.28 18.58
CA PRO A 239 -33.00 -10.24 19.46
C PRO A 239 -32.57 -10.38 20.92
N TYR A 240 -32.21 -9.25 21.53
CA TYR A 240 -31.83 -9.11 22.95
C TYR A 240 -32.94 -8.37 23.71
N ASN A 241 -33.02 -8.62 25.01
CA ASN A 241 -34.09 -8.11 25.91
C ASN A 241 -33.82 -6.65 26.29
N TYR A 242 -32.70 -6.04 25.96
CA TYR A 242 -32.50 -4.60 26.25
C TYR A 242 -33.15 -3.76 25.15
N THR A 243 -33.61 -4.37 24.05
CA THR A 243 -34.32 -3.68 22.93
C THR A 243 -35.78 -4.15 22.87
N TRP A 244 -35.99 -5.46 22.93
CA TRP A 244 -37.29 -6.12 22.68
C TRP A 244 -37.89 -6.58 24.01
N SER A 245 -39.21 -6.49 24.13
CA SER A 245 -39.97 -7.12 25.23
C SER A 245 -39.62 -8.60 25.27
N PRO A 246 -39.31 -9.16 26.46
CA PRO A 246 -39.19 -10.61 26.62
C PRO A 246 -40.43 -11.44 26.23
N GLU A 247 -41.60 -10.79 26.14
CA GLU A 247 -42.91 -11.43 25.84
C GLU A 247 -43.24 -11.34 24.34
N LYS A 248 -42.45 -10.60 23.55
CA LYS A 248 -42.66 -10.43 22.09
C LYS A 248 -42.41 -11.78 21.37
N VAL A 249 -43.41 -12.25 20.63
CA VAL A 249 -43.34 -13.52 19.86
C VAL A 249 -42.70 -13.26 18.50
N PHE A 250 -41.55 -13.87 18.22
CA PHE A 250 -40.80 -13.70 16.94
C PHE A 250 -41.22 -14.80 15.97
N VAL A 251 -41.49 -15.98 16.50
CA VAL A 251 -41.86 -17.19 15.72
C VAL A 251 -43.09 -17.81 16.37
N GLN A 252 -44.16 -17.91 15.57
CA GLN A 252 -45.40 -18.65 15.89
C GLN A 252 -45.51 -19.85 14.96
N THR A 253 -45.83 -21.02 15.52
CA THR A 253 -46.15 -22.27 14.77
C THR A 253 -47.51 -22.73 15.25
N PRO A 254 -48.10 -23.78 14.65
CA PRO A 254 -49.40 -24.32 15.10
C PRO A 254 -49.36 -24.75 16.58
N THR A 255 -48.20 -25.19 17.09
CA THR A 255 -48.11 -25.85 18.41
C THR A 255 -47.29 -25.02 19.40
N ILE A 256 -46.51 -24.03 19.00
CA ILE A 256 -45.55 -23.39 19.95
C ILE A 256 -45.20 -21.97 19.48
N ASN A 257 -44.97 -21.09 20.44
CA ASN A 257 -44.39 -19.74 20.27
C ASN A 257 -42.94 -19.72 20.74
N TYR A 258 -42.15 -18.84 20.16
CA TYR A 258 -40.75 -18.54 20.57
C TYR A 258 -40.58 -17.03 20.72
N THR A 259 -40.35 -16.61 21.95
CA THR A 259 -39.89 -15.25 22.34
C THR A 259 -38.37 -15.31 22.47
N LEU A 260 -37.74 -14.18 22.85
CA LEU A 260 -36.28 -14.16 23.08
C LEU A 260 -35.92 -14.93 24.36
N ARG A 261 -36.89 -15.39 25.16
CA ARG A 261 -36.63 -16.20 26.37
C ARG A 261 -36.70 -17.69 26.02
N ASP A 262 -36.90 -18.02 24.75
CA ASP A 262 -37.17 -19.42 24.32
C ASP A 262 -36.11 -19.93 23.35
N TYR A 263 -34.92 -19.34 23.31
CA TYR A 263 -33.90 -19.67 22.28
C TYR A 263 -33.43 -21.13 22.46
N ARG A 264 -33.25 -21.61 23.69
CA ARG A 264 -32.81 -23.00 23.92
C ARG A 264 -33.84 -23.99 23.32
N LYS A 265 -35.14 -23.79 23.57
CA LYS A 265 -36.22 -24.61 22.94
C LYS A 265 -36.17 -24.46 21.43
N PHE A 266 -36.03 -23.23 20.95
CA PHE A 266 -35.98 -22.91 19.50
C PHE A 266 -34.89 -23.75 18.84
N PHE A 267 -33.69 -23.75 19.40
CA PHE A 267 -32.51 -24.44 18.82
C PHE A 267 -32.74 -25.96 18.87
N GLN A 268 -33.32 -26.48 19.95
CA GLN A 268 -33.72 -27.92 20.03
C GLN A 268 -34.71 -28.24 18.91
N ASP A 269 -35.75 -27.43 18.76
CA ASP A 269 -36.92 -27.76 17.90
C ASP A 269 -36.55 -27.62 16.42
N ILE A 270 -35.53 -26.86 16.04
CA ILE A 270 -35.11 -26.72 14.61
C ILE A 270 -34.00 -27.73 14.30
N GLY A 271 -33.54 -28.49 15.30
CA GLY A 271 -32.48 -29.52 15.13
C GLY A 271 -31.09 -28.90 15.00
N PHE A 272 -30.81 -27.80 15.71
CA PHE A 272 -29.51 -27.09 15.65
C PHE A 272 -29.10 -26.65 17.06
N GLU A 273 -28.69 -27.62 17.87
CA GLU A 273 -28.31 -27.41 19.29
C GLU A 273 -27.02 -26.58 19.36
N ASP A 274 -26.16 -26.68 18.35
CA ASP A 274 -24.90 -25.89 18.29
C ASP A 274 -25.21 -24.38 18.39
N GLY A 275 -26.33 -23.93 17.84
CA GLY A 275 -26.76 -22.51 17.85
C GLY A 275 -26.96 -21.98 19.27
N TRP A 276 -27.54 -22.81 20.14
CA TRP A 276 -27.75 -22.48 21.57
C TRP A 276 -26.39 -22.26 22.24
N LEU A 277 -25.43 -23.16 21.99
CA LEU A 277 -24.04 -23.05 22.50
C LEU A 277 -23.42 -21.75 21.96
N MET A 278 -23.62 -21.44 20.68
CA MET A 278 -23.15 -20.18 20.05
C MET A 278 -23.80 -18.98 20.75
N ARG A 279 -25.08 -19.05 21.06
CA ARG A 279 -25.79 -17.91 21.69
C ARG A 279 -25.23 -17.72 23.10
N GLN A 280 -25.01 -18.80 23.85
CA GLN A 280 -24.38 -18.75 25.19
C GLN A 280 -22.98 -18.11 25.08
N ASP A 281 -22.18 -18.55 24.09
CA ASP A 281 -20.82 -18.02 23.88
C ASP A 281 -20.87 -16.49 23.66
N THR A 282 -21.91 -15.93 23.02
CA THR A 282 -21.82 -14.58 22.42
C THR A 282 -22.77 -13.57 23.08
N GLU A 283 -23.79 -14.01 23.83
CA GLU A 283 -24.90 -13.12 24.31
C GLU A 283 -24.36 -12.04 25.28
N GLY A 284 -23.28 -12.33 26.02
CA GLY A 284 -22.73 -11.43 27.04
C GLY A 284 -21.63 -10.54 26.49
N LEU A 285 -21.23 -10.68 25.21
CA LEU A 285 -20.02 -10.00 24.68
C LEU A 285 -20.21 -8.48 24.75
N VAL A 286 -21.34 -7.98 24.24
CA VAL A 286 -21.65 -6.52 24.23
C VAL A 286 -22.50 -6.21 25.47
N GLU A 287 -21.95 -5.41 26.39
CA GLU A 287 -22.63 -5.03 27.65
C GLU A 287 -23.92 -4.28 27.28
N ALA A 288 -25.04 -4.79 27.78
CA ALA A 288 -26.43 -4.38 27.48
C ALA A 288 -26.58 -2.84 27.48
N THR A 289 -26.15 -2.19 28.56
CA THR A 289 -26.48 -0.77 28.88
C THR A 289 -25.31 0.17 28.50
N MET A 290 -24.07 -0.30 28.61
CA MET A 290 -22.85 0.54 28.62
C MET A 290 -22.65 1.22 27.25
N PRO A 291 -22.62 2.57 27.20
CA PRO A 291 -22.48 3.31 25.95
C PRO A 291 -21.05 3.28 25.44
N PRO A 292 -20.79 3.66 24.16
CA PRO A 292 -19.43 3.61 23.60
C PRO A 292 -18.44 4.58 24.26
N GLY A 293 -18.94 5.69 24.82
CA GLY A 293 -18.12 6.70 25.51
C GLY A 293 -17.39 7.60 24.52
N VAL A 294 -17.98 7.84 23.35
CA VAL A 294 -17.42 8.72 22.29
C VAL A 294 -18.57 9.45 21.61
N GLN A 295 -18.27 10.57 20.97
CA GLN A 295 -19.25 11.31 20.16
C GLN A 295 -19.82 10.32 19.16
N LEU A 296 -21.14 10.19 19.15
CA LEU A 296 -21.86 9.13 18.41
C LEU A 296 -22.93 9.77 17.53
N HIS A 297 -22.93 9.43 16.24
CA HIS A 297 -23.94 9.82 15.24
C HIS A 297 -24.66 8.55 14.83
N CYS A 298 -25.91 8.40 15.31
CA CYS A 298 -26.77 7.23 15.05
CA CYS A 298 -26.78 7.23 15.08
C CYS A 298 -27.67 7.49 13.85
N LEU A 299 -27.29 6.95 12.70
CA LEU A 299 -28.07 7.10 11.46
C LEU A 299 -28.83 5.79 11.23
N TYR A 300 -30.16 5.88 11.12
CA TYR A 300 -31.08 4.70 10.99
C TYR A 300 -32.17 5.02 9.96
N GLY A 301 -32.43 4.06 9.07
CA GLY A 301 -33.50 4.12 8.07
C GLY A 301 -34.84 3.80 8.69
N THR A 302 -35.89 4.49 8.21
CA THR A 302 -37.32 4.26 8.54
C THR A 302 -38.13 4.20 7.24
N GLY A 303 -39.39 3.76 7.33
CA GLY A 303 -40.35 3.73 6.22
C GLY A 303 -40.06 2.62 5.24
N VAL A 304 -39.23 1.63 5.59
CA VAL A 304 -39.03 0.41 4.75
C VAL A 304 -39.60 -0.77 5.52
N PRO A 305 -40.58 -1.53 4.95
CA PRO A 305 -41.09 -2.71 5.63
C PRO A 305 -39.93 -3.61 6.07
N THR A 306 -39.89 -3.95 7.36
CA THR A 306 -38.78 -4.69 8.02
C THR A 306 -39.34 -5.94 8.71
N PRO A 307 -38.90 -7.17 8.38
CA PRO A 307 -39.43 -8.36 9.05
C PRO A 307 -39.34 -8.17 10.56
N ASP A 308 -40.42 -8.47 11.25
CA ASP A 308 -40.63 -8.25 12.71
C ASP A 308 -40.96 -9.60 13.38
N SER A 309 -41.78 -10.44 12.75
CA SER A 309 -42.18 -11.76 13.29
C SER A 309 -42.55 -12.71 12.14
N PHE A 310 -42.60 -14.00 12.43
CA PHE A 310 -42.76 -15.08 11.42
C PHE A 310 -43.82 -16.08 11.87
N TYR A 311 -44.78 -16.37 10.97
CA TYR A 311 -45.84 -17.37 11.19
CA TYR A 311 -45.85 -17.36 11.18
C TYR A 311 -45.59 -18.55 10.25
N TYR A 312 -45.35 -19.73 10.84
CA TYR A 312 -45.03 -20.98 10.14
C TYR A 312 -46.23 -21.92 10.20
N GLU A 313 -46.84 -22.26 9.05
CA GLU A 313 -47.90 -23.28 8.96
C GLU A 313 -47.26 -24.65 9.12
N SER A 314 -46.00 -24.77 8.68
CA SER A 314 -45.17 -25.99 8.79
C SER A 314 -43.73 -25.57 9.14
N PHE A 315 -43.17 -26.13 10.22
CA PHE A 315 -41.94 -25.63 10.90
C PHE A 315 -41.02 -26.81 11.22
N PRO A 316 -39.68 -26.69 10.99
CA PRO A 316 -39.07 -25.49 10.40
C PRO A 316 -38.67 -25.48 8.92
N ASP A 317 -39.11 -26.46 8.13
CA ASP A 317 -38.58 -26.73 6.77
C ASP A 317 -39.49 -26.13 5.69
N ARG A 318 -40.24 -25.06 5.98
CA ARG A 318 -41.04 -24.31 4.99
C ARG A 318 -40.95 -22.81 5.31
N ASP A 319 -40.90 -21.96 4.28
CA ASP A 319 -40.92 -20.48 4.40
C ASP A 319 -42.11 -20.07 5.24
N PRO A 320 -41.94 -19.10 6.16
CA PRO A 320 -43.06 -18.54 6.91
C PRO A 320 -43.76 -17.41 6.17
N LYS A 321 -44.96 -17.05 6.64
CA LYS A 321 -45.58 -15.74 6.36
C LYS A 321 -44.84 -14.71 7.21
N ILE A 322 -44.66 -13.51 6.70
CA ILE A 322 -43.85 -12.47 7.39
C ILE A 322 -44.75 -11.32 7.80
N CYS A 323 -44.56 -10.88 9.04
CA CYS A 323 -45.23 -9.69 9.63
CA CYS A 323 -45.22 -9.69 9.63
C CYS A 323 -44.16 -8.59 9.71
N PHE A 324 -44.46 -7.40 9.22
CA PHE A 324 -43.45 -6.32 9.04
C PHE A 324 -43.74 -5.19 10.02
N GLY A 325 -42.66 -4.56 10.49
CA GLY A 325 -42.68 -3.30 11.26
C GLY A 325 -41.85 -2.26 10.55
N ASP A 326 -41.52 -1.18 11.23
CA ASP A 326 -40.75 -0.05 10.67
C ASP A 326 -39.25 -0.40 10.78
N GLY A 327 -38.43 0.28 9.97
CA GLY A 327 -36.96 0.11 9.91
C GLY A 327 -36.42 0.44 8.53
N ASP A 328 -35.31 -0.19 8.15
CA ASP A 328 -34.61 0.07 6.87
C ASP A 328 -34.72 -1.18 5.98
N GLY A 329 -35.61 -2.11 6.32
CA GLY A 329 -35.78 -3.35 5.56
C GLY A 329 -35.04 -4.53 6.17
N THR A 330 -34.05 -4.25 7.03
CA THR A 330 -33.18 -5.26 7.68
C THR A 330 -33.16 -5.01 9.19
N VAL A 331 -32.70 -3.83 9.59
CA VAL A 331 -32.63 -3.38 11.00
C VAL A 331 -34.00 -2.84 11.41
N ASN A 332 -34.57 -3.46 12.44
CA ASN A 332 -35.84 -3.05 13.09
C ASN A 332 -35.63 -1.67 13.70
N LEU A 333 -36.64 -0.79 13.63
CA LEU A 333 -36.58 0.59 14.18
C LEU A 333 -36.23 0.58 15.66
N LYS A 334 -36.77 -0.37 16.43
CA LYS A 334 -36.51 -0.55 17.88
C LYS A 334 -35.01 -0.51 18.20
N SER A 335 -34.15 -0.98 17.29
CA SER A 335 -32.67 -0.93 17.46
C SER A 335 -32.22 0.51 17.76
N ALA A 336 -32.78 1.53 17.12
CA ALA A 336 -32.49 2.97 17.37
C ALA A 336 -32.81 3.39 18.81
N LEU A 337 -33.78 2.77 19.48
CA LEU A 337 -34.07 3.14 20.90
C LEU A 337 -32.76 3.11 21.70
N GLN A 338 -31.84 2.19 21.35
CA GLN A 338 -30.61 1.95 22.14
C GLN A 338 -29.76 3.23 22.15
N CYS A 339 -29.63 3.90 21.01
N CYS A 339 -29.63 3.90 21.01
CA CYS A 339 -28.92 5.21 20.89
CA CYS A 339 -28.92 5.20 20.87
C CYS A 339 -29.50 6.21 21.87
C CYS A 339 -29.50 6.21 21.86
N GLN A 340 -30.83 6.29 21.91
CA GLN A 340 -31.57 7.26 22.77
C GLN A 340 -31.23 6.95 24.23
N ALA A 341 -31.19 5.67 24.60
CA ALA A 341 -30.86 5.23 25.97
C ALA A 341 -29.47 5.75 26.37
N TRP A 342 -28.55 5.85 25.40
CA TRP A 342 -27.14 6.22 25.65
C TRP A 342 -27.00 7.73 25.90
N GLN A 343 -27.93 8.56 25.43
CA GLN A 343 -27.88 10.03 25.64
C GLN A 343 -27.62 10.35 27.12
N SER A 344 -28.26 9.65 28.05
CA SER A 344 -28.25 9.97 29.49
C SER A 344 -27.16 9.18 30.22
N ARG A 345 -26.39 8.33 29.54
CA ARG A 345 -25.38 7.45 30.18
C ARG A 345 -23.95 7.84 29.80
N GLN A 346 -23.75 8.75 28.85
CA GLN A 346 -22.38 9.22 28.49
C GLN A 346 -22.40 10.74 28.36
N GLU A 347 -21.28 11.37 28.72
CA GLU A 347 -21.07 12.84 28.60
C GLU A 347 -20.93 13.23 27.13
N HIS A 348 -20.21 12.47 26.30
CA HIS A 348 -20.10 12.74 24.84
CA HIS A 348 -20.10 12.74 24.84
C HIS A 348 -21.49 12.78 24.21
N GLN A 349 -21.70 13.67 23.24
CA GLN A 349 -22.99 13.85 22.54
C GLN A 349 -23.41 12.55 21.84
N VAL A 350 -24.68 12.23 21.92
CA VAL A 350 -25.36 11.23 21.05
C VAL A 350 -26.36 12.00 20.18
N LEU A 351 -26.08 12.10 18.88
CA LEU A 351 -26.97 12.71 17.86
C LEU A 351 -27.70 11.59 17.11
N LEU A 352 -29.02 11.68 17.06
CA LEU A 352 -29.89 10.74 16.32
C LEU A 352 -30.23 11.40 14.99
N GLN A 353 -30.19 10.63 13.90
CA GLN A 353 -30.51 11.14 12.55
C GLN A 353 -31.34 10.09 11.83
N GLU A 354 -32.64 10.35 11.72
CA GLU A 354 -33.55 9.50 10.92
C GLU A 354 -33.23 9.72 9.44
N LEU A 355 -33.23 8.62 8.67
CA LEU A 355 -33.11 8.61 7.19
C LEU A 355 -34.39 8.00 6.63
N PRO A 356 -35.51 8.77 6.53
CA PRO A 356 -36.79 8.20 6.10
C PRO A 356 -36.69 7.74 4.64
N GLY A 357 -37.15 6.53 4.36
CA GLY A 357 -37.12 5.93 3.03
C GLY A 357 -35.75 5.43 2.64
N SER A 358 -34.80 5.32 3.59
CA SER A 358 -33.41 4.86 3.29
C SER A 358 -33.28 3.36 3.62
N GLU A 359 -33.11 2.52 2.59
CA GLU A 359 -32.93 1.06 2.72
C GLU A 359 -31.52 0.77 3.24
N HIS A 360 -31.39 -0.35 3.94
CA HIS A 360 -30.22 -0.74 4.78
C HIS A 360 -28.91 -0.55 4.03
N ILE A 361 -28.79 -1.12 2.83
CA ILE A 361 -27.55 -1.13 2.03
C ILE A 361 -27.44 0.18 1.23
N GLU A 362 -28.54 0.63 0.60
CA GLU A 362 -28.53 1.83 -0.26
C GLU A 362 -28.07 3.05 0.55
N MET A 363 -28.26 3.07 1.88
CA MET A 363 -27.88 4.24 2.72
C MET A 363 -26.37 4.51 2.58
N LEU A 364 -25.55 3.51 2.22
CA LEU A 364 -24.07 3.67 2.06
C LEU A 364 -23.70 4.44 0.78
N ALA A 365 -24.61 4.54 -0.19
CA ALA A 365 -24.38 5.20 -1.51
C ALA A 365 -25.34 6.38 -1.64
N ASN A 366 -25.98 6.79 -0.55
CA ASN A 366 -27.08 7.78 -0.56
C ASN A 366 -26.52 9.16 -0.27
N ALA A 367 -26.88 10.14 -1.11
CA ALA A 367 -26.38 11.54 -1.11
C ALA A 367 -26.57 12.18 0.26
N THR A 368 -27.70 11.91 0.94
CA THR A 368 -28.03 12.50 2.27
CA THR A 368 -28.03 12.50 2.27
C THR A 368 -27.09 11.92 3.33
N THR A 369 -26.81 10.61 3.28
CA THR A 369 -25.87 9.96 4.24
C THR A 369 -24.47 10.57 4.04
N LEU A 370 -24.05 10.66 2.79
CA LEU A 370 -22.69 11.13 2.45
C LEU A 370 -22.59 12.61 2.83
N ALA A 371 -23.65 13.40 2.65
CA ALA A 371 -23.67 14.83 3.03
C ALA A 371 -23.50 14.94 4.54
N TYR A 372 -24.13 14.03 5.30
CA TYR A 372 -24.01 14.00 6.78
C TYR A 372 -22.57 13.71 7.19
N LEU A 373 -21.98 12.66 6.60
CA LEU A 373 -20.58 12.24 6.90
C LEU A 373 -19.64 13.39 6.57
N LYS A 374 -19.90 14.09 5.47
CA LYS A 374 -19.07 15.22 5.00
C LYS A 374 -19.06 16.35 6.05
N ARG A 375 -20.22 16.65 6.64
N ARG A 375 -20.22 16.66 6.65
CA ARG A 375 -20.33 17.65 7.72
CA ARG A 375 -20.35 17.66 7.73
C ARG A 375 -19.51 17.19 8.93
C ARG A 375 -19.51 17.19 8.93
N VAL A 376 -19.58 15.90 9.28
CA VAL A 376 -18.87 15.35 10.47
C VAL A 376 -17.35 15.51 10.25
N LEU A 377 -16.86 15.19 9.06
CA LEU A 377 -15.40 15.09 8.78
C LEU A 377 -14.81 16.48 8.52
N LEU A 378 -15.45 17.28 7.65
CA LEU A 378 -14.87 18.56 7.15
C LEU A 378 -15.40 19.75 7.96
N GLY A 379 -16.38 19.55 8.83
CA GLY A 379 -16.88 20.61 9.72
C GLY A 379 -17.85 21.57 9.02
N PRO A 380 -18.22 22.68 9.69
CA PRO A 380 -19.22 23.63 9.15
C PRO A 380 -18.67 24.44 7.96
N HIS B 5 -11.41 -5.24 -18.35
CA HIS B 5 -11.69 -3.96 -17.63
C HIS B 5 -10.59 -2.94 -17.93
N PRO B 6 -10.57 -2.40 -19.18
CA PRO B 6 -9.46 -1.56 -19.61
C PRO B 6 -9.53 -0.16 -19.03
N PRO B 7 -8.37 0.52 -18.84
CA PRO B 7 -8.40 1.88 -18.32
C PRO B 7 -9.08 2.79 -19.35
N VAL B 8 -9.68 3.87 -18.84
CA VAL B 8 -10.53 4.78 -19.65
C VAL B 8 -10.06 6.20 -19.40
N VAL B 9 -9.88 6.94 -20.49
CA VAL B 9 -9.62 8.40 -20.50
C VAL B 9 -10.81 9.06 -21.20
N LEU B 10 -11.39 10.05 -20.53
CA LEU B 10 -12.55 10.83 -20.98
C LEU B 10 -12.04 12.18 -21.51
N VAL B 11 -12.41 12.51 -22.74
CA VAL B 11 -12.05 13.80 -23.38
C VAL B 11 -13.33 14.59 -23.61
N PRO B 12 -13.50 15.72 -22.92
CA PRO B 12 -14.72 16.50 -23.07
C PRO B 12 -14.74 17.38 -24.33
N GLY B 13 -15.90 17.94 -24.60
CA GLY B 13 -16.10 18.90 -25.70
C GLY B 13 -15.90 20.32 -25.23
N ASP B 14 -16.24 21.23 -26.13
CA ASP B 14 -16.24 22.68 -25.89
C ASP B 14 -17.13 22.96 -24.69
N LEU B 15 -16.70 23.84 -23.77
CA LEU B 15 -17.46 24.22 -22.55
C LEU B 15 -17.52 23.01 -21.60
N GLY B 16 -16.72 21.98 -21.84
CA GLY B 16 -16.96 20.62 -21.31
C GLY B 16 -16.15 20.32 -20.07
N ASN B 17 -15.47 21.31 -19.50
CA ASN B 17 -14.81 21.13 -18.18
C ASN B 17 -14.69 22.47 -17.48
N GLN B 18 -14.53 22.43 -16.16
CA GLN B 18 -14.42 23.66 -15.35
C GLN B 18 -13.17 24.41 -15.81
N LEU B 19 -13.18 25.72 -15.66
CA LEU B 19 -11.98 26.58 -15.73
C LEU B 19 -11.98 27.46 -14.49
N GLU B 20 -10.79 27.79 -14.00
CA GLU B 20 -10.56 28.65 -12.83
C GLU B 20 -9.73 29.85 -13.28
N ALA B 21 -9.97 31.00 -12.67
CA ALA B 21 -9.24 32.25 -12.94
C ALA B 21 -8.72 32.84 -11.63
N LYS B 22 -7.59 33.53 -11.72
CA LYS B 22 -7.02 34.37 -10.65
C LYS B 22 -6.71 35.74 -11.28
N LEU B 23 -6.98 36.82 -10.55
CA LEU B 23 -6.96 38.20 -11.09
C LEU B 23 -5.95 39.06 -10.32
N ASP B 24 -5.21 39.87 -11.07
CA ASP B 24 -4.47 41.07 -10.63
C ASP B 24 -4.55 42.10 -11.78
N LYS B 25 -5.75 42.57 -12.10
CA LYS B 25 -6.03 43.40 -13.30
C LYS B 25 -5.70 44.86 -13.06
N PRO B 26 -5.07 45.55 -14.03
CA PRO B 26 -4.83 47.00 -13.94
C PRO B 26 -6.13 47.80 -14.00
N THR B 27 -7.12 47.34 -14.76
CA THR B 27 -8.44 48.00 -14.93
C THR B 27 -9.56 46.98 -15.05
N VAL B 28 -10.79 47.44 -14.85
CA VAL B 28 -12.05 46.66 -14.96
C VAL B 28 -13.05 47.52 -15.73
N VAL B 29 -14.08 46.88 -16.27
CA VAL B 29 -15.10 47.52 -17.16
C VAL B 29 -16.23 48.11 -16.30
N HIS B 30 -16.47 47.56 -15.10
CA HIS B 30 -17.42 48.11 -14.10
C HIS B 30 -16.76 48.06 -12.71
N TYR B 31 -17.09 49.00 -11.82
CA TYR B 31 -16.48 49.08 -10.48
C TYR B 31 -16.87 47.83 -9.67
N LEU B 32 -18.03 47.22 -9.96
CA LEU B 32 -18.46 45.98 -9.24
C LEU B 32 -17.72 44.73 -9.75
N CYS B 33 -16.87 44.83 -10.80
CA CYS B 33 -15.95 43.73 -11.21
C CYS B 33 -14.74 43.69 -10.27
N SER B 34 -14.37 42.52 -9.73
CA SER B 34 -13.15 42.32 -8.91
C SER B 34 -11.88 42.60 -9.73
N LYS B 35 -10.98 43.42 -9.19
CA LYS B 35 -9.65 43.73 -9.81
C LYS B 35 -8.66 42.60 -9.48
N LYS B 36 -8.77 42.03 -8.29
CA LYS B 36 -7.73 41.18 -7.68
C LYS B 36 -8.41 40.08 -6.86
N THR B 37 -7.90 38.87 -6.93
CA THR B 37 -8.31 37.72 -6.08
C THR B 37 -7.05 37.10 -5.47
N GLU B 38 -7.12 36.62 -4.23
CA GLU B 38 -5.93 36.07 -3.52
C GLU B 38 -5.71 34.63 -3.98
N SER B 39 -6.77 33.97 -4.47
CA SER B 39 -6.72 32.59 -5.01
C SER B 39 -7.55 32.48 -6.30
N TYR B 40 -7.58 31.27 -6.87
CA TYR B 40 -8.38 30.90 -8.06
C TYR B 40 -9.84 30.72 -7.65
N PHE B 41 -10.76 31.20 -8.49
CA PHE B 41 -12.21 30.95 -8.37
C PHE B 41 -12.67 30.29 -9.67
N THR B 42 -13.83 29.63 -9.61
CA THR B 42 -14.46 28.99 -10.79
C THR B 42 -15.03 30.06 -11.72
N ILE B 43 -14.49 30.16 -12.93
CA ILE B 43 -14.95 31.10 -13.99
C ILE B 43 -15.85 30.36 -14.97
N TRP B 44 -15.76 29.03 -15.03
CA TRP B 44 -16.75 28.17 -15.74
C TRP B 44 -16.88 26.85 -14.99
N LEU B 45 -18.11 26.43 -14.64
CA LEU B 45 -19.36 27.13 -14.87
C LEU B 45 -19.85 27.69 -13.52
N ASN B 46 -20.16 28.98 -13.49
CA ASN B 46 -20.79 29.66 -12.33
C ASN B 46 -21.84 30.64 -12.86
N LEU B 47 -23.11 30.33 -12.65
CA LEU B 47 -24.28 31.03 -13.28
C LEU B 47 -24.36 32.47 -12.76
N GLU B 48 -23.93 32.71 -11.52
CA GLU B 48 -23.97 34.05 -10.90
C GLU B 48 -23.08 35.04 -11.66
N LEU B 49 -22.06 34.57 -12.38
CA LEU B 49 -21.16 35.44 -13.19
C LEU B 49 -21.81 35.80 -14.53
N LEU B 50 -22.92 35.14 -14.90
CA LEU B 50 -23.58 35.31 -16.23
C LEU B 50 -24.84 36.20 -16.12
N LEU B 51 -25.14 36.77 -14.95
CA LEU B 51 -26.30 37.69 -14.76
C LEU B 51 -26.01 39.00 -15.49
N PRO B 52 -27.04 39.80 -15.85
CA PRO B 52 -26.82 41.10 -16.49
C PRO B 52 -25.81 41.98 -15.74
N VAL B 53 -24.99 42.75 -16.49
CA VAL B 53 -23.93 43.68 -15.99
C VAL B 53 -22.71 42.88 -15.50
N ILE B 54 -22.90 41.97 -14.54
CA ILE B 54 -21.83 41.08 -13.97
C ILE B 54 -21.14 40.34 -15.14
N ILE B 55 -21.88 40.01 -16.18
CA ILE B 55 -21.38 39.19 -17.33
C ILE B 55 -20.30 39.96 -18.08
N ASP B 56 -20.28 41.29 -17.99
CA ASP B 56 -19.23 42.12 -18.64
C ASP B 56 -17.90 41.83 -17.92
N CYS B 57 -17.94 41.63 -16.60
CA CYS B 57 -16.77 41.22 -15.78
C CYS B 57 -16.26 39.85 -16.29
N TRP B 58 -17.19 38.93 -16.50
CA TRP B 58 -16.92 37.52 -16.91
C TRP B 58 -16.28 37.53 -18.30
N ILE B 59 -16.93 38.18 -19.26
CA ILE B 59 -16.42 38.33 -20.65
C ILE B 59 -14.99 38.90 -20.59
N ASP B 60 -14.76 39.94 -19.80
CA ASP B 60 -13.45 40.62 -19.73
C ASP B 60 -12.38 39.68 -19.18
N ASN B 61 -12.74 38.65 -18.40
CA ASN B 61 -11.80 37.68 -17.77
C ASN B 61 -11.58 36.44 -18.64
N ILE B 62 -12.65 35.92 -19.27
CA ILE B 62 -12.63 34.61 -19.99
C ILE B 62 -12.35 34.77 -21.48
N ARG B 63 -12.54 35.98 -22.05
CA ARG B 63 -12.16 36.26 -23.46
C ARG B 63 -10.67 35.95 -23.62
N LEU B 64 -10.28 35.53 -24.83
CA LEU B 64 -8.87 35.49 -25.25
C LEU B 64 -8.59 36.74 -26.08
N VAL B 65 -7.38 37.26 -25.92
CA VAL B 65 -6.84 38.40 -26.70
C VAL B 65 -6.04 37.77 -27.83
N TYR B 66 -6.40 38.11 -29.07
CA TYR B 66 -5.67 37.61 -30.25
C TYR B 66 -4.55 38.61 -30.58
N ASN B 67 -3.33 38.11 -30.67
CA ASN B 67 -2.13 38.93 -30.97
C ASN B 67 -1.74 38.63 -32.43
N LYS B 68 -1.93 39.62 -33.31
CA LYS B 68 -1.69 39.51 -34.77
C LYS B 68 -0.20 39.30 -35.05
N THR B 69 0.68 39.85 -34.22
CA THR B 69 2.15 39.72 -34.40
C THR B 69 2.56 38.26 -34.19
N SER B 70 2.24 37.69 -33.02
CA SER B 70 2.65 36.31 -32.64
C SER B 70 1.73 35.26 -33.28
N ARG B 71 0.58 35.67 -33.86
CA ARG B 71 -0.49 34.75 -34.36
C ARG B 71 -0.87 33.75 -33.23
N ALA B 72 -1.06 34.26 -32.02
CA ALA B 72 -1.36 33.44 -30.81
C ALA B 72 -2.29 34.22 -29.88
N THR B 73 -3.01 33.49 -29.04
CA THR B 73 -3.92 34.10 -28.04
C THR B 73 -3.16 34.25 -26.73
N GLN B 74 -3.60 35.23 -25.94
CA GLN B 74 -3.08 35.46 -24.56
C GLN B 74 -4.27 35.85 -23.70
N PHE B 75 -4.13 35.68 -22.39
CA PHE B 75 -5.13 36.07 -21.40
C PHE B 75 -5.08 37.59 -21.27
N PRO B 76 -6.19 38.26 -20.89
CA PRO B 76 -6.17 39.70 -20.60
C PRO B 76 -5.12 40.04 -19.52
N ASP B 77 -4.55 41.24 -19.56
CA ASP B 77 -3.56 41.75 -18.56
C ASP B 77 -4.06 41.32 -17.16
N GLY B 78 -3.19 40.65 -16.40
CA GLY B 78 -3.40 40.33 -14.97
C GLY B 78 -4.49 39.29 -14.77
N VAL B 79 -4.72 38.42 -15.75
CA VAL B 79 -5.65 37.28 -15.65
C VAL B 79 -4.86 36.00 -15.90
N ASP B 80 -5.03 35.04 -15.00
CA ASP B 80 -4.61 33.64 -15.27
C ASP B 80 -5.84 32.74 -15.28
N VAL B 81 -5.87 31.83 -16.25
CA VAL B 81 -6.92 30.78 -16.37
C VAL B 81 -6.22 29.43 -16.36
N ARG B 82 -6.62 28.53 -15.48
CA ARG B 82 -6.06 27.17 -15.44
C ARG B 82 -7.19 26.14 -15.51
N VAL B 83 -6.81 24.91 -15.85
CA VAL B 83 -7.71 23.75 -16.00
C VAL B 83 -7.54 22.86 -14.78
N PRO B 84 -8.51 22.84 -13.83
CA PRO B 84 -8.40 21.93 -12.70
C PRO B 84 -8.79 20.50 -13.12
N GLY B 85 -8.28 19.53 -12.37
CA GLY B 85 -8.82 18.16 -12.36
C GLY B 85 -8.23 17.30 -13.45
N PHE B 86 -7.08 17.66 -14.03
CA PHE B 86 -6.42 16.78 -15.02
C PHE B 86 -6.04 15.46 -14.33
N GLY B 87 -6.42 14.31 -14.92
CA GLY B 87 -6.19 12.99 -14.32
C GLY B 87 -7.33 12.58 -13.37
N LYS B 88 -8.27 13.49 -13.10
CA LYS B 88 -9.49 13.28 -12.29
C LYS B 88 -10.71 13.41 -13.20
N THR B 89 -11.92 13.26 -12.65
CA THR B 89 -13.20 13.36 -13.40
C THR B 89 -14.09 14.49 -12.87
N PHE B 90 -13.85 15.05 -11.68
CA PHE B 90 -14.83 15.99 -11.07
C PHE B 90 -15.15 17.13 -12.05
N SER B 91 -14.12 17.63 -12.76
CA SER B 91 -14.18 18.89 -13.52
C SER B 91 -14.92 18.69 -14.84
N LEU B 92 -15.09 17.44 -15.31
CA LEU B 92 -15.98 17.21 -16.48
C LEU B 92 -17.27 16.45 -16.10
N GLU B 93 -17.40 15.93 -14.88
CA GLU B 93 -18.70 15.38 -14.41
C GLU B 93 -19.70 16.55 -14.19
N PHE B 94 -19.24 17.61 -13.53
CA PHE B 94 -20.05 18.79 -13.17
C PHE B 94 -19.29 20.04 -13.59
N LEU B 95 -19.89 20.82 -14.49
CA LEU B 95 -19.29 22.08 -14.98
C LEU B 95 -19.41 23.13 -13.87
N ASP B 96 -20.51 23.08 -13.11
CA ASP B 96 -20.76 23.95 -11.94
C ASP B 96 -20.38 23.16 -10.70
N PRO B 97 -19.35 23.60 -9.93
CA PRO B 97 -18.90 22.83 -8.76
C PRO B 97 -19.96 22.78 -7.64
N SER B 98 -20.96 23.66 -7.66
CA SER B 98 -22.19 23.55 -6.83
C SER B 98 -23.00 22.30 -7.21
N LYS B 99 -22.69 21.68 -8.35
CA LYS B 99 -23.22 20.36 -8.80
C LYS B 99 -24.71 20.46 -9.18
N SER B 100 -25.20 21.66 -9.48
CA SER B 100 -26.53 21.89 -10.10
C SER B 100 -26.63 21.06 -11.39
N SER B 101 -27.82 20.51 -11.65
CA SER B 101 -28.13 19.59 -12.79
C SER B 101 -27.84 20.30 -14.11
N VAL B 102 -27.95 21.64 -14.14
CA VAL B 102 -27.65 22.49 -15.32
C VAL B 102 -26.22 22.16 -15.82
N GLY B 103 -25.26 21.94 -14.93
CA GLY B 103 -23.85 21.66 -15.30
C GLY B 103 -23.54 20.16 -15.38
N SER B 104 -24.54 19.30 -15.25
CA SER B 104 -24.32 17.83 -15.23
C SER B 104 -23.96 17.40 -16.64
N TYR B 105 -22.71 16.98 -16.85
CA TYR B 105 -22.17 16.69 -18.19
C TYR B 105 -21.75 15.22 -18.29
N PHE B 106 -20.58 14.84 -17.79
CA PHE B 106 -20.09 13.45 -17.82
C PHE B 106 -20.56 12.68 -16.56
N HIS B 107 -21.26 13.35 -15.64
CA HIS B 107 -21.58 12.77 -14.31
C HIS B 107 -22.30 11.43 -14.47
N THR B 108 -23.35 11.34 -15.29
CA THR B 108 -24.14 10.09 -15.44
C THR B 108 -23.22 8.97 -15.95
N MET B 109 -22.39 9.26 -16.95
CA MET B 109 -21.47 8.26 -17.53
C MET B 109 -20.44 7.78 -16.49
N VAL B 110 -19.91 8.68 -15.67
CA VAL B 110 -18.88 8.33 -14.65
C VAL B 110 -19.57 7.51 -13.54
N GLU B 111 -20.79 7.88 -13.12
CA GLU B 111 -21.59 7.08 -12.15
C GLU B 111 -21.76 5.67 -12.71
N SER B 112 -22.06 5.52 -14.00
CA SER B 112 -22.18 4.18 -14.65
C SER B 112 -20.83 3.48 -14.58
N LEU B 113 -19.75 4.12 -15.01
CA LEU B 113 -18.38 3.51 -14.99
C LEU B 113 -18.05 3.03 -13.57
N VAL B 114 -18.27 3.88 -12.58
CA VAL B 114 -18.01 3.57 -11.14
C VAL B 114 -18.90 2.40 -10.68
N GLY B 115 -20.17 2.38 -11.08
CA GLY B 115 -21.08 1.23 -10.89
C GLY B 115 -20.53 -0.05 -11.47
N TRP B 116 -19.78 0.01 -12.58
CA TRP B 116 -19.19 -1.19 -13.24
C TRP B 116 -17.84 -1.51 -12.62
N GLY B 117 -17.39 -0.72 -11.64
CA GLY B 117 -16.23 -1.03 -10.80
C GLY B 117 -15.02 -0.14 -11.05
N TYR B 118 -15.16 0.89 -11.91
CA TYR B 118 -14.07 1.86 -12.21
C TYR B 118 -13.89 2.73 -10.97
N THR B 119 -12.70 3.31 -10.82
CA THR B 119 -12.31 4.16 -9.67
C THR B 119 -11.84 5.52 -10.23
N ARG B 120 -12.46 6.60 -9.77
CA ARG B 120 -12.17 7.97 -10.25
C ARG B 120 -10.70 8.30 -9.92
N GLY B 121 -9.96 8.84 -10.89
CA GLY B 121 -8.56 9.22 -10.70
C GLY B 121 -7.60 8.04 -10.79
N GLU B 122 -8.12 6.82 -10.96
CA GLU B 122 -7.29 5.60 -11.08
C GLU B 122 -7.47 5.04 -12.50
N ASP B 123 -8.34 4.07 -12.70
CA ASP B 123 -8.51 3.40 -14.03
C ASP B 123 -9.56 4.16 -14.87
N VAL B 124 -10.18 5.22 -14.33
CA VAL B 124 -10.93 6.20 -15.18
C VAL B 124 -10.41 7.60 -14.81
N ARG B 125 -9.90 8.31 -15.82
CA ARG B 125 -9.32 9.65 -15.64
C ARG B 125 -9.86 10.57 -16.72
N GLY B 126 -10.07 11.83 -16.37
CA GLY B 126 -10.43 12.89 -17.31
C GLY B 126 -9.19 13.53 -17.90
N ALA B 127 -9.35 14.03 -19.14
CA ALA B 127 -8.34 14.86 -19.84
C ALA B 127 -8.97 16.20 -20.18
N PRO B 128 -9.32 17.02 -19.15
CA PRO B 128 -9.89 18.33 -19.39
C PRO B 128 -8.80 19.23 -19.99
N TYR B 129 -9.23 20.25 -20.71
CA TYR B 129 -8.32 21.20 -21.41
C TYR B 129 -8.98 22.56 -21.52
N ASP B 130 -8.18 23.52 -21.94
CA ASP B 130 -8.65 24.90 -22.17
C ASP B 130 -9.37 24.89 -23.53
N TRP B 131 -10.66 24.60 -23.52
CA TRP B 131 -11.48 24.38 -24.74
C TRP B 131 -11.70 25.69 -25.51
N ARG B 132 -11.31 26.85 -24.96
CA ARG B 132 -11.29 28.14 -25.70
C ARG B 132 -10.28 28.08 -26.83
N ARG B 133 -9.25 27.25 -26.68
CA ARG B 133 -8.15 27.17 -27.67
C ARG B 133 -8.33 25.97 -28.58
N ALA B 134 -7.72 26.02 -29.76
CA ALA B 134 -7.59 24.87 -30.68
C ALA B 134 -6.30 24.14 -30.31
N PRO B 135 -6.08 22.92 -30.86
CA PRO B 135 -4.89 22.14 -30.51
C PRO B 135 -3.53 22.84 -30.72
N ASN B 136 -3.45 23.81 -31.63
CA ASN B 136 -2.19 24.53 -31.93
C ASN B 136 -1.74 25.27 -30.67
N GLU B 137 -2.63 25.57 -29.72
CA GLU B 137 -2.24 26.29 -28.48
C GLU B 137 -2.46 25.38 -27.27
N ASN B 138 -2.44 24.06 -27.42
CA ASN B 138 -2.59 23.13 -26.27
C ASN B 138 -1.52 22.02 -26.34
N GLY B 139 -0.31 22.39 -26.79
CA GLY B 139 0.86 21.49 -26.86
C GLY B 139 1.08 20.75 -25.53
N PRO B 140 1.25 21.46 -24.40
CA PRO B 140 1.45 20.81 -23.10
C PRO B 140 0.36 19.79 -22.73
N TYR B 141 -0.90 20.09 -23.04
CA TYR B 141 -2.04 19.15 -22.84
C TYR B 141 -1.76 17.81 -23.53
N PHE B 142 -1.36 17.84 -24.80
CA PHE B 142 -1.13 16.60 -25.58
C PHE B 142 0.05 15.83 -25.01
N LEU B 143 1.08 16.52 -24.51
CA LEU B 143 2.23 15.81 -23.86
C LEU B 143 1.69 15.14 -22.59
N ALA B 144 0.93 15.86 -21.78
CA ALA B 144 0.36 15.32 -20.51
C ALA B 144 -0.57 14.15 -20.84
N LEU B 145 -1.36 14.25 -21.92
CA LEU B 145 -2.29 13.16 -22.35
C LEU B 145 -1.50 11.91 -22.73
N ARG B 146 -0.43 12.06 -23.50
CA ARG B 146 0.44 10.93 -23.91
C ARG B 146 0.99 10.25 -22.64
N GLU B 147 1.50 11.05 -21.70
CA GLU B 147 2.17 10.56 -20.47
C GLU B 147 1.13 9.84 -19.60
N MET B 148 -0.09 10.38 -19.48
CA MET B 148 -1.17 9.78 -18.65
C MET B 148 -1.59 8.45 -19.28
N ILE B 149 -1.74 8.39 -20.59
CA ILE B 149 -2.12 7.12 -21.29
C ILE B 149 -1.03 6.08 -21.00
N GLU B 150 0.25 6.45 -21.10
CA GLU B 150 1.38 5.51 -20.92
C GLU B 150 1.40 5.00 -19.48
N GLU B 151 1.24 5.92 -18.51
CA GLU B 151 1.20 5.57 -17.08
C GLU B 151 0.03 4.60 -16.82
N MET B 152 -1.16 4.88 -17.35
CA MET B 152 -2.36 4.03 -17.09
C MET B 152 -2.14 2.66 -17.74
N TYR B 153 -1.50 2.60 -18.89
CA TYR B 153 -1.14 1.33 -19.57
C TYR B 153 -0.29 0.50 -18.59
N GLN B 154 0.68 1.16 -17.95
CA GLN B 154 1.70 0.49 -17.12
C GLN B 154 1.07 0.04 -15.81
N LEU B 155 0.26 0.87 -15.17
CA LEU B 155 -0.39 0.55 -13.86
C LEU B 155 -1.46 -0.53 -14.03
N TYR B 156 -2.30 -0.47 -15.06
CA TYR B 156 -3.52 -1.33 -15.12
C TYR B 156 -3.28 -2.50 -16.10
N GLY B 157 -2.09 -2.61 -16.71
CA GLY B 157 -1.64 -3.79 -17.48
C GLY B 157 -2.35 -3.95 -18.82
N GLY B 158 -2.68 -2.87 -19.51
CA GLY B 158 -3.22 -2.97 -20.87
C GLY B 158 -3.55 -1.61 -21.49
N PRO B 159 -3.77 -1.62 -22.83
CA PRO B 159 -4.06 -0.39 -23.58
C PRO B 159 -5.37 0.27 -23.14
N VAL B 160 -5.47 1.58 -23.39
CA VAL B 160 -6.52 2.48 -22.86
C VAL B 160 -7.65 2.65 -23.88
N VAL B 161 -8.88 2.79 -23.40
CA VAL B 161 -10.06 3.18 -24.22
C VAL B 161 -10.25 4.69 -24.06
N LEU B 162 -10.21 5.42 -25.16
CA LEU B 162 -10.48 6.87 -25.22
C LEU B 162 -11.97 7.04 -25.48
N VAL B 163 -12.64 7.85 -24.67
CA VAL B 163 -14.07 8.16 -24.83
C VAL B 163 -14.16 9.67 -24.93
N ALA B 164 -14.61 10.18 -26.08
CA ALA B 164 -14.61 11.62 -26.35
C ALA B 164 -16.00 12.06 -26.81
N HIS B 165 -16.38 13.28 -26.43
CA HIS B 165 -17.69 13.88 -26.78
C HIS B 165 -17.44 15.16 -27.57
N SER B 166 -18.21 15.35 -28.64
CA SER B 166 -18.27 16.62 -29.39
C SER B 166 -16.84 17.00 -29.79
N MET B 167 -16.38 18.22 -29.47
CA MET B 167 -15.07 18.75 -29.95
C MET B 167 -13.90 17.90 -29.41
N GLY B 168 -14.12 17.17 -28.31
CA GLY B 168 -13.10 16.28 -27.73
C GLY B 168 -12.65 15.25 -28.74
N ASN B 169 -13.53 14.89 -29.67
CA ASN B 169 -13.22 13.91 -30.75
C ASN B 169 -12.20 14.52 -31.70
N MET B 170 -12.25 15.83 -31.92
CA MET B 170 -11.34 16.54 -32.84
C MET B 170 -9.98 16.68 -32.15
N TYR B 171 -9.96 17.05 -30.86
CA TYR B 171 -8.74 17.04 -30.01
C TYR B 171 -8.10 15.64 -30.06
N THR B 172 -8.90 14.60 -29.88
CA THR B 172 -8.40 13.19 -29.84
C THR B 172 -7.86 12.77 -31.22
N LEU B 173 -8.55 13.16 -32.29
CA LEU B 173 -8.08 12.84 -33.67
C LEU B 173 -6.75 13.55 -33.94
N TYR B 174 -6.64 14.82 -33.55
CA TYR B 174 -5.41 15.63 -33.72
C TYR B 174 -4.26 14.90 -33.01
N PHE B 175 -4.50 14.49 -31.76
CA PHE B 175 -3.53 13.73 -30.94
C PHE B 175 -3.11 12.46 -31.69
N LEU B 176 -4.07 11.62 -32.12
CA LEU B 176 -3.78 10.27 -32.69
C LEU B 176 -3.04 10.41 -34.03
N GLN B 177 -3.39 11.40 -34.83
CA GLN B 177 -2.76 11.68 -36.14
C GLN B 177 -1.25 11.94 -35.96
N ARG B 178 -0.83 12.43 -34.80
CA ARG B 178 0.58 12.84 -34.53
C ARG B 178 1.31 11.83 -33.66
N GLN B 179 0.69 10.73 -33.28
CA GLN B 179 1.41 9.62 -32.60
C GLN B 179 1.77 8.61 -33.69
N PRO B 180 2.99 8.06 -33.67
CA PRO B 180 3.35 6.94 -34.55
C PRO B 180 2.37 5.76 -34.41
N GLN B 181 2.15 5.03 -35.50
CA GLN B 181 1.23 3.86 -35.50
C GLN B 181 1.66 2.86 -34.42
N ALA B 182 2.97 2.67 -34.24
CA ALA B 182 3.52 1.67 -33.28
C ALA B 182 3.05 2.07 -31.86
N TRP B 183 3.07 3.36 -31.56
CA TRP B 183 2.62 3.88 -30.24
C TRP B 183 1.13 3.58 -30.05
N LYS B 184 0.32 3.85 -31.05
CA LYS B 184 -1.15 3.66 -30.96
C LYS B 184 -1.50 2.17 -30.81
N ASP B 185 -0.79 1.29 -31.56
CA ASP B 185 -1.00 -0.18 -31.51
C ASP B 185 -0.71 -0.67 -30.09
N LYS B 186 0.29 -0.10 -29.43
CA LYS B 186 0.66 -0.51 -28.05
C LYS B 186 -0.34 0.06 -27.03
N TYR B 187 -0.64 1.36 -27.09
CA TYR B 187 -1.19 2.11 -25.92
C TYR B 187 -2.71 2.27 -26.02
N ILE B 188 -3.27 2.18 -27.23
CA ILE B 188 -4.72 2.47 -27.45
C ILE B 188 -5.44 1.16 -27.80
N ARG B 189 -6.45 0.84 -26.99
CA ARG B 189 -7.35 -0.32 -27.20
C ARG B 189 -8.45 0.09 -28.19
N ALA B 190 -9.12 1.21 -27.94
CA ALA B 190 -10.19 1.73 -28.81
C ALA B 190 -10.47 3.19 -28.54
N PHE B 191 -11.15 3.79 -29.49
CA PHE B 191 -11.62 5.20 -29.46
C PHE B 191 -13.12 5.14 -29.62
N VAL B 192 -13.86 5.47 -28.57
CA VAL B 192 -15.33 5.60 -28.58
C VAL B 192 -15.63 7.08 -28.80
N SER B 193 -16.19 7.37 -29.96
CA SER B 193 -16.41 8.74 -30.49
C SER B 193 -17.90 9.08 -30.34
N LEU B 194 -18.24 10.01 -29.45
CA LEU B 194 -19.65 10.40 -29.19
C LEU B 194 -19.92 11.79 -29.78
N GLY B 195 -20.79 11.86 -30.78
CA GLY B 195 -21.27 13.13 -31.36
C GLY B 195 -20.12 13.98 -31.88
N ALA B 196 -19.26 13.39 -32.71
CA ALA B 196 -18.04 14.00 -33.27
C ALA B 196 -18.37 14.94 -34.42
N PRO B 197 -18.04 16.24 -34.33
CA PRO B 197 -18.25 17.19 -35.43
C PRO B 197 -17.08 17.16 -36.43
N TRP B 198 -16.83 16.00 -37.02
CA TRP B 198 -15.84 15.88 -38.12
C TRP B 198 -16.32 16.87 -39.20
N GLY B 199 -15.41 17.63 -39.81
CA GLY B 199 -15.84 18.59 -40.85
C GLY B 199 -16.59 19.80 -40.31
N GLY B 200 -16.64 20.02 -38.99
CA GLY B 200 -17.25 21.22 -38.38
C GLY B 200 -18.77 21.12 -38.34
N VAL B 201 -19.45 22.15 -37.83
CA VAL B 201 -20.93 22.19 -37.73
C VAL B 201 -21.45 23.54 -38.23
N ALA B 202 -22.59 23.53 -38.93
CA ALA B 202 -23.23 24.72 -39.51
C ALA B 202 -23.44 25.79 -38.43
N LYS B 203 -23.79 25.37 -37.22
CA LYS B 203 -24.25 26.23 -36.10
C LYS B 203 -23.17 27.28 -35.76
N THR B 204 -21.90 26.99 -36.04
CA THR B 204 -20.74 27.90 -35.83
C THR B 204 -20.97 29.23 -36.56
N LEU B 205 -21.55 29.21 -37.76
CA LEU B 205 -21.77 30.44 -38.54
C LEU B 205 -22.64 31.40 -37.73
N ARG B 206 -23.74 30.90 -37.16
CA ARG B 206 -24.70 31.74 -36.41
C ARG B 206 -24.04 32.27 -35.12
N VAL B 207 -23.35 31.40 -34.38
CA VAL B 207 -22.63 31.77 -33.14
C VAL B 207 -21.76 32.99 -33.43
N LEU B 208 -20.93 32.89 -34.47
CA LEU B 208 -19.95 33.96 -34.83
C LEU B 208 -20.67 35.22 -35.34
N ALA B 209 -21.72 35.07 -36.16
CA ALA B 209 -22.41 36.23 -36.79
C ALA B 209 -23.20 37.00 -35.72
N SER B 210 -24.13 36.36 -35.04
CA SER B 210 -25.21 37.00 -34.25
C SER B 210 -25.25 36.49 -32.80
N GLY B 211 -24.39 35.53 -32.42
CA GLY B 211 -24.31 35.01 -31.05
C GLY B 211 -25.36 33.92 -30.79
N ASP B 212 -25.12 33.09 -29.78
CA ASP B 212 -26.03 31.99 -29.39
C ASP B 212 -26.15 31.96 -27.87
N ASN B 213 -27.31 32.32 -27.34
CA ASN B 213 -27.65 32.30 -25.90
C ASN B 213 -28.54 31.10 -25.57
N ASN B 214 -28.64 30.11 -26.47
CA ASN B 214 -29.11 28.75 -26.13
C ASN B 214 -30.47 28.80 -25.44
N ARG B 215 -31.37 29.68 -25.87
CA ARG B 215 -32.72 29.87 -25.26
C ARG B 215 -32.59 30.15 -23.74
N ILE B 216 -31.46 30.75 -23.35
CA ILE B 216 -31.18 31.31 -21.99
C ILE B 216 -31.41 32.82 -22.12
N PRO B 217 -32.70 33.24 -22.21
CA PRO B 217 -33.06 34.58 -22.69
C PRO B 217 -32.54 35.72 -21.81
N VAL B 218 -32.08 35.41 -20.60
CA VAL B 218 -31.53 36.38 -19.63
C VAL B 218 -30.19 36.90 -20.15
N ILE B 219 -29.46 36.12 -20.96
CA ILE B 219 -28.19 36.56 -21.63
C ILE B 219 -28.52 37.07 -23.05
N GLY B 220 -28.15 38.31 -23.40
CA GLY B 220 -28.35 38.86 -24.76
C GLY B 220 -27.42 38.18 -25.76
N PRO B 221 -27.88 37.75 -26.96
CA PRO B 221 -27.03 37.01 -27.89
C PRO B 221 -25.81 37.83 -28.31
N LEU B 222 -25.97 39.17 -28.50
CA LEU B 222 -24.88 40.07 -28.95
C LEU B 222 -23.82 40.22 -27.85
N LYS B 223 -24.22 40.05 -26.59
CA LYS B 223 -23.30 40.13 -25.42
C LYS B 223 -22.44 38.88 -25.36
N ILE B 224 -23.05 37.70 -25.37
CA ILE B 224 -22.32 36.39 -25.30
C ILE B 224 -21.50 36.19 -26.58
N ARG B 225 -21.89 36.83 -27.69
CA ARG B 225 -21.14 36.74 -28.98
C ARG B 225 -19.68 37.18 -28.76
N GLU B 226 -19.45 38.19 -27.92
CA GLU B 226 -18.09 38.72 -27.63
C GLU B 226 -17.20 37.59 -27.15
N GLN B 227 -17.67 36.78 -26.21
CA GLN B 227 -16.91 35.64 -25.64
C GLN B 227 -16.76 34.54 -26.70
N GLN B 228 -17.84 34.23 -27.40
CA GLN B 228 -17.90 33.07 -28.32
C GLN B 228 -16.90 33.30 -29.47
N ARG B 229 -16.78 34.54 -29.93
CA ARG B 229 -15.86 34.90 -31.05
C ARG B 229 -14.41 34.82 -30.59
N SER B 230 -14.12 35.21 -29.34
CA SER B 230 -12.76 35.28 -28.75
C SER B 230 -12.13 33.87 -28.65
N ALA B 231 -12.96 32.84 -28.57
CA ALA B 231 -12.54 31.44 -28.49
C ALA B 231 -12.10 30.93 -29.86
N VAL B 232 -10.81 30.66 -30.04
CA VAL B 232 -10.26 30.07 -31.31
C VAL B 232 -11.06 28.83 -31.70
N SER B 233 -11.42 27.99 -30.73
CA SER B 233 -12.15 26.72 -30.96
C SER B 233 -13.41 26.99 -31.82
N THR B 234 -14.05 28.15 -31.69
CA THR B 234 -15.31 28.42 -32.44
C THR B 234 -15.01 28.49 -33.93
N SER B 235 -13.99 29.27 -34.33
CA SER B 235 -13.58 29.43 -35.74
C SER B 235 -13.04 28.09 -36.30
N TRP B 236 -12.36 27.32 -35.43
CA TRP B 236 -11.82 25.98 -35.75
C TRP B 236 -12.93 25.04 -36.22
N LEU B 237 -14.14 25.15 -35.66
CA LEU B 237 -15.26 24.23 -35.96
C LEU B 237 -16.19 24.75 -37.07
N LEU B 238 -15.81 25.78 -37.84
CA LEU B 238 -16.56 26.14 -39.06
C LEU B 238 -16.48 24.97 -40.03
N PRO B 239 -17.55 24.74 -40.82
CA PRO B 239 -17.58 23.68 -41.82
C PRO B 239 -16.30 23.60 -42.68
N TYR B 240 -15.86 22.38 -42.94
CA TYR B 240 -14.71 22.03 -43.81
C TYR B 240 -15.20 21.41 -45.11
N ASN B 241 -14.39 21.55 -46.16
CA ASN B 241 -14.73 21.10 -47.54
C ASN B 241 -14.53 19.60 -47.70
N TYR B 242 -13.99 18.88 -46.73
CA TYR B 242 -13.90 17.40 -46.83
C TYR B 242 -15.24 16.77 -46.41
N THR B 243 -16.16 17.55 -45.86
CA THR B 243 -17.51 17.07 -45.44
C THR B 243 -18.58 17.74 -46.32
N TRP B 244 -18.47 19.05 -46.51
CA TRP B 244 -19.51 19.89 -47.14
C TRP B 244 -19.05 20.30 -48.54
N SER B 245 -19.99 20.39 -49.45
CA SER B 245 -19.80 20.99 -50.78
C SER B 245 -19.28 22.42 -50.59
N PRO B 246 -18.23 22.81 -51.33
CA PRO B 246 -17.82 24.21 -51.40
C PRO B 246 -18.90 25.21 -51.88
N GLU B 247 -19.97 24.72 -52.52
CA GLU B 247 -21.07 25.55 -53.09
C GLU B 247 -22.25 25.65 -52.09
N LYS B 248 -22.22 24.91 -50.99
CA LYS B 248 -23.31 24.90 -49.97
C LYS B 248 -23.32 26.26 -49.25
N VAL B 249 -24.48 26.93 -49.27
CA VAL B 249 -24.70 28.25 -48.63
C VAL B 249 -25.11 28.02 -47.18
N PHE B 250 -24.30 28.47 -46.23
CA PHE B 250 -24.53 28.31 -44.78
C PHE B 250 -25.26 29.55 -44.26
N VAL B 251 -24.93 30.70 -44.84
CA VAL B 251 -25.51 32.02 -44.46
C VAL B 251 -25.93 32.73 -45.75
N GLN B 252 -27.21 33.04 -45.84
CA GLN B 252 -27.81 33.89 -46.90
C GLN B 252 -28.31 35.18 -46.25
N THR B 253 -27.99 36.31 -46.86
CA THR B 253 -28.51 37.64 -46.50
C THR B 253 -29.15 38.21 -47.77
N PRO B 254 -29.83 39.37 -47.70
CA PRO B 254 -30.41 39.97 -48.91
C PRO B 254 -29.34 40.30 -49.98
N THR B 255 -28.10 40.55 -49.57
CA THR B 255 -27.04 41.08 -50.47
C THR B 255 -25.90 40.08 -50.69
N ILE B 256 -25.76 39.05 -49.88
CA ILE B 256 -24.55 38.17 -49.98
C ILE B 256 -24.84 36.79 -49.43
N ASN B 257 -24.20 35.79 -50.03
CA ASN B 257 -24.10 34.40 -49.54
C ASN B 257 -22.72 34.16 -48.96
N TYR B 258 -22.64 33.24 -48.02
CA TYR B 258 -21.37 32.71 -47.47
C TYR B 258 -21.41 31.19 -47.52
N THR B 259 -20.54 30.64 -48.37
CA THR B 259 -20.17 29.22 -48.43
C THR B 259 -18.91 29.06 -47.60
N LEU B 260 -18.36 27.85 -47.53
CA LEU B 260 -17.11 27.61 -46.77
C LEU B 260 -15.92 28.17 -47.53
N ARG B 261 -16.11 28.68 -48.77
CA ARG B 261 -15.03 29.34 -49.53
C ARG B 261 -15.04 30.85 -49.24
N ASP B 262 -15.91 31.32 -48.35
CA ASP B 262 -16.16 32.77 -48.16
C ASP B 262 -15.87 33.22 -46.74
N TYR B 263 -15.02 32.50 -45.99
CA TYR B 263 -14.85 32.78 -44.54
C TYR B 263 -14.16 34.13 -44.32
N ARG B 264 -13.18 34.47 -45.15
CA ARG B 264 -12.47 35.77 -45.07
C ARG B 264 -13.49 36.93 -45.21
N LYS B 265 -14.36 36.91 -46.22
CA LYS B 265 -15.45 37.92 -46.38
C LYS B 265 -16.39 37.88 -45.17
N PHE B 266 -16.76 36.68 -44.73
CA PHE B 266 -17.67 36.48 -43.59
C PHE B 266 -17.12 37.22 -42.36
N PHE B 267 -15.85 37.02 -42.06
CA PHE B 267 -15.19 37.61 -40.87
C PHE B 267 -15.11 39.13 -41.03
N GLN B 268 -14.79 39.62 -42.24
CA GLN B 268 -14.82 41.09 -42.52
C GLN B 268 -16.23 41.63 -42.25
N ASP B 269 -17.24 40.98 -42.79
CA ASP B 269 -18.62 41.54 -42.83
C ASP B 269 -19.28 41.48 -41.46
N ILE B 270 -18.83 40.62 -40.54
CA ILE B 270 -19.40 40.57 -39.16
C ILE B 270 -18.58 41.48 -38.23
N GLY B 271 -17.49 42.06 -38.70
CA GLY B 271 -16.65 42.98 -37.92
C GLY B 271 -15.73 42.22 -36.97
N PHE B 272 -15.24 41.04 -37.38
CA PHE B 272 -14.35 40.20 -36.54
C PHE B 272 -13.25 39.59 -37.41
N GLU B 273 -12.30 40.40 -37.86
CA GLU B 273 -11.24 39.97 -38.80
C GLU B 273 -10.29 38.99 -38.09
N ASP B 274 -10.17 39.09 -36.77
CA ASP B 274 -9.33 38.18 -35.96
C ASP B 274 -9.74 36.72 -36.21
N GLY B 275 -11.03 36.46 -36.44
CA GLY B 275 -11.56 35.10 -36.65
C GLY B 275 -10.97 34.45 -37.89
N TRP B 276 -10.76 35.23 -38.95
CA TRP B 276 -10.11 34.75 -40.21
C TRP B 276 -8.68 34.30 -39.90
N LEU B 277 -7.94 35.09 -39.14
CA LEU B 277 -6.56 34.73 -38.71
C LEU B 277 -6.63 33.44 -37.87
N MET B 278 -7.60 33.33 -36.98
CA MET B 278 -7.83 32.09 -36.17
C MET B 278 -8.13 30.91 -37.10
N ARG B 279 -8.94 31.12 -38.15
CA ARG B 279 -9.31 30.02 -39.07
C ARG B 279 -8.06 29.58 -39.83
N GLN B 280 -7.24 30.51 -40.29
CA GLN B 280 -5.97 30.18 -41.00
C GLN B 280 -5.05 29.41 -40.04
N ASP B 281 -4.95 29.84 -38.78
CA ASP B 281 -4.09 29.18 -37.78
C ASP B 281 -4.52 27.71 -37.63
N THR B 282 -5.81 27.38 -37.74
CA THR B 282 -6.35 26.10 -37.20
C THR B 282 -6.87 25.16 -38.29
N GLU B 283 -7.12 25.65 -39.51
CA GLU B 283 -7.84 24.86 -40.56
C GLU B 283 -7.02 23.63 -40.99
N GLY B 284 -5.70 23.68 -40.94
CA GLY B 284 -4.82 22.57 -41.34
C GLY B 284 -4.43 21.65 -40.19
N LEU B 285 -4.90 21.88 -38.95
CA LEU B 285 -4.40 21.12 -37.77
C LEU B 285 -4.74 19.64 -37.91
N VAL B 286 -6.00 19.34 -38.23
CA VAL B 286 -6.50 17.94 -38.40
C VAL B 286 -6.46 17.60 -39.88
N GLU B 287 -5.61 16.63 -40.25
CA GLU B 287 -5.45 16.18 -41.65
C GLU B 287 -6.81 15.67 -42.14
N ALA B 288 -7.27 16.27 -43.25
CA ALA B 288 -8.60 16.09 -43.88
C ALA B 288 -9.00 14.61 -43.94
N THR B 289 -8.13 13.76 -44.49
CA THR B 289 -8.45 12.37 -44.93
C THR B 289 -7.94 11.34 -43.91
N MET B 290 -6.81 11.61 -43.24
CA MET B 290 -6.02 10.61 -42.49
C MET B 290 -6.82 10.10 -41.28
N PRO B 291 -7.05 8.78 -41.18
CA PRO B 291 -7.85 8.19 -40.09
C PRO B 291 -7.05 8.09 -38.79
N PRO B 292 -7.71 7.85 -37.63
CA PRO B 292 -7.02 7.81 -36.34
C PRO B 292 -6.03 6.64 -36.18
N GLY B 293 -6.26 5.55 -36.90
CA GLY B 293 -5.39 4.36 -36.90
C GLY B 293 -5.57 3.52 -35.65
N VAL B 294 -6.80 3.50 -35.11
CA VAL B 294 -7.17 2.68 -33.91
C VAL B 294 -8.60 2.21 -34.09
N GLN B 295 -8.97 1.14 -33.37
CA GLN B 295 -10.36 0.67 -33.35
C GLN B 295 -11.25 1.85 -32.95
N LEU B 296 -12.24 2.16 -33.79
CA LEU B 296 -13.07 3.37 -33.68
C LEU B 296 -14.54 2.98 -33.65
N HIS B 297 -15.28 3.48 -32.64
CA HIS B 297 -16.74 3.34 -32.51
C HIS B 297 -17.32 4.73 -32.68
N CYS B 298 -17.95 4.97 -33.82
CA CYS B 298 -18.56 6.27 -34.23
CA CYS B 298 -18.55 6.26 -34.22
C CYS B 298 -20.03 6.27 -33.85
N LEU B 299 -20.36 6.89 -32.72
CA LEU B 299 -21.75 7.00 -32.24
C LEU B 299 -22.25 8.41 -32.56
N TYR B 300 -23.34 8.50 -33.30
CA TYR B 300 -23.90 9.79 -33.80
C TYR B 300 -25.43 9.73 -33.67
N GLY B 301 -26.02 10.81 -33.17
CA GLY B 301 -27.47 11.01 -33.12
C GLY B 301 -28.02 11.39 -34.48
N THR B 302 -29.22 10.88 -34.78
CA THR B 302 -30.07 11.24 -35.95
C THR B 302 -31.48 11.56 -35.45
N GLY B 303 -32.31 12.13 -36.35
CA GLY B 303 -33.73 12.44 -36.10
C GLY B 303 -33.93 13.58 -35.13
N VAL B 304 -32.91 14.40 -34.87
CA VAL B 304 -33.07 15.68 -34.12
C VAL B 304 -32.84 16.83 -35.10
N PRO B 305 -33.82 17.74 -35.28
CA PRO B 305 -33.62 18.88 -36.17
C PRO B 305 -32.31 19.58 -35.80
N THR B 306 -31.42 19.75 -36.78
CA THR B 306 -30.04 20.27 -36.60
C THR B 306 -29.82 21.47 -37.50
N PRO B 307 -29.52 22.67 -36.99
CA PRO B 307 -29.31 23.82 -37.86
C PRO B 307 -28.30 23.43 -38.93
N ASP B 308 -28.64 23.77 -40.18
CA ASP B 308 -27.93 23.41 -41.43
C ASP B 308 -27.57 24.69 -42.19
N SER B 309 -28.44 25.69 -42.20
CA SER B 309 -28.22 26.99 -42.87
C SER B 309 -29.05 28.08 -42.18
N PHE B 310 -28.70 29.33 -42.44
CA PHE B 310 -29.27 30.51 -41.77
C PHE B 310 -29.63 31.55 -42.82
N TYR B 311 -30.85 32.07 -42.70
CA TYR B 311 -31.36 33.21 -43.50
C TYR B 311 -31.47 34.44 -42.59
N TYR B 312 -30.70 35.49 -42.90
CA TYR B 312 -30.67 36.77 -42.16
C TYR B 312 -31.39 37.84 -42.99
N GLU B 313 -32.50 38.39 -42.50
CA GLU B 313 -33.18 39.57 -43.12
C GLU B 313 -32.32 40.80 -42.83
N SER B 314 -31.64 40.80 -41.70
CA SER B 314 -30.75 41.88 -41.22
C SER B 314 -29.53 41.22 -40.57
N PHE B 315 -28.32 41.57 -41.05
CA PHE B 315 -27.06 40.85 -40.77
C PHE B 315 -25.95 41.84 -40.39
N PRO B 316 -25.13 41.56 -39.35
CA PRO B 316 -25.24 40.35 -38.53
C PRO B 316 -25.88 40.45 -37.13
N ASP B 317 -26.55 41.55 -36.78
CA ASP B 317 -26.94 41.86 -35.38
C ASP B 317 -28.40 41.48 -35.10
N ARG B 318 -28.99 40.55 -35.86
CA ARG B 318 -30.38 40.07 -35.65
C ARG B 318 -30.43 38.56 -35.86
N ASP B 319 -31.18 37.85 -35.02
CA ASP B 319 -31.32 36.37 -35.08
C ASP B 319 -31.77 35.98 -36.48
N PRO B 320 -31.22 34.91 -37.08
CA PRO B 320 -31.67 34.44 -38.38
C PRO B 320 -32.87 33.48 -38.30
N LYS B 321 -33.51 33.26 -39.43
CA LYS B 321 -34.41 32.10 -39.65
C LYS B 321 -33.51 30.88 -39.82
N ILE B 322 -33.92 29.73 -39.34
CA ILE B 322 -33.08 28.51 -39.34
C ILE B 322 -33.70 27.46 -40.25
N CYS B 323 -32.84 26.86 -41.07
CA CYS B 323 -33.16 25.69 -41.92
CA CYS B 323 -33.16 25.70 -41.93
C CYS B 323 -32.47 24.48 -41.30
N PHE B 324 -33.21 23.40 -41.10
CA PHE B 324 -32.74 22.24 -40.32
C PHE B 324 -32.51 21.06 -41.25
N GLY B 325 -31.48 20.28 -40.94
CA GLY B 325 -31.18 18.97 -41.55
C GLY B 325 -31.15 17.92 -40.46
N ASP B 326 -30.68 16.73 -40.80
CA ASP B 326 -30.62 15.60 -39.86
C ASP B 326 -29.37 15.76 -38.97
N GLY B 327 -29.36 15.10 -37.81
CA GLY B 327 -28.24 15.09 -36.85
C GLY B 327 -28.74 14.89 -35.43
N ASP B 328 -28.02 15.44 -34.44
CA ASP B 328 -28.32 15.26 -33.00
C ASP B 328 -28.75 16.61 -32.42
N GLY B 329 -29.07 17.58 -33.26
CA GLY B 329 -29.48 18.92 -32.79
C GLY B 329 -28.34 19.92 -32.81
N THR B 330 -27.10 19.44 -32.85
CA THR B 330 -25.87 20.27 -32.84
C THR B 330 -24.97 19.81 -34.00
N VAL B 331 -24.57 18.55 -33.99
CA VAL B 331 -23.70 17.92 -35.01
C VAL B 331 -24.56 17.48 -36.19
N ASN B 332 -24.27 18.04 -37.36
CA ASN B 332 -24.92 17.71 -38.66
C ASN B 332 -24.58 16.25 -38.97
N LEU B 333 -25.54 15.51 -39.56
CA LEU B 333 -25.37 14.07 -39.90
C LEU B 333 -24.19 13.89 -40.86
N LYS B 334 -23.99 14.80 -41.81
CA LYS B 334 -22.85 14.75 -42.77
C LYS B 334 -21.51 14.55 -42.05
N SER B 335 -21.33 15.04 -40.83
CA SER B 335 -20.11 14.78 -40.01
C SER B 335 -19.82 13.27 -39.89
N ALA B 336 -20.83 12.42 -39.73
CA ALA B 336 -20.70 10.94 -39.67
C ALA B 336 -20.14 10.37 -40.99
N LEU B 337 -20.36 11.01 -42.13
CA LEU B 337 -19.81 10.47 -43.41
C LEU B 337 -18.31 10.26 -43.23
N GLN B 338 -17.65 11.09 -42.40
CA GLN B 338 -16.17 11.08 -42.26
C GLN B 338 -15.74 9.73 -41.69
N CYS B 339 -16.46 9.19 -40.70
CA CYS B 339 -16.23 7.84 -40.13
CA CYS B 339 -16.21 7.84 -40.14
C CYS B 339 -16.23 6.80 -41.23
N GLN B 340 -17.24 6.87 -42.11
CA GLN B 340 -17.44 5.90 -43.20
C GLN B 340 -16.23 5.99 -44.15
N ALA B 341 -15.74 7.19 -44.43
CA ALA B 341 -14.57 7.42 -45.31
C ALA B 341 -13.35 6.68 -44.73
N TRP B 342 -13.26 6.58 -43.41
CA TRP B 342 -12.08 5.98 -42.71
C TRP B 342 -12.10 4.46 -42.79
N GLN B 343 -13.25 3.83 -42.99
CA GLN B 343 -13.36 2.34 -43.08
C GLN B 343 -12.31 1.79 -44.06
N SER B 344 -12.11 2.44 -45.21
CA SER B 344 -11.25 1.92 -46.32
C SER B 344 -9.81 2.41 -46.19
N ARG B 345 -9.49 3.28 -45.20
CA ARG B 345 -8.15 3.93 -45.10
C ARG B 345 -7.37 3.43 -43.89
N GLN B 346 -7.95 2.61 -43.01
CA GLN B 346 -7.21 2.04 -41.85
C GLN B 346 -7.57 0.55 -41.72
N GLU B 347 -6.62 -0.24 -41.22
CA GLU B 347 -6.77 -1.70 -40.97
C GLU B 347 -7.71 -1.92 -39.78
N HIS B 348 -7.55 -1.16 -38.70
CA HIS B 348 -8.40 -1.24 -37.49
CA HIS B 348 -8.40 -1.23 -37.49
C HIS B 348 -9.86 -1.01 -37.90
N GLN B 349 -10.78 -1.72 -37.25
CA GLN B 349 -12.24 -1.64 -37.50
C GLN B 349 -12.74 -0.22 -37.24
N VAL B 350 -13.60 0.27 -38.12
CA VAL B 350 -14.48 1.43 -37.88
C VAL B 350 -15.92 0.91 -37.84
N LEU B 351 -16.53 0.94 -36.66
CA LEU B 351 -17.94 0.55 -36.40
C LEU B 351 -18.77 1.83 -36.30
N LEU B 352 -19.83 1.91 -37.09
CA LEU B 352 -20.79 3.03 -37.09
C LEU B 352 -21.99 2.61 -36.26
N GLN B 353 -22.48 3.48 -35.40
CA GLN B 353 -23.64 3.19 -34.54
C GLN B 353 -24.54 4.43 -34.51
N GLU B 354 -25.64 4.36 -35.25
CA GLU B 354 -26.70 5.39 -35.22
C GLU B 354 -27.42 5.32 -33.87
N LEU B 355 -27.70 6.48 -33.30
CA LEU B 355 -28.53 6.67 -32.08
C LEU B 355 -29.75 7.50 -32.48
N PRO B 356 -30.80 6.90 -33.10
CA PRO B 356 -31.94 7.66 -33.60
C PRO B 356 -32.69 8.31 -32.42
N GLY B 357 -32.99 9.60 -32.55
CA GLY B 357 -33.69 10.39 -31.54
C GLY B 357 -32.79 10.76 -30.37
N SER B 358 -31.47 10.61 -30.47
CA SER B 358 -30.53 10.93 -29.37
C SER B 358 -29.91 12.32 -29.56
N GLU B 359 -30.26 13.27 -28.69
CA GLU B 359 -29.79 14.68 -28.71
C GLU B 359 -28.33 14.72 -28.23
N HIS B 360 -27.59 15.72 -28.72
CA HIS B 360 -26.13 15.86 -28.62
C HIS B 360 -25.63 15.60 -27.19
N ILE B 361 -26.20 16.31 -26.21
CA ILE B 361 -25.76 16.24 -24.80
C ILE B 361 -26.45 15.06 -24.10
N GLU B 362 -27.75 14.84 -24.33
CA GLU B 362 -28.54 13.76 -23.66
C GLU B 362 -27.92 12.40 -23.98
N MET B 363 -27.21 12.23 -25.10
CA MET B 363 -26.60 10.92 -25.45
C MET B 363 -25.59 10.49 -24.37
N LEU B 364 -25.04 11.44 -23.59
CA LEU B 364 -24.05 11.17 -22.52
C LEU B 364 -24.71 10.56 -21.28
N ALA B 365 -26.03 10.67 -21.13
CA ALA B 365 -26.81 10.17 -19.98
C ALA B 365 -27.80 9.10 -20.44
N ASN B 366 -27.64 8.60 -21.65
CA ASN B 366 -28.67 7.76 -22.32
C ASN B 366 -28.30 6.30 -22.13
N ALA B 367 -29.26 5.47 -21.69
CA ALA B 367 -29.09 4.04 -21.33
C ALA B 367 -28.53 3.24 -22.52
N THR B 368 -28.93 3.56 -23.75
CA THR B 368 -28.46 2.86 -24.97
CA THR B 368 -28.46 2.87 -24.98
C THR B 368 -26.98 3.18 -25.22
N THR B 369 -26.56 4.44 -25.03
CA THR B 369 -25.14 4.87 -25.19
C THR B 369 -24.30 4.12 -24.15
N LEU B 370 -24.76 4.16 -22.91
CA LEU B 370 -24.02 3.58 -21.77
C LEU B 370 -23.95 2.06 -21.97
N ALA B 371 -25.01 1.43 -22.49
CA ALA B 371 -25.04 -0.03 -22.75
C ALA B 371 -23.98 -0.34 -23.82
N TYR B 372 -23.84 0.52 -24.83
CA TYR B 372 -22.83 0.35 -25.91
C TYR B 372 -21.41 0.42 -25.31
N LEU B 373 -21.15 1.45 -24.51
CA LEU B 373 -19.83 1.67 -23.88
C LEU B 373 -19.51 0.46 -22.98
N LYS B 374 -20.51 -0.04 -22.27
CA LYS B 374 -20.37 -1.20 -21.35
C LYS B 374 -19.92 -2.44 -22.13
N ARG B 375 -20.49 -2.67 -23.31
CA ARG B 375 -20.09 -3.79 -24.20
C ARG B 375 -18.62 -3.60 -24.61
N VAL B 376 -18.23 -2.37 -24.97
CA VAL B 376 -16.84 -2.08 -25.45
C VAL B 376 -15.85 -2.38 -24.31
N LEU B 377 -16.17 -1.96 -23.09
CA LEU B 377 -15.22 -2.04 -21.94
C LEU B 377 -15.19 -3.46 -21.34
N LEU B 378 -16.35 -4.03 -21.04
CA LEU B 378 -16.48 -5.28 -20.24
C LEU B 378 -16.62 -6.51 -21.16
N GLY B 379 -16.78 -6.31 -22.46
CA GLY B 379 -16.80 -7.41 -23.44
C GLY B 379 -18.15 -8.12 -23.50
N PRO B 380 -18.22 -9.30 -24.18
CA PRO B 380 -19.48 -10.00 -24.42
C PRO B 380 -20.04 -10.66 -23.15
N HIS C 5 9.33 13.15 13.74
CA HIS C 5 10.41 12.97 12.72
C HIS C 5 9.89 13.30 11.33
N PRO C 6 10.73 13.92 10.47
CA PRO C 6 10.26 14.41 9.17
C PRO C 6 10.05 13.30 8.17
N PRO C 7 9.11 13.44 7.21
CA PRO C 7 8.93 12.42 6.18
C PRO C 7 10.20 12.35 5.32
N VAL C 8 10.44 11.18 4.74
CA VAL C 8 11.70 10.86 4.01
C VAL C 8 11.33 10.29 2.65
N VAL C 9 11.98 10.82 1.62
CA VAL C 9 11.96 10.31 0.23
C VAL C 9 13.37 9.85 -0.12
N LEU C 10 13.48 8.61 -0.58
CA LEU C 10 14.74 7.95 -0.96
C LEU C 10 14.84 7.97 -2.48
N VAL C 11 15.94 8.51 -3.01
CA VAL C 11 16.20 8.60 -4.47
C VAL C 11 17.42 7.72 -4.77
N PRO C 12 17.23 6.61 -5.51
CA PRO C 12 18.32 5.71 -5.79
C PRO C 12 19.25 6.20 -6.92
N GLY C 13 20.36 5.49 -7.05
CA GLY C 13 21.32 5.75 -8.12
C GLY C 13 21.04 4.86 -9.31
N ASP C 14 21.99 4.89 -10.23
CA ASP C 14 22.01 4.06 -11.45
C ASP C 14 21.93 2.60 -11.00
N LEU C 15 21.13 1.78 -11.67
CA LEU C 15 20.95 0.33 -11.35
C LEU C 15 20.24 0.17 -10.00
N GLY C 16 19.68 1.25 -9.45
CA GLY C 16 19.34 1.38 -8.03
C GLY C 16 17.89 1.07 -7.73
N ASN C 17 17.13 0.55 -8.68
CA ASN C 17 15.75 0.05 -8.38
C ASN C 17 15.36 -0.98 -9.42
N GLN C 18 14.41 -1.83 -9.07
CA GLN C 18 13.91 -2.89 -9.96
C GLN C 18 13.37 -2.24 -11.23
N LEU C 19 13.45 -2.97 -12.33
CA LEU C 19 12.72 -2.68 -13.58
C LEU C 19 12.01 -3.96 -14.00
N GLU C 20 10.82 -3.82 -14.57
CA GLU C 20 9.96 -4.92 -15.03
C GLU C 20 9.72 -4.72 -16.51
N ALA C 21 9.62 -5.81 -17.25
CA ALA C 21 9.36 -5.82 -18.71
C ALA C 21 8.13 -6.70 -19.01
N LYS C 22 7.41 -6.31 -20.05
CA LYS C 22 6.34 -7.10 -20.69
C LYS C 22 6.65 -7.15 -22.18
N LEU C 23 6.49 -8.32 -22.81
CA LEU C 23 6.98 -8.60 -24.18
C LEU C 23 5.81 -8.98 -25.10
N ASP C 24 5.84 -8.44 -26.32
CA ASP C 24 5.11 -8.92 -27.51
C ASP C 24 6.02 -8.67 -28.72
N LYS C 25 7.18 -9.33 -28.77
CA LYS C 25 8.26 -9.03 -29.74
C LYS C 25 7.98 -9.73 -31.07
N PRO C 26 8.20 -9.04 -32.23
CA PRO C 26 8.03 -9.67 -33.54
C PRO C 26 9.09 -10.75 -33.80
N THR C 27 10.31 -10.56 -33.30
CA THR C 27 11.44 -11.53 -33.40
C THR C 27 12.29 -11.53 -32.12
N VAL C 28 13.16 -12.53 -32.00
CA VAL C 28 14.11 -12.70 -30.86
C VAL C 28 15.47 -13.09 -31.44
N VAL C 29 16.54 -12.96 -30.65
CA VAL C 29 17.95 -13.16 -31.11
C VAL C 29 18.35 -14.63 -30.92
N HIS C 30 17.70 -15.34 -29.99
CA HIS C 30 17.82 -16.81 -29.79
C HIS C 30 16.42 -17.41 -29.62
N TYR C 31 16.20 -18.64 -30.09
CA TYR C 31 14.91 -19.37 -29.96
C TYR C 31 14.56 -19.52 -28.47
N LEU C 32 15.54 -19.63 -27.58
CA LEU C 32 15.29 -19.78 -26.12
C LEU C 32 14.93 -18.44 -25.46
N CYS C 33 14.95 -17.30 -26.19
CA CYS C 33 14.40 -15.99 -25.71
C CYS C 33 12.87 -16.01 -25.84
N SER C 34 12.13 -15.63 -24.79
CA SER C 34 10.65 -15.47 -24.82
C SER C 34 10.23 -14.34 -25.76
N LYS C 35 9.27 -14.60 -26.64
CA LYS C 35 8.70 -13.60 -27.59
C LYS C 35 7.65 -12.75 -26.89
N LYS C 36 6.89 -13.36 -25.99
CA LYS C 36 5.61 -12.79 -25.47
C LYS C 36 5.45 -13.18 -24.01
N THR C 37 4.98 -12.26 -23.17
CA THR C 37 4.59 -12.51 -21.76
C THR C 37 3.20 -11.91 -21.56
N GLU C 38 2.34 -12.56 -20.76
CA GLU C 38 0.95 -12.10 -20.52
C GLU C 38 0.99 -11.01 -19.43
N SER C 39 2.04 -11.00 -18.60
CA SER C 39 2.25 -10.02 -17.53
C SER C 39 3.70 -9.51 -17.51
N TYR C 40 4.01 -8.60 -16.58
CA TYR C 40 5.37 -8.07 -16.34
C TYR C 40 6.18 -9.08 -15.54
N PHE C 41 7.45 -9.23 -15.88
CA PHE C 41 8.47 -9.98 -15.09
C PHE C 41 9.61 -9.03 -14.76
N THR C 42 10.42 -9.37 -13.76
CA THR C 42 11.60 -8.58 -13.34
C THR C 42 12.72 -8.75 -14.35
N ILE C 43 13.12 -7.64 -14.99
CA ILE C 43 14.27 -7.60 -15.94
C ILE C 43 15.51 -7.05 -15.22
N TRP C 44 15.34 -6.35 -14.11
CA TRP C 44 16.46 -5.95 -13.20
C TRP C 44 15.92 -5.93 -11.77
N LEU C 45 16.56 -6.62 -10.82
CA LEU C 45 17.73 -7.45 -10.99
C LEU C 45 17.31 -8.93 -10.92
N ASN C 46 17.68 -9.71 -11.93
CA ASN C 46 17.44 -11.17 -11.99
C ASN C 46 18.69 -11.82 -12.60
N LEU C 47 19.46 -12.51 -11.76
CA LEU C 47 20.81 -13.03 -12.13
C LEU C 47 20.69 -14.12 -13.20
N GLU C 48 19.58 -14.86 -13.21
CA GLU C 48 19.36 -15.97 -14.17
C GLU C 48 19.29 -15.43 -15.61
N LEU C 49 18.94 -14.15 -15.80
CA LEU C 49 18.87 -13.50 -17.14
C LEU C 49 20.28 -13.06 -17.60
N LEU C 50 21.28 -13.09 -16.71
CA LEU C 50 22.65 -12.59 -17.00
C LEU C 50 23.64 -13.73 -17.28
N LEU C 51 23.18 -14.98 -17.30
CA LEU C 51 24.05 -16.15 -17.62
C LEU C 51 24.42 -16.08 -19.11
N PRO C 52 25.52 -16.73 -19.54
CA PRO C 52 25.89 -16.78 -20.96
C PRO C 52 24.72 -17.21 -21.87
N VAL C 53 24.64 -16.63 -23.08
CA VAL C 53 23.61 -16.88 -24.13
C VAL C 53 22.29 -16.18 -23.74
N ILE C 54 21.74 -16.53 -22.57
CA ILE C 54 20.46 -15.95 -22.02
C ILE C 54 20.60 -14.41 -22.00
N ILE C 55 21.81 -13.90 -21.76
CA ILE C 55 22.08 -12.45 -21.58
C ILE C 55 21.83 -11.71 -22.89
N ASP C 56 21.87 -12.40 -24.03
CA ASP C 56 21.58 -11.78 -25.35
C ASP C 56 20.08 -11.43 -25.37
N CYS C 57 19.24 -12.27 -24.77
CA CYS C 57 17.77 -12.02 -24.59
C CYS C 57 17.58 -10.75 -23.72
N TRP C 58 18.35 -10.68 -22.63
CA TRP C 58 18.27 -9.59 -21.63
C TRP C 58 18.70 -8.28 -22.30
N ILE C 59 19.87 -8.26 -22.93
CA ILE C 59 20.41 -7.09 -23.68
C ILE C 59 19.35 -6.62 -24.68
N ASP C 60 18.75 -7.54 -25.43
CA ASP C 60 17.77 -7.20 -26.49
C ASP C 60 16.52 -6.55 -25.89
N ASN C 61 16.20 -6.82 -24.61
CA ASN C 61 14.98 -6.28 -23.93
C ASN C 61 15.30 -4.97 -23.19
N ILE C 62 16.44 -4.86 -22.54
CA ILE C 62 16.77 -3.75 -21.60
C ILE C 62 17.58 -2.63 -22.31
N ARG C 63 18.17 -2.90 -23.46
CA ARG C 63 18.83 -1.84 -24.28
C ARG C 63 17.77 -0.79 -24.62
N LEU C 64 18.21 0.46 -24.76
CA LEU C 64 17.41 1.57 -25.34
C LEU C 64 17.84 1.74 -26.80
N VAL C 65 16.87 2.06 -27.64
CA VAL C 65 17.07 2.42 -29.06
C VAL C 65 17.08 3.94 -29.09
N TYR C 66 18.15 4.52 -29.62
CA TYR C 66 18.26 5.98 -29.80
C TYR C 66 17.70 6.35 -31.16
N ASN C 67 16.74 7.27 -31.18
CA ASN C 67 16.08 7.75 -32.40
C ASN C 67 16.63 9.14 -32.71
N LYS C 68 17.42 9.25 -33.79
CA LYS C 68 18.10 10.50 -34.21
C LYS C 68 17.06 11.55 -34.64
N THR C 69 15.91 11.13 -35.18
CA THR C 69 14.83 12.05 -35.62
C THR C 69 14.24 12.77 -34.38
N SER C 70 13.74 12.01 -33.42
CA SER C 70 13.07 12.53 -32.21
C SER C 70 14.10 13.02 -31.17
N ARG C 71 15.39 12.69 -31.32
CA ARG C 71 16.46 12.92 -30.30
C ARG C 71 16.00 12.35 -28.94
N ALA C 72 15.44 11.14 -28.95
CA ALA C 72 14.86 10.47 -27.77
C ALA C 72 15.12 8.98 -27.85
N THR C 73 15.10 8.30 -26.71
CA THR C 73 15.23 6.83 -26.63
C THR C 73 13.83 6.23 -26.65
N GLN C 74 13.76 4.98 -27.12
CA GLN C 74 12.53 4.16 -27.13
C GLN C 74 12.95 2.73 -26.80
N PHE C 75 11.98 1.94 -26.34
CA PHE C 75 12.16 0.51 -26.06
C PHE C 75 12.22 -0.21 -27.40
N PRO C 76 12.89 -1.38 -27.49
CA PRO C 76 12.85 -2.23 -28.67
C PRO C 76 11.40 -2.60 -29.04
N ASP C 77 11.15 -2.87 -30.33
CA ASP C 77 9.84 -3.34 -30.86
C ASP C 77 9.26 -4.37 -29.88
N GLY C 78 8.03 -4.13 -29.42
CA GLY C 78 7.23 -5.07 -28.63
C GLY C 78 7.78 -5.29 -27.22
N VAL C 79 8.50 -4.31 -26.67
CA VAL C 79 8.99 -4.32 -25.27
C VAL C 79 8.41 -3.13 -24.51
N ASP C 80 7.88 -3.38 -23.31
CA ASP C 80 7.58 -2.31 -22.34
C ASP C 80 8.42 -2.54 -21.08
N VAL C 81 8.98 -1.46 -20.53
CA VAL C 81 9.74 -1.46 -19.26
C VAL C 81 9.07 -0.46 -18.32
N ARG C 82 8.68 -0.92 -17.13
CA ARG C 82 8.08 -0.04 -16.12
C ARG C 82 8.89 -0.12 -14.83
N VAL C 83 8.71 0.92 -14.02
CA VAL C 83 9.30 1.12 -12.68
C VAL C 83 8.25 0.74 -11.64
N PRO C 84 8.37 -0.42 -10.96
CA PRO C 84 7.43 -0.74 -9.89
C PRO C 84 7.81 0.04 -8.62
N GLY C 85 6.84 0.23 -7.74
CA GLY C 85 7.08 0.56 -6.33
C GLY C 85 7.31 2.04 -6.11
N PHE C 86 6.83 2.90 -7.02
CA PHE C 86 6.92 4.36 -6.80
C PHE C 86 6.04 4.69 -5.58
N GLY C 87 6.58 5.41 -4.60
CA GLY C 87 5.88 5.72 -3.32
C GLY C 87 6.06 4.63 -2.28
N LYS C 88 6.67 3.50 -2.65
CA LYS C 88 7.03 2.37 -1.76
C LYS C 88 8.54 2.28 -1.64
N THR C 89 9.05 1.32 -0.88
CA THR C 89 10.51 1.11 -0.67
C THR C 89 10.98 -0.24 -1.21
N PHE C 90 10.10 -1.22 -1.45
CA PHE C 90 10.54 -2.60 -1.78
C PHE C 90 11.52 -2.57 -2.97
N SER C 91 11.25 -1.74 -3.97
CA SER C 91 11.91 -1.81 -5.30
C SER C 91 13.30 -1.17 -5.24
N LEU C 92 13.60 -0.38 -4.21
CA LEU C 92 15.01 0.07 -4.00
C LEU C 92 15.64 -0.55 -2.74
N GLU C 93 14.89 -1.24 -1.87
CA GLU C 93 15.50 -2.05 -0.77
C GLU C 93 16.21 -3.27 -1.38
N PHE C 94 15.55 -3.95 -2.31
CA PHE C 94 16.02 -5.19 -2.98
C PHE C 94 15.90 -5.02 -4.48
N LEU C 95 17.04 -5.08 -5.18
CA LEU C 95 17.05 -5.00 -6.66
C LEU C 95 16.55 -6.33 -7.21
N ASP C 96 16.86 -7.42 -6.50
CA ASP C 96 16.40 -8.79 -6.87
C ASP C 96 15.18 -9.09 -6.01
N PRO C 97 13.98 -9.28 -6.59
CA PRO C 97 12.77 -9.53 -5.80
C PRO C 97 12.82 -10.90 -5.07
N SER C 98 13.71 -11.81 -5.45
CA SER C 98 14.05 -13.04 -4.68
C SER C 98 14.73 -12.65 -3.36
N LYS C 99 15.18 -11.39 -3.24
CA LYS C 99 15.71 -10.75 -2.00
C LYS C 99 17.07 -11.34 -1.62
N SER C 100 17.79 -11.97 -2.56
CA SER C 100 19.21 -12.36 -2.39
C SER C 100 20.03 -11.13 -1.99
N SER C 101 21.03 -11.32 -1.13
CA SER C 101 21.91 -10.28 -0.53
C SER C 101 22.63 -9.50 -1.63
N VAL C 102 22.90 -10.14 -2.77
CA VAL C 102 23.54 -9.52 -3.97
C VAL C 102 22.75 -8.24 -4.36
N GLY C 103 21.41 -8.28 -4.29
CA GLY C 103 20.54 -7.14 -4.65
C GLY C 103 20.21 -6.23 -3.48
N SER C 104 20.78 -6.46 -2.30
CA SER C 104 20.46 -5.67 -1.10
C SER C 104 21.07 -4.29 -1.27
N TYR C 105 20.25 -3.26 -1.43
CA TYR C 105 20.70 -1.88 -1.73
C TYR C 105 20.29 -0.93 -0.59
N PHE C 106 19.04 -0.45 -0.55
CA PHE C 106 18.55 0.47 0.52
C PHE C 106 18.00 -0.34 1.72
N HIS C 107 17.99 -1.67 1.63
CA HIS C 107 17.31 -2.55 2.63
C HIS C 107 17.79 -2.24 4.06
N THR C 108 19.10 -2.20 4.28
CA THR C 108 19.69 -1.95 5.63
C THR C 108 19.21 -0.59 6.14
N MET C 109 19.27 0.44 5.30
CA MET C 109 18.87 1.82 5.70
C MET C 109 17.39 1.84 6.07
N VAL C 110 16.54 1.15 5.33
CA VAL C 110 15.07 1.17 5.58
C VAL C 110 14.77 0.37 6.87
N GLU C 111 15.45 -0.75 7.08
CA GLU C 111 15.38 -1.51 8.38
C GLU C 111 15.70 -0.54 9.54
N SER C 112 16.76 0.27 9.40
CA SER C 112 17.13 1.29 10.41
C SER C 112 16.00 2.32 10.56
N LEU C 113 15.53 2.90 9.46
CA LEU C 113 14.44 3.92 9.48
C LEU C 113 13.21 3.37 10.22
N VAL C 114 12.80 2.15 9.87
CA VAL C 114 11.62 1.49 10.49
C VAL C 114 11.89 1.24 11.99
N GLY C 115 13.10 0.81 12.35
CA GLY C 115 13.54 0.73 13.75
C GLY C 115 13.41 2.07 14.49
N TRP C 116 13.59 3.21 13.81
CA TRP C 116 13.49 4.56 14.42
C TRP C 116 12.05 5.06 14.39
N GLY C 117 11.13 4.25 13.85
CA GLY C 117 9.68 4.47 13.95
C GLY C 117 9.03 4.89 12.65
N TYR C 118 9.77 4.89 11.53
CA TYR C 118 9.22 5.20 10.18
C TYR C 118 8.35 4.03 9.75
N THR C 119 7.43 4.28 8.82
CA THR C 119 6.51 3.26 8.25
C THR C 119 6.70 3.22 6.74
N ARG C 120 7.01 2.04 6.19
CA ARG C 120 7.26 1.83 4.74
C ARG C 120 6.01 2.23 3.96
N GLY C 121 6.16 3.02 2.90
CA GLY C 121 5.05 3.44 2.02
C GLY C 121 4.25 4.58 2.60
N GLU C 122 4.56 5.01 3.84
N GLU C 122 4.57 5.01 3.84
CA GLU C 122 3.85 6.13 4.51
CA GLU C 122 3.84 6.13 4.52
C GLU C 122 4.81 7.30 4.66
C GLU C 122 4.81 7.30 4.66
N ASP C 123 5.49 7.45 5.80
CA ASP C 123 6.36 8.63 6.03
C ASP C 123 7.80 8.33 5.56
N VAL C 124 8.06 7.13 5.05
CA VAL C 124 9.28 6.86 4.22
C VAL C 124 8.80 6.23 2.92
N ARG C 125 9.15 6.87 1.79
CA ARG C 125 8.74 6.41 0.45
C ARG C 125 9.96 6.48 -0.48
N GLY C 126 10.01 5.53 -1.42
CA GLY C 126 11.01 5.54 -2.49
C GLY C 126 10.53 6.34 -3.69
N ALA C 127 11.48 6.92 -4.41
CA ALA C 127 11.28 7.59 -5.72
C ALA C 127 12.10 6.86 -6.78
N PRO C 128 11.79 5.58 -7.09
CA PRO C 128 12.52 4.84 -8.12
C PRO C 128 12.19 5.43 -9.48
N TYR C 129 13.10 5.25 -10.42
CA TYR C 129 12.93 5.80 -11.79
C TYR C 129 13.67 4.89 -12.78
N ASP C 130 13.45 5.16 -14.05
CA ASP C 130 14.13 4.44 -15.13
C ASP C 130 15.53 5.04 -15.25
N TRP C 131 16.48 4.47 -14.50
CA TRP C 131 17.85 5.01 -14.37
C TRP C 131 18.66 4.84 -15.67
N ARG C 132 18.13 4.13 -16.67
CA ARG C 132 18.75 4.05 -18.02
C ARG C 132 18.69 5.43 -18.68
N ARG C 133 17.73 6.26 -18.29
CA ARG C 133 17.49 7.58 -18.92
C ARG C 133 18.07 8.69 -18.06
N ALA C 134 18.35 9.84 -18.69
CA ALA C 134 18.71 11.10 -18.00
C ALA C 134 17.42 11.86 -17.71
N PRO C 135 17.46 12.94 -16.88
CA PRO C 135 16.25 13.68 -16.53
C PRO C 135 15.41 14.21 -17.71
N ASN C 136 16.03 14.46 -18.86
CA ASN C 136 15.32 14.99 -20.06
C ASN C 136 14.25 13.98 -20.50
N GLU C 137 14.37 12.70 -20.11
CA GLU C 137 13.36 11.68 -20.50
C GLU C 137 12.67 11.11 -19.27
N ASN C 138 12.59 11.87 -18.18
CA ASN C 138 11.89 11.43 -16.94
C ASN C 138 11.04 12.58 -16.41
N GLY C 139 10.45 13.38 -17.30
CA GLY C 139 9.49 14.45 -16.96
C GLY C 139 8.41 13.96 -16.01
N PRO C 140 7.63 12.92 -16.39
CA PRO C 140 6.58 12.37 -15.52
C PRO C 140 7.06 12.00 -14.10
N TYR C 141 8.25 11.40 -13.97
CA TYR C 141 8.86 11.09 -12.66
C TYR C 141 8.95 12.35 -11.78
N PHE C 142 9.46 13.45 -12.30
CA PHE C 142 9.63 14.70 -11.52
C PHE C 142 8.27 15.28 -11.13
N LEU C 143 7.25 15.18 -12.00
CA LEU C 143 5.89 15.65 -11.65
C LEU C 143 5.39 14.76 -10.49
N ALA C 144 5.55 13.44 -10.60
CA ALA C 144 5.12 12.49 -9.56
C ALA C 144 5.86 12.78 -8.26
N LEU C 145 7.17 13.08 -8.34
CA LEU C 145 8.00 13.38 -7.15
C LEU C 145 7.48 14.65 -6.45
N ARG C 146 7.18 15.70 -7.22
CA ARG C 146 6.65 16.97 -6.68
C ARG C 146 5.35 16.67 -5.94
N GLU C 147 4.45 15.90 -6.58
CA GLU C 147 3.11 15.58 -6.03
C GLU C 147 3.28 14.74 -4.75
N MET C 148 4.18 13.76 -4.74
CA MET C 148 4.42 12.86 -3.58
C MET C 148 4.99 13.69 -2.41
N ILE C 149 5.92 14.60 -2.67
CA ILE C 149 6.48 15.46 -1.60
C ILE C 149 5.35 16.30 -0.99
N GLU C 150 4.48 16.87 -1.82
CA GLU C 150 3.36 17.76 -1.36
C GLU C 150 2.38 16.92 -0.52
N GLU C 151 2.00 15.74 -1.01
N GLU C 151 2.00 15.73 -1.01
CA GLU C 151 1.11 14.80 -0.31
CA GLU C 151 1.11 14.77 -0.30
C GLU C 151 1.71 14.44 1.06
C GLU C 151 1.70 14.43 1.06
N MET C 152 3.00 14.10 1.12
CA MET C 152 3.65 13.67 2.39
C MET C 152 3.69 14.86 3.34
N TYR C 153 3.90 16.06 2.82
CA TYR C 153 3.90 17.30 3.63
C TYR C 153 2.52 17.43 4.31
N GLN C 154 1.47 17.19 3.54
CA GLN C 154 0.06 17.40 3.96
C GLN C 154 -0.32 16.33 4.98
N LEU C 155 0.00 15.07 4.73
CA LEU C 155 -0.38 13.94 5.61
C LEU C 155 0.39 13.99 6.93
N TYR C 156 1.70 14.24 6.90
CA TYR C 156 2.56 14.02 8.10
C TYR C 156 2.93 15.36 8.74
N GLY C 157 2.43 16.48 8.20
CA GLY C 157 2.50 17.80 8.85
C GLY C 157 3.90 18.41 8.88
N GLY C 158 4.73 18.20 7.86
CA GLY C 158 6.06 18.86 7.83
C GLY C 158 6.84 18.64 6.55
N PRO C 159 7.85 19.50 6.30
CA PRO C 159 8.72 19.37 5.13
C PRO C 159 9.53 18.07 5.11
N VAL C 160 9.89 17.60 3.92
CA VAL C 160 10.50 16.25 3.73
C VAL C 160 12.03 16.35 3.65
N VAL C 161 12.69 15.31 4.14
CA VAL C 161 14.14 15.09 3.93
C VAL C 161 14.30 14.17 2.71
N LEU C 162 15.05 14.64 1.72
CA LEU C 162 15.45 13.87 0.53
C LEU C 162 16.78 13.18 0.86
N VAL C 163 16.85 11.87 0.65
CA VAL C 163 18.09 11.07 0.85
C VAL C 163 18.37 10.42 -0.48
N ALA C 164 19.49 10.76 -1.11
CA ALA C 164 19.83 10.29 -2.45
C ALA C 164 21.22 9.67 -2.44
N HIS C 165 21.38 8.64 -3.25
CA HIS C 165 22.66 7.91 -3.42
C HIS C 165 23.11 8.01 -4.88
N SER C 166 24.38 8.26 -5.09
CA SER C 166 25.04 8.19 -6.41
C SER C 166 24.27 9.10 -7.38
N MET C 167 23.85 8.58 -8.53
CA MET C 167 23.23 9.40 -9.62
C MET C 167 21.92 10.04 -9.14
N GLY C 168 21.29 9.47 -8.09
CA GLY C 168 20.05 9.99 -7.51
C GLY C 168 20.25 11.42 -7.07
N ASN C 169 21.47 11.78 -6.70
CA ASN C 169 21.83 13.15 -6.24
C ASN C 169 21.71 14.12 -7.43
N MET C 170 22.04 13.65 -8.63
CA MET C 170 21.99 14.49 -9.85
C MET C 170 20.53 14.67 -10.28
N TYR C 171 19.74 13.61 -10.24
CA TYR C 171 18.26 13.63 -10.43
C TYR C 171 17.65 14.62 -9.43
N THR C 172 18.05 14.54 -8.16
CA THR C 172 17.48 15.39 -7.08
C THR C 172 17.90 16.86 -7.30
N LEU C 173 19.15 17.09 -7.69
CA LEU C 173 19.65 18.47 -7.97
C LEU C 173 18.87 19.06 -9.15
N TYR C 174 18.68 18.28 -10.22
CA TYR C 174 17.92 18.69 -11.43
C TYR C 174 16.53 19.14 -11.00
N PHE C 175 15.88 18.31 -10.18
CA PHE C 175 14.53 18.58 -9.61
C PHE C 175 14.54 19.91 -8.84
N LEU C 176 15.45 20.07 -7.89
CA LEU C 176 15.45 21.24 -6.96
C LEU C 176 15.77 22.53 -7.72
N GLN C 177 16.67 22.47 -8.71
CA GLN C 177 17.07 23.62 -9.57
C GLN C 177 15.83 24.18 -10.28
N ARG C 178 14.82 23.36 -10.54
CA ARG C 178 13.62 23.74 -11.34
C ARG C 178 12.40 23.99 -10.45
N GLN C 179 12.51 23.86 -9.14
CA GLN C 179 11.39 24.27 -8.25
C GLN C 179 11.70 25.67 -7.74
N PRO C 180 10.70 26.57 -7.70
CA PRO C 180 10.85 27.89 -7.08
C PRO C 180 11.39 27.79 -5.64
N GLN C 181 12.19 28.77 -5.22
CA GLN C 181 12.77 28.82 -3.86
C GLN C 181 11.62 28.74 -2.81
N ALA C 182 10.50 29.41 -3.06
CA ALA C 182 9.36 29.46 -2.11
C ALA C 182 8.83 28.03 -1.89
N TRP C 183 8.76 27.23 -2.96
CA TRP C 183 8.29 25.84 -2.90
C TRP C 183 9.26 25.01 -2.04
N LYS C 184 10.55 25.18 -2.26
CA LYS C 184 11.59 24.39 -1.55
C LYS C 184 11.60 24.75 -0.08
N ASP C 185 11.46 26.05 0.26
CA ASP C 185 11.47 26.53 1.66
C ASP C 185 10.28 25.92 2.40
N LYS C 186 9.15 25.74 1.74
CA LYS C 186 7.95 25.13 2.36
C LYS C 186 8.11 23.61 2.47
N TYR C 187 8.49 22.92 1.39
CA TYR C 187 8.26 21.45 1.23
C TYR C 187 9.51 20.64 1.58
N ILE C 188 10.70 21.24 1.51
CA ILE C 188 11.99 20.51 1.71
C ILE C 188 12.63 20.96 3.01
N ARG C 189 12.86 20.01 3.90
CA ARG C 189 13.59 20.22 5.17
C ARG C 189 15.10 20.16 4.91
N ALA C 190 15.56 19.10 4.24
CA ALA C 190 17.00 18.91 3.96
C ALA C 190 17.19 17.89 2.83
N PHE C 191 18.40 17.93 2.28
CA PHE C 191 18.89 17.03 1.22
C PHE C 191 20.13 16.35 1.79
N VAL C 192 20.02 15.05 2.06
CA VAL C 192 21.16 14.20 2.49
C VAL C 192 21.70 13.52 1.23
N SER C 193 22.90 13.92 0.85
CA SER C 193 23.56 13.57 -0.44
C SER C 193 24.64 12.50 -0.17
N LEU C 194 24.41 11.27 -0.60
CA LEU C 194 25.35 10.14 -0.34
C LEU C 194 26.06 9.76 -1.64
N GLY C 195 27.38 9.95 -1.69
CA GLY C 195 28.24 9.52 -2.81
C GLY C 195 27.78 10.14 -4.12
N ALA C 196 27.62 11.46 -4.14
CA ALA C 196 27.10 12.23 -5.29
C ALA C 196 28.20 12.43 -6.33
N PRO C 197 28.02 11.96 -7.59
CA PRO C 197 28.97 12.21 -8.67
C PRO C 197 28.70 13.56 -9.36
N TRP C 198 28.78 14.64 -8.59
CA TRP C 198 28.75 16.01 -9.15
C TRP C 198 29.88 16.07 -10.19
N GLY C 199 29.64 16.66 -11.35
CA GLY C 199 30.71 16.76 -12.37
C GLY C 199 31.07 15.43 -13.04
N GLY C 200 30.30 14.36 -12.82
CA GLY C 200 30.50 13.08 -13.54
C GLY C 200 31.60 12.25 -12.89
N VAL C 201 31.90 11.07 -13.43
CA VAL C 201 32.93 10.14 -12.91
C VAL C 201 33.77 9.62 -14.09
N ALA C 202 35.07 9.46 -13.84
CA ALA C 202 36.06 9.05 -14.86
C ALA C 202 35.65 7.70 -15.47
N LYS C 203 35.06 6.84 -14.65
CA LYS C 203 34.77 5.41 -14.96
C LYS C 203 33.86 5.32 -16.21
N THR C 204 33.05 6.35 -16.48
CA THR C 204 32.16 6.37 -17.67
C THR C 204 32.96 6.23 -18.97
N LEU C 205 34.17 6.80 -19.05
CA LEU C 205 34.99 6.72 -20.28
C LEU C 205 35.25 5.25 -20.63
N ARG C 206 35.64 4.45 -19.65
CA ARG C 206 36.01 3.03 -19.88
C ARG C 206 34.76 2.24 -20.27
N VAL C 207 33.66 2.43 -19.53
CA VAL C 207 32.36 1.76 -19.80
C VAL C 207 32.04 1.94 -21.29
N LEU C 208 32.08 3.18 -21.77
CA LEU C 208 31.68 3.55 -23.16
C LEU C 208 32.69 3.01 -24.17
N ALA C 209 33.99 3.07 -23.88
CA ALA C 209 35.04 2.67 -24.84
C ALA C 209 35.04 1.13 -25.01
N SER C 210 35.24 0.41 -23.91
CA SER C 210 35.61 -1.03 -23.90
C SER C 210 34.66 -1.88 -23.05
N GLY C 211 33.67 -1.28 -22.37
CA GLY C 211 32.70 -2.03 -21.55
C GLY C 211 33.24 -2.34 -20.17
N ASP C 212 32.36 -2.64 -19.22
CA ASP C 212 32.73 -2.95 -17.81
C ASP C 212 31.90 -4.15 -17.36
N ASN C 213 32.57 -5.30 -17.22
CA ASN C 213 31.98 -6.58 -16.75
C ASN C 213 32.45 -6.86 -15.33
N ASN C 214 32.96 -5.86 -14.60
CA ASN C 214 33.66 -6.07 -13.29
C ASN C 214 32.79 -6.91 -12.36
N ARG C 215 31.49 -6.64 -12.34
CA ARG C 215 30.52 -7.30 -11.43
C ARG C 215 29.81 -8.46 -12.15
N ILE C 216 30.37 -8.97 -13.25
CA ILE C 216 29.75 -10.05 -14.08
C ILE C 216 30.82 -10.73 -14.94
N PRO C 217 31.94 -11.17 -14.31
CA PRO C 217 33.16 -11.53 -15.05
C PRO C 217 33.00 -12.70 -16.03
N VAL C 218 31.90 -13.46 -15.91
CA VAL C 218 31.62 -14.62 -16.82
C VAL C 218 31.25 -14.08 -18.22
N ILE C 219 30.70 -12.86 -18.30
CA ILE C 219 30.28 -12.20 -19.58
C ILE C 219 31.39 -11.29 -20.11
N GLY C 220 31.54 -11.32 -21.43
CA GLY C 220 32.50 -10.49 -22.19
C GLY C 220 32.22 -8.99 -22.06
N PRO C 221 33.27 -8.17 -21.80
CA PRO C 221 33.07 -6.73 -21.63
C PRO C 221 32.48 -6.09 -22.90
N LEU C 222 32.83 -6.60 -24.09
CA LEU C 222 32.36 -6.08 -25.41
C LEU C 222 30.86 -6.38 -25.59
N LYS C 223 30.38 -7.45 -24.98
CA LYS C 223 28.95 -7.85 -25.04
C LYS C 223 28.11 -6.92 -24.16
N ILE C 224 28.50 -6.74 -22.91
CA ILE C 224 27.77 -5.85 -21.96
C ILE C 224 27.91 -4.38 -22.39
N ARG C 225 28.95 -4.04 -23.14
CA ARG C 225 29.18 -2.67 -23.65
C ARG C 225 27.97 -2.22 -24.47
N GLU C 226 27.36 -3.13 -25.25
CA GLU C 226 26.17 -2.82 -26.10
C GLU C 226 25.08 -2.19 -25.23
N GLN C 227 24.78 -2.82 -24.08
CA GLN C 227 23.72 -2.35 -23.16
C GLN C 227 24.16 -1.04 -22.48
N GLN C 228 25.39 -1.00 -22.02
CA GLN C 228 25.90 0.11 -21.18
C GLN C 228 25.93 1.40 -22.01
N ARG C 229 26.23 1.30 -23.31
CA ARG C 229 26.29 2.46 -24.24
C ARG C 229 24.88 2.99 -24.50
N SER C 230 23.89 2.08 -24.59
CA SER C 230 22.49 2.38 -24.94
C SER C 230 21.83 3.21 -23.83
N ALA C 231 22.33 3.13 -22.61
CA ALA C 231 21.83 3.88 -21.43
C ALA C 231 22.29 5.34 -21.50
N VAL C 232 21.38 6.27 -21.74
CA VAL C 232 21.68 7.73 -21.81
C VAL C 232 22.39 8.17 -20.53
N SER C 233 21.97 7.67 -19.37
CA SER C 233 22.58 8.02 -18.06
C SER C 233 24.11 7.84 -18.12
N THR C 234 24.64 6.89 -18.88
CA THR C 234 26.11 6.66 -18.92
C THR C 234 26.80 7.89 -19.55
N SER C 235 26.33 8.36 -20.70
CA SER C 235 26.90 9.54 -21.41
C SER C 235 26.68 10.82 -20.58
N TRP C 236 25.56 10.88 -19.85
CA TRP C 236 25.19 12.01 -18.96
C TRP C 236 26.25 12.17 -17.87
N LEU C 237 26.82 11.07 -17.38
CA LEU C 237 27.78 11.11 -16.24
C LEU C 237 29.25 11.19 -16.69
N LEU C 238 29.53 11.48 -17.98
CA LEU C 238 30.94 11.78 -18.39
C LEU C 238 31.36 13.04 -17.65
N PRO C 239 32.66 13.11 -17.27
CA PRO C 239 33.20 14.27 -16.58
C PRO C 239 32.79 15.62 -17.21
N TYR C 240 32.49 16.59 -16.34
CA TYR C 240 32.14 17.99 -16.69
C TYR C 240 33.29 18.90 -16.27
N ASN C 241 33.39 20.04 -16.94
CA ASN C 241 34.48 21.04 -16.76
C ASN C 241 34.26 21.90 -15.52
N TYR C 242 33.14 21.81 -14.82
CA TYR C 242 32.97 22.58 -13.55
C TYR C 242 33.63 21.81 -12.41
N THR C 243 34.06 20.57 -12.61
CA THR C 243 34.75 19.72 -11.62
C THR C 243 36.19 19.47 -12.05
N TRP C 244 36.37 19.09 -13.32
CA TRP C 244 37.66 18.61 -13.87
C TRP C 244 38.26 19.69 -14.76
N SER C 245 39.60 19.79 -14.75
CA SER C 245 40.37 20.59 -15.71
C SER C 245 39.99 20.15 -17.13
N PRO C 246 39.69 21.09 -18.04
CA PRO C 246 39.54 20.77 -19.46
C PRO C 246 40.75 20.09 -20.12
N GLU C 247 41.93 20.18 -19.51
CA GLU C 247 43.21 19.64 -20.05
C GLU C 247 43.52 18.25 -19.46
N LYS C 248 42.73 17.78 -18.48
CA LYS C 248 42.92 16.47 -17.83
C LYS C 248 42.61 15.35 -18.85
N VAL C 249 43.58 14.46 -19.06
CA VAL C 249 43.45 13.31 -20.00
C VAL C 249 42.79 12.14 -19.27
N PHE C 250 41.64 11.70 -19.74
CA PHE C 250 40.86 10.57 -19.15
C PHE C 250 41.24 9.27 -19.87
N VAL C 251 41.48 9.39 -21.17
CA VAL C 251 41.80 8.23 -22.04
C VAL C 251 43.04 8.58 -22.86
N GLN C 252 44.09 7.79 -22.70
CA GLN C 252 45.31 7.82 -23.53
C GLN C 252 45.40 6.52 -24.34
N THR C 253 45.70 6.65 -25.63
CA THR C 253 45.98 5.52 -26.57
C THR C 253 47.35 5.80 -27.17
N PRO C 254 47.92 4.86 -27.97
CA PRO C 254 49.21 5.09 -28.61
C PRO C 254 49.20 6.33 -29.53
N THR C 255 48.05 6.70 -30.10
CA THR C 255 47.96 7.74 -31.15
C THR C 255 47.17 8.97 -30.71
N ILE C 256 46.40 8.92 -29.62
CA ILE C 256 45.46 10.05 -29.32
C ILE C 256 45.13 10.08 -27.83
N ASN C 257 44.94 11.28 -27.31
CA ASN C 257 44.37 11.59 -25.99
C ASN C 257 42.92 12.07 -26.12
N TYR C 258 42.13 11.84 -25.06
CA TYR C 258 40.76 12.37 -24.91
C TYR C 258 40.62 13.02 -23.53
N THR C 259 40.44 14.33 -23.54
CA THR C 259 40.03 15.16 -22.39
C THR C 259 38.52 15.32 -22.46
N LEU C 260 37.91 16.09 -21.55
CA LEU C 260 36.46 16.33 -21.57
C LEU C 260 36.10 17.29 -22.72
N ARG C 261 37.08 17.86 -23.42
CA ARG C 261 36.83 18.73 -24.59
C ARG C 261 36.86 17.90 -25.88
N ASP C 262 37.02 16.59 -25.76
CA ASP C 262 37.24 15.71 -26.95
C ASP C 262 36.15 14.65 -27.07
N TYR C 263 34.97 14.84 -26.49
CA TYR C 263 33.94 13.77 -26.45
C TYR C 263 33.42 13.47 -27.86
N ARG C 264 33.26 14.47 -28.73
CA ARG C 264 32.78 14.23 -30.12
C ARG C 264 33.77 13.30 -30.84
N LYS C 265 35.08 13.57 -30.77
CA LYS C 265 36.13 12.68 -31.35
C LYS C 265 36.06 11.31 -30.70
N PHE C 266 35.94 11.28 -29.37
CA PHE C 266 35.89 10.01 -28.59
C PHE C 266 34.76 9.13 -29.13
N PHE C 267 33.56 9.70 -29.29
CA PHE C 267 32.36 8.94 -29.74
C PHE C 267 32.56 8.48 -31.20
N GLN C 268 33.15 9.32 -32.05
CA GLN C 268 33.50 8.92 -33.44
C GLN C 268 34.47 7.73 -33.39
N ASP C 269 35.54 7.82 -32.59
CA ASP C 269 36.68 6.88 -32.63
C ASP C 269 36.30 5.54 -32.01
N ILE C 270 35.29 5.46 -31.14
CA ILE C 270 34.83 4.17 -30.54
C ILE C 270 33.70 3.56 -31.37
N GLY C 271 33.22 4.27 -32.41
CA GLY C 271 32.15 3.78 -33.29
C GLY C 271 30.77 3.90 -32.65
N PHE C 272 30.54 4.95 -31.85
CA PHE C 272 29.25 5.15 -31.14
C PHE C 272 28.86 6.63 -31.17
N GLU C 273 28.42 7.08 -32.35
CA GLU C 273 28.08 8.50 -32.61
C GLU C 273 26.81 8.86 -31.85
N ASP C 274 25.93 7.91 -31.58
CA ASP C 274 24.69 8.15 -30.78
C ASP C 274 25.05 8.73 -29.41
N GLY C 275 26.19 8.34 -28.83
CA GLY C 275 26.63 8.81 -27.50
C GLY C 275 26.87 10.31 -27.49
N TRP C 276 27.45 10.84 -28.57
CA TRP C 276 27.68 12.30 -28.74
C TRP C 276 26.34 13.04 -28.73
N LEU C 277 25.36 12.52 -29.48
CA LEU C 277 23.99 13.07 -29.51
C LEU C 277 23.39 13.01 -28.10
N MET C 278 23.57 11.91 -27.38
CA MET C 278 23.12 11.75 -25.97
C MET C 278 23.82 12.78 -25.08
N ARG C 279 25.11 13.03 -25.29
CA ARG C 279 25.85 13.99 -24.43
C ARG C 279 25.31 15.39 -24.71
N GLN C 280 25.08 15.75 -25.97
CA GLN C 280 24.47 17.05 -26.35
C GLN C 280 23.09 17.18 -25.70
N ASP C 281 22.27 16.13 -25.76
CA ASP C 281 20.90 16.13 -25.18
C ASP C 281 20.98 16.44 -23.68
N THR C 282 22.02 16.00 -22.96
CA THR C 282 21.96 15.90 -21.47
C THR C 282 22.95 16.83 -20.76
N GLU C 283 23.96 17.37 -21.45
CA GLU C 283 25.11 18.07 -20.79
C GLU C 283 24.64 19.37 -20.11
N GLY C 284 23.58 20.02 -20.62
CA GLY C 284 23.05 21.28 -20.08
C GLY C 284 21.96 21.08 -19.05
N LEU C 285 21.55 19.84 -18.73
CA LEU C 285 20.34 19.60 -17.89
C LEU C 285 20.55 20.16 -16.50
N VAL C 286 21.69 19.84 -15.87
CA VAL C 286 22.03 20.31 -14.50
C VAL C 286 22.90 21.56 -14.63
N GLU C 287 22.39 22.70 -14.16
CA GLU C 287 23.10 24.00 -14.23
C GLU C 287 24.40 23.87 -13.44
N ALA C 288 25.52 24.15 -14.10
CA ALA C 288 26.92 23.96 -13.63
C ALA C 288 27.10 24.47 -12.19
N THR C 289 26.71 25.72 -11.94
CA THR C 289 27.07 26.48 -10.72
C THR C 289 25.94 26.48 -9.69
N MET C 290 24.67 26.47 -10.13
CA MET C 290 23.48 26.79 -9.32
C MET C 290 23.28 25.73 -8.24
N PRO C 291 23.26 26.13 -6.95
CA PRO C 291 23.13 25.19 -5.83
C PRO C 291 21.69 24.73 -5.65
N PRO C 292 21.41 23.67 -4.86
CA PRO C 292 20.05 23.18 -4.70
C PRO C 292 19.09 24.15 -3.98
N GLY C 293 19.62 25.04 -3.13
CA GLY C 293 18.84 26.04 -2.40
C GLY C 293 18.11 25.43 -1.21
N VAL C 294 18.69 24.40 -0.59
CA VAL C 294 18.12 23.71 0.60
C VAL C 294 19.29 23.28 1.50
N GLN C 295 19.00 23.06 2.78
CA GLN C 295 19.99 22.49 3.72
C GLN C 295 20.52 21.19 3.10
N LEU C 296 21.83 21.12 2.95
CA LEU C 296 22.53 20.05 2.20
C LEU C 296 23.58 19.39 3.09
N HIS C 297 23.54 18.06 3.19
CA HIS C 297 24.56 17.23 3.87
C HIS C 297 25.26 16.40 2.80
N CYS C 298 26.51 16.76 2.50
CA CYS C 298 27.35 16.14 1.46
CA CYS C 298 27.35 16.15 1.45
C CYS C 298 28.24 15.05 2.07
N LEU C 299 27.82 13.81 1.95
CA LEU C 299 28.58 12.66 2.51
C LEU C 299 29.30 11.97 1.34
N TYR C 300 30.63 11.86 1.42
CA TYR C 300 31.50 11.31 0.35
C TYR C 300 32.59 10.43 0.97
N GLY C 301 32.81 9.27 0.35
CA GLY C 301 33.86 8.31 0.72
C GLY C 301 35.21 8.75 0.17
N THR C 302 36.27 8.52 0.96
CA THR C 302 37.70 8.73 0.61
C THR C 302 38.49 7.47 0.96
N GLY C 303 39.73 7.40 0.48
CA GLY C 303 40.69 6.33 0.79
C GLY C 303 40.34 5.02 0.10
N VAL C 304 39.49 5.04 -0.93
CA VAL C 304 39.25 3.84 -1.78
C VAL C 304 39.80 4.14 -3.16
N PRO C 305 40.75 3.33 -3.69
CA PRO C 305 41.25 3.56 -5.05
C PRO C 305 40.08 3.70 -6.02
N THR C 306 40.05 4.81 -6.77
CA THR C 306 38.93 5.20 -7.67
C THR C 306 39.47 5.44 -9.08
N PRO C 307 38.99 4.72 -10.13
CA PRO C 307 39.49 4.94 -11.48
C PRO C 307 39.42 6.44 -11.79
N ASP C 308 40.51 6.96 -12.35
CA ASP C 308 40.74 8.39 -12.63
C ASP C 308 41.05 8.57 -14.13
N SER C 309 41.83 7.67 -14.72
CA SER C 309 42.26 7.74 -16.14
C SER C 309 42.57 6.33 -16.65
N PHE C 310 42.60 6.17 -17.97
CA PHE C 310 42.70 4.84 -18.64
C PHE C 310 43.73 4.90 -19.75
N TYR C 311 44.66 3.95 -19.72
N TYR C 311 44.62 3.91 -19.76
CA TYR C 311 45.71 3.78 -20.76
CA TYR C 311 45.73 3.76 -20.74
C TYR C 311 45.40 2.50 -21.57
C TYR C 311 45.43 2.50 -21.56
N TYR C 312 45.15 2.68 -22.86
CA TYR C 312 44.78 1.60 -23.81
C TYR C 312 45.96 1.32 -24.72
N GLU C 313 46.53 0.11 -24.67
CA GLU C 313 47.58 -0.35 -25.62
C GLU C 313 46.91 -0.63 -26.96
N SER C 314 45.64 -1.05 -26.91
CA SER C 314 44.78 -1.33 -28.08
C SER C 314 43.37 -0.81 -27.78
N PHE C 315 42.81 0.03 -28.67
CA PHE C 315 41.62 0.87 -28.41
C PHE C 315 40.66 0.80 -29.60
N PRO C 316 39.33 0.65 -29.39
CA PRO C 316 38.73 0.52 -28.05
C PRO C 316 38.29 -0.86 -27.54
N ASP C 317 38.69 -1.95 -28.21
CA ASP C 317 38.13 -3.31 -27.98
C ASP C 317 39.02 -4.14 -27.05
N ARG C 318 39.83 -3.52 -26.19
CA ARG C 318 40.63 -4.22 -25.16
C ARG C 318 40.61 -3.42 -23.86
N ASP C 319 40.53 -4.12 -22.72
CA ASP C 319 40.57 -3.53 -21.36
C ASP C 319 41.81 -2.63 -21.25
N PRO C 320 41.67 -1.44 -20.64
CA PRO C 320 42.81 -0.58 -20.39
C PRO C 320 43.53 -0.92 -19.09
N LYS C 321 44.74 -0.38 -18.93
CA LYS C 321 45.37 -0.23 -17.60
C LYS C 321 44.67 0.94 -16.92
N ILE C 322 44.50 0.86 -15.61
CA ILE C 322 43.75 1.88 -14.84
C ILE C 322 44.71 2.64 -13.92
N CYS C 323 44.56 3.95 -13.92
CA CYS C 323 45.25 4.89 -13.00
CA CYS C 323 45.24 4.90 -13.01
C CYS C 323 44.21 5.38 -11.99
N PHE C 324 44.53 5.28 -10.70
CA PHE C 324 43.56 5.51 -9.62
C PHE C 324 43.91 6.79 -8.88
N GLY C 325 42.87 7.50 -8.44
CA GLY C 325 42.96 8.62 -7.50
C GLY C 325 42.10 8.34 -6.29
N ASP C 326 41.81 9.38 -5.51
CA ASP C 326 41.05 9.23 -4.24
C ASP C 326 39.54 9.24 -4.58
N GLY C 327 38.73 8.72 -3.65
CA GLY C 327 37.25 8.65 -3.76
C GLY C 327 36.70 7.47 -2.97
N ASP C 328 35.57 6.93 -3.42
CA ASP C 328 34.85 5.81 -2.74
C ASP C 328 34.91 4.57 -3.63
N GLY C 329 35.79 4.55 -4.62
CA GLY C 329 35.92 3.40 -5.54
C GLY C 329 35.15 3.61 -6.83
N THR C 330 34.19 4.54 -6.84
CA THR C 330 33.31 4.83 -7.99
C THR C 330 33.31 6.33 -8.26
N VAL C 331 32.89 7.12 -7.27
CA VAL C 331 32.86 8.60 -7.31
C VAL C 331 34.24 9.14 -6.98
N ASN C 332 34.82 9.89 -7.91
CA ASN C 332 36.11 10.60 -7.77
C ASN C 332 35.94 11.65 -6.67
N LEU C 333 36.96 11.86 -5.84
CA LEU C 333 36.94 12.83 -4.72
C LEU C 333 36.62 14.24 -5.22
N LYS C 334 37.15 14.64 -6.37
CA LYS C 334 36.92 15.96 -7.00
C LYS C 334 35.43 16.30 -7.05
N SER C 335 34.54 15.31 -7.19
CA SER C 335 33.07 15.53 -7.18
C SER C 335 32.64 16.30 -5.91
N ALA C 336 33.22 16.01 -4.74
CA ALA C 336 32.98 16.72 -3.47
C ALA C 336 33.32 18.21 -3.55
N LEU C 337 34.29 18.62 -4.37
CA LEU C 337 34.62 20.07 -4.48
C LEU C 337 33.33 20.85 -4.77
N GLN C 338 32.39 20.24 -5.50
CA GLN C 338 31.16 20.95 -5.97
C GLN C 338 30.34 21.40 -4.74
N CYS C 339 30.20 20.54 -3.73
CA CYS C 339 29.53 20.88 -2.44
CA CYS C 339 29.54 20.87 -2.45
C CYS C 339 30.16 22.13 -1.84
N GLN C 340 31.49 22.16 -1.79
CA GLN C 340 32.27 23.27 -1.20
C GLN C 340 31.95 24.55 -1.96
N ALA C 341 31.88 24.49 -3.29
CA ALA C 341 31.56 25.64 -4.16
C ALA C 341 30.21 26.22 -3.78
N TRP C 342 29.27 25.37 -3.35
CA TRP C 342 27.87 25.77 -3.05
C TRP C 342 27.77 26.51 -1.71
N GLN C 343 28.70 26.32 -0.79
CA GLN C 343 28.70 27.02 0.54
C GLN C 343 28.49 28.53 0.34
N SER C 344 29.15 29.13 -0.63
CA SER C 344 29.17 30.61 -0.85
C SER C 344 28.07 31.06 -1.83
N ARG C 345 27.28 30.15 -2.38
CA ARG C 345 26.26 30.47 -3.42
C ARG C 345 24.83 30.29 -2.90
N GLN C 346 24.62 29.70 -1.72
CA GLN C 346 23.25 29.57 -1.13
C GLN C 346 23.31 29.95 0.34
N GLU C 347 22.21 30.52 0.83
CA GLU C 347 21.99 30.91 2.25
C GLU C 347 21.90 29.66 3.13
N HIS C 348 21.13 28.63 2.71
CA HIS C 348 20.99 27.37 3.47
C HIS C 348 22.37 26.75 3.68
N GLN C 349 22.58 26.12 4.85
CA GLN C 349 23.86 25.49 5.24
C GLN C 349 24.21 24.37 4.25
N VAL C 350 25.50 24.31 3.88
CA VAL C 350 26.11 23.13 3.23
C VAL C 350 27.11 22.52 4.23
N LEU C 351 26.82 21.34 4.75
CA LEU C 351 27.69 20.58 5.68
C LEU C 351 28.39 19.48 4.90
N LEU C 352 29.72 19.43 4.98
CA LEU C 352 30.56 18.40 4.32
C LEU C 352 30.92 17.34 5.35
N GLN C 353 30.84 16.07 4.98
CA GLN C 353 31.15 14.96 5.91
C GLN C 353 31.94 13.89 5.15
N GLU C 354 33.24 13.84 5.39
CA GLU C 354 34.11 12.77 4.85
C GLU C 354 33.77 11.45 5.54
N LEU C 355 33.72 10.37 4.78
CA LEU C 355 33.58 8.97 5.26
C LEU C 355 34.84 8.20 4.84
N PRO C 356 35.97 8.33 5.57
CA PRO C 356 37.23 7.72 5.15
C PRO C 356 37.10 6.19 5.21
N GLY C 357 37.53 5.53 4.14
CA GLY C 357 37.48 4.06 4.02
C GLY C 357 36.08 3.56 3.71
N SER C 358 35.14 4.43 3.30
CA SER C 358 33.74 4.02 2.99
C SER C 358 33.58 3.84 1.47
N GLU C 359 33.36 2.60 1.03
CA GLU C 359 33.14 2.24 -0.40
C GLU C 359 31.73 2.67 -0.81
N HIS C 360 31.58 2.97 -2.10
CA HIS C 360 30.42 3.67 -2.72
C HIS C 360 29.09 3.05 -2.25
N ILE C 361 28.94 1.74 -2.40
CA ILE C 361 27.68 1.02 -2.12
C ILE C 361 27.60 0.69 -0.62
N GLU C 362 28.70 0.23 -0.01
CA GLU C 362 28.70 -0.19 1.42
C GLU C 362 28.29 1.00 2.30
N MET C 363 28.51 2.25 1.87
CA MET C 363 28.17 3.43 2.71
C MET C 363 26.67 3.45 3.03
N LEU C 364 25.82 2.80 2.22
CA LEU C 364 24.35 2.72 2.46
C LEU C 364 23.97 1.78 3.62
N ALA C 365 24.87 0.88 4.02
CA ALA C 365 24.64 -0.15 5.07
C ALA C 365 25.63 0.08 6.22
N ASN C 366 26.29 1.24 6.23
CA ASN C 366 27.42 1.52 7.15
C ASN C 366 26.87 2.28 8.36
N ALA C 367 27.26 1.82 9.57
CA ALA C 367 26.79 2.30 10.88
C ALA C 367 27.04 3.80 11.04
N THR C 368 28.16 4.31 10.53
CA THR C 368 28.54 5.76 10.64
CA THR C 368 28.54 5.76 10.64
C THR C 368 27.59 6.59 9.76
N THR C 369 27.27 6.12 8.55
CA THR C 369 26.34 6.83 7.63
C THR C 369 24.96 6.88 8.30
N LEU C 370 24.51 5.74 8.80
CA LEU C 370 23.17 5.61 9.40
C LEU C 370 23.11 6.47 10.67
N ALA C 371 24.19 6.53 11.44
CA ALA C 371 24.25 7.36 12.67
C ALA C 371 24.10 8.84 12.27
N TYR C 372 24.73 9.24 11.17
CA TYR C 372 24.63 10.63 10.64
C TYR C 372 23.17 10.94 10.25
N LEU C 373 22.56 10.06 9.46
CA LEU C 373 21.16 10.23 8.99
C LEU C 373 20.23 10.31 10.20
N LYS C 374 20.49 9.49 11.23
CA LYS C 374 19.66 9.45 12.46
C LYS C 374 19.70 10.81 13.18
N ARG C 375 20.87 11.45 13.25
CA ARG C 375 21.01 12.81 13.82
C ARG C 375 20.17 13.80 12.98
N VAL C 376 20.22 13.69 11.65
CA VAL C 376 19.52 14.64 10.75
C VAL C 376 18.00 14.52 10.99
N LEU C 377 17.49 13.29 11.09
CA LEU C 377 16.03 13.02 11.13
C LEU C 377 15.47 13.25 12.54
N LEU C 378 16.11 12.69 13.57
CA LEU C 378 15.56 12.66 14.95
C LEU C 378 16.11 13.81 15.79
N GLY C 379 17.09 14.57 15.28
CA GLY C 379 17.54 15.82 15.90
C GLY C 379 18.54 15.59 17.03
N PRO C 380 18.92 16.66 17.78
CA PRO C 380 19.96 16.57 18.80
C PRO C 380 19.48 15.82 20.06
N HIS D 5 11.08 -19.55 0.82
CA HIS D 5 11.38 -18.44 1.80
C HIS D 5 10.29 -18.37 2.88
N PRO D 6 10.26 -19.37 3.79
CA PRO D 6 9.16 -19.50 4.74
C PRO D 6 9.26 -18.47 5.87
N PRO D 7 8.13 -18.06 6.48
CA PRO D 7 8.19 -17.12 7.59
C PRO D 7 8.88 -17.80 8.78
N VAL D 8 9.52 -16.99 9.62
CA VAL D 8 10.39 -17.46 10.72
C VAL D 8 9.95 -16.75 11.99
N VAL D 9 9.80 -17.55 13.05
CA VAL D 9 9.57 -17.07 14.43
C VAL D 9 10.76 -17.53 15.27
N LEU D 10 11.37 -16.56 15.97
CA LEU D 10 12.54 -16.76 16.84
C LEU D 10 12.06 -16.81 18.28
N VAL D 11 12.41 -17.87 19.01
CA VAL D 11 12.05 -18.05 20.44
C VAL D 11 13.35 -18.04 21.25
N PRO D 12 13.57 -17.01 22.08
CA PRO D 12 14.80 -16.92 22.85
C PRO D 12 14.82 -17.83 24.09
N GLY D 13 16.00 -17.91 24.71
CA GLY D 13 16.20 -18.65 25.95
C GLY D 13 16.04 -17.73 27.15
N ASP D 14 16.41 -18.28 28.30
CA ASP D 14 16.43 -17.58 29.60
C ASP D 14 17.33 -16.35 29.46
N LEU D 15 16.92 -15.19 30.00
CA LEU D 15 17.70 -13.92 29.92
C LEU D 15 17.73 -13.42 28.47
N GLY D 16 16.92 -13.99 27.58
CA GLY D 16 17.14 -13.94 26.12
C GLY D 16 16.33 -12.85 25.44
N ASN D 17 15.70 -11.95 26.19
CA ASN D 17 15.08 -10.75 25.59
C ASN D 17 14.97 -9.65 26.64
N GLN D 18 14.87 -8.41 26.17
CA GLN D 18 14.77 -7.23 27.05
C GLN D 18 13.53 -7.39 27.92
N LEU D 19 13.58 -6.80 29.12
CA LEU D 19 12.39 -6.56 29.98
C LEU D 19 12.43 -5.09 30.39
N GLU D 20 11.26 -4.50 30.56
CA GLU D 20 11.06 -3.10 30.99
C GLU D 20 10.24 -3.12 32.27
N ALA D 21 10.52 -2.15 33.14
CA ALA D 21 9.81 -1.98 34.42
C ALA D 21 9.31 -0.53 34.55
N LYS D 22 8.19 -0.37 35.25
CA LYS D 22 7.64 0.92 35.69
C LYS D 22 7.34 0.79 37.18
N LEU D 23 7.65 1.85 37.95
CA LEU D 23 7.65 1.80 39.44
C LEU D 23 6.67 2.82 40.01
N ASP D 24 5.93 2.37 41.03
CA ASP D 24 5.22 3.21 42.02
C ASP D 24 5.29 2.46 43.37
N LYS D 25 6.51 2.31 43.90
CA LYS D 25 6.78 1.43 45.07
C LYS D 25 6.46 2.18 46.37
N PRO D 26 5.83 1.50 47.36
CA PRO D 26 5.61 2.09 48.68
C PRO D 26 6.93 2.30 49.45
N THR D 27 7.90 1.39 49.27
CA THR D 27 9.23 1.47 49.93
C THR D 27 10.34 0.97 49.00
N VAL D 28 11.59 1.29 49.37
CA VAL D 28 12.83 0.89 48.66
C VAL D 28 13.84 0.43 49.70
N VAL D 29 14.87 -0.30 49.26
CA VAL D 29 15.87 -0.95 50.15
C VAL D 29 17.04 0.02 50.40
N HIS D 30 17.29 0.97 49.50
CA HIS D 30 18.26 2.09 49.65
C HIS D 30 17.61 3.39 49.17
N TYR D 31 18.01 4.53 49.76
CA TYR D 31 17.53 5.89 49.40
C TYR D 31 17.81 6.17 47.93
N LEU D 32 18.92 5.65 47.40
CA LEU D 32 19.34 5.91 45.99
C LEU D 32 18.56 5.01 45.01
N CYS D 33 17.69 4.10 45.49
CA CYS D 33 16.72 3.34 44.62
C CYS D 33 15.54 4.25 44.29
N SER D 34 15.15 4.34 43.00
CA SER D 34 13.95 5.08 42.53
C SER D 34 12.68 4.43 43.09
N LYS D 35 11.80 5.22 43.69
CA LYS D 35 10.47 4.79 44.19
C LYS D 35 9.46 4.73 43.04
N LYS D 36 9.58 5.66 42.10
CA LYS D 36 8.53 5.98 41.12
C LYS D 36 9.19 6.38 39.81
N THR D 37 8.63 5.91 38.68
CA THR D 37 9.04 6.33 37.31
C THR D 37 7.76 6.71 36.57
N GLU D 38 7.82 7.73 35.69
CA GLU D 38 6.62 8.22 34.93
C GLU D 38 6.40 7.29 33.74
N SER D 39 7.45 6.62 33.27
CA SER D 39 7.39 5.66 32.14
C SER D 39 8.19 4.39 32.45
N TYR D 40 8.20 3.45 31.50
CA TYR D 40 8.99 2.20 31.54
C TYR D 40 10.45 2.51 31.23
N PHE D 41 11.37 1.86 31.95
CA PHE D 41 12.81 1.85 31.66
C PHE D 41 13.24 0.39 31.46
N THR D 42 14.39 0.20 30.81
CA THR D 42 14.99 -1.15 30.59
C THR D 42 15.54 -1.68 31.92
N ILE D 43 14.99 -2.79 32.41
CA ILE D 43 15.46 -3.48 33.64
C ILE D 43 16.34 -4.68 33.25
N TRP D 44 16.23 -5.16 32.01
CA TRP D 44 17.18 -6.15 31.44
C TRP D 44 17.30 -5.90 29.93
N LEU D 45 18.51 -5.74 29.39
CA LEU D 45 19.79 -5.75 30.10
C LEU D 45 20.32 -4.32 30.19
N ASN D 46 20.65 -3.87 31.40
CA ASN D 46 21.29 -2.56 31.66
C ASN D 46 22.36 -2.75 32.75
N LEU D 47 23.63 -2.69 32.37
CA LEU D 47 24.79 -3.06 33.22
C LEU D 47 24.91 -2.08 34.40
N GLU D 48 24.50 -0.83 34.20
CA GLU D 48 24.60 0.23 35.24
C GLU D 48 23.70 -0.11 36.45
N LEU D 49 22.67 -0.93 36.26
CA LEU D 49 21.77 -1.39 37.37
C LEU D 49 22.40 -2.54 38.15
N LEU D 50 23.49 -3.14 37.65
CA LEU D 50 24.13 -4.35 38.24
C LEU D 50 25.40 -3.98 39.03
N LEU D 51 25.74 -2.69 39.16
CA LEU D 51 26.92 -2.23 39.95
C LEU D 51 26.63 -2.47 41.43
N PRO D 52 27.67 -2.57 42.29
CA PRO D 52 27.48 -2.73 43.73
C PRO D 52 26.49 -1.70 44.33
N VAL D 53 25.68 -2.13 45.31
CA VAL D 53 24.65 -1.32 46.02
C VAL D 53 23.42 -1.12 45.13
N ILE D 54 23.59 -0.52 43.95
CA ILE D 54 22.52 -0.26 42.94
C ILE D 54 21.79 -1.59 42.65
N ILE D 55 22.51 -2.71 42.68
CA ILE D 55 21.98 -4.05 42.30
C ILE D 55 20.90 -4.48 43.30
N ASP D 56 20.91 -3.94 44.52
CA ASP D 56 19.87 -4.24 45.53
C ASP D 56 18.54 -3.66 45.03
N CYS D 57 18.58 -2.49 44.40
CA CYS D 57 17.42 -1.83 43.75
C CYS D 57 16.89 -2.75 42.64
N TRP D 58 17.81 -3.27 41.82
CA TRP D 58 17.51 -4.11 40.64
C TRP D 58 16.85 -5.42 41.12
N ILE D 59 17.50 -6.12 42.04
CA ILE D 59 16.98 -7.38 42.64
C ILE D 59 15.57 -7.12 43.18
N ASP D 60 15.36 -6.01 43.90
CA ASP D 60 14.06 -5.70 44.53
C ASP D 60 12.97 -5.48 43.46
N ASN D 61 13.34 -5.10 42.23
CA ASN D 61 12.38 -4.81 41.12
C ASN D 61 12.14 -6.06 40.25
N ILE D 62 13.18 -6.83 39.95
CA ILE D 62 13.15 -7.94 38.95
C ILE D 62 12.88 -9.30 39.60
N ARG D 63 13.06 -9.43 40.91
CA ARG D 63 12.69 -10.66 41.64
C ARG D 63 11.20 -10.90 41.43
N LEU D 64 10.78 -12.17 41.43
CA LEU D 64 9.36 -12.55 41.54
C LEU D 64 9.06 -12.89 43.01
N VAL D 65 7.85 -12.54 43.43
CA VAL D 65 7.32 -12.89 44.76
C VAL D 65 6.50 -14.15 44.57
N TYR D 66 6.86 -15.22 45.28
CA TYR D 66 6.11 -16.50 45.23
C TYR D 66 5.01 -16.44 46.29
N ASN D 67 3.78 -16.66 45.87
CA ASN D 67 2.60 -16.67 46.76
C ASN D 67 2.18 -18.13 46.98
N LYS D 68 2.38 -18.64 48.19
CA LYS D 68 2.12 -20.06 48.56
C LYS D 68 0.61 -20.36 48.49
N THR D 69 -0.24 -19.36 48.77
CA THR D 69 -1.72 -19.52 48.72
C THR D 69 -2.16 -19.80 47.27
N SER D 70 -1.82 -18.90 46.35
CA SER D 70 -2.23 -18.98 44.92
C SER D 70 -1.36 -19.97 44.14
N ARG D 71 -0.22 -20.40 44.70
CA ARG D 71 0.83 -21.20 43.98
C ARG D 71 1.20 -20.49 42.68
N ALA D 72 1.44 -19.18 42.74
CA ALA D 72 1.72 -18.33 41.57
C ALA D 72 2.68 -17.20 41.98
N THR D 73 3.37 -16.63 41.00
CA THR D 73 4.31 -15.51 41.23
C THR D 73 3.55 -14.21 40.95
N GLN D 74 4.01 -13.15 41.59
CA GLN D 74 3.53 -11.76 41.37
C GLN D 74 4.75 -10.85 41.41
N PHE D 75 4.61 -9.66 40.84
CA PHE D 75 5.65 -8.61 40.88
C PHE D 75 5.64 -8.01 42.27
N PRO D 76 6.76 -7.44 42.76
CA PRO D 76 6.77 -6.68 44.00
C PRO D 76 5.74 -5.54 43.98
N ASP D 77 5.20 -5.16 45.15
CA ASP D 77 4.25 -4.03 45.31
C ASP D 77 4.74 -2.86 44.45
N GLY D 78 3.87 -2.34 43.58
CA GLY D 78 4.10 -1.13 42.79
C GLY D 78 5.17 -1.29 41.72
N VAL D 79 5.37 -2.51 41.23
CA VAL D 79 6.30 -2.82 40.11
C VAL D 79 5.48 -3.47 38.99
N ASP D 80 5.65 -2.96 37.77
CA ASP D 80 5.20 -3.67 36.57
C ASP D 80 6.41 -4.00 35.70
N VAL D 81 6.42 -5.21 35.18
CA VAL D 81 7.46 -5.69 34.21
C VAL D 81 6.71 -6.13 32.94
N ARG D 82 7.11 -5.59 31.80
CA ARG D 82 6.51 -5.97 30.51
C ARG D 82 7.61 -6.39 29.55
N VAL D 83 7.21 -7.12 28.53
CA VAL D 83 8.07 -7.69 27.45
C VAL D 83 7.89 -6.82 26.22
N PRO D 84 8.87 -5.96 25.87
CA PRO D 84 8.75 -5.18 24.63
C PRO D 84 9.11 -6.04 23.43
N GLY D 85 8.59 -5.66 22.26
CA GLY D 85 9.11 -6.12 20.97
C GLY D 85 8.50 -7.44 20.54
N PHE D 86 7.34 -7.83 21.08
CA PHE D 86 6.64 -9.04 20.60
C PHE D 86 6.25 -8.82 19.14
N GLY D 87 6.60 -9.76 18.25
CA GLY D 87 6.35 -9.64 16.80
C GLY D 87 7.48 -8.90 16.08
N LYS D 88 8.44 -8.36 16.83
CA LYS D 88 9.67 -7.69 16.34
C LYS D 88 10.89 -8.52 16.77
N THR D 89 12.09 -8.06 16.43
CA THR D 89 13.36 -8.77 16.72
C THR D 89 14.29 -7.92 17.59
N PHE D 90 14.10 -6.60 17.72
CA PHE D 90 15.10 -5.73 18.40
C PHE D 90 15.42 -6.28 19.80
N SER D 91 14.39 -6.76 20.51
CA SER D 91 14.44 -7.07 21.96
C SER D 91 15.15 -8.40 22.20
N LEU D 92 15.30 -9.25 21.17
CA LEU D 92 16.16 -10.46 21.32
C LEU D 92 17.44 -10.38 20.47
N GLU D 93 17.59 -9.40 19.57
CA GLU D 93 18.89 -9.15 18.87
C GLU D 93 19.90 -8.58 19.90
N PHE D 94 19.46 -7.60 20.69
CA PHE D 94 20.30 -6.88 21.67
C PHE D 94 19.56 -6.86 23.01
N LEU D 95 20.17 -7.47 24.03
CA LEU D 95 19.59 -7.51 25.38
C LEU D 95 19.76 -6.12 26.00
N ASP D 96 20.87 -5.43 25.69
CA ASP D 96 21.13 -4.04 26.13
C ASP D 96 20.73 -3.11 24.98
N PRO D 97 19.72 -2.22 25.17
CA PRO D 97 19.26 -1.35 24.09
C PRO D 97 20.31 -0.32 23.66
N SER D 98 21.36 -0.09 24.47
CA SER D 98 22.57 0.67 24.08
C SER D 98 23.34 -0.11 23.00
N LYS D 99 23.02 -1.38 22.78
CA LYS D 99 23.50 -2.25 21.67
C LYS D 99 24.99 -2.60 21.83
N SER D 100 25.49 -2.51 23.06
CA SER D 100 26.81 -3.05 23.47
C SER D 100 26.90 -4.53 23.04
N SER D 101 28.09 -4.97 22.59
CA SER D 101 28.36 -6.34 22.08
C SER D 101 28.09 -7.37 23.19
N VAL D 102 28.25 -6.95 24.46
CA VAL D 102 27.96 -7.80 25.66
C VAL D 102 26.52 -8.36 25.56
N GLY D 103 25.56 -7.56 25.09
CA GLY D 103 24.13 -7.98 24.98
C GLY D 103 23.79 -8.54 23.61
N SER D 104 24.75 -8.70 22.71
CA SER D 104 24.50 -9.19 21.33
C SER D 104 24.13 -10.66 21.39
N TYR D 105 22.89 -11.00 21.11
CA TYR D 105 22.33 -12.36 21.30
C TYR D 105 21.89 -12.92 19.95
N PHE D 106 20.70 -12.56 19.45
CA PHE D 106 20.19 -13.04 18.15
C PHE D 106 20.64 -12.11 17.02
N HIS D 107 21.35 -11.02 17.33
CA HIS D 107 21.71 -9.97 16.36
C HIS D 107 22.39 -10.57 15.13
N THR D 108 23.43 -11.39 15.30
CA THR D 108 24.17 -11.97 14.15
C THR D 108 23.22 -12.81 13.30
N MET D 109 22.38 -13.63 13.90
CA MET D 109 21.42 -14.50 13.17
C MET D 109 20.41 -13.65 12.38
N VAL D 110 19.91 -12.56 12.96
CA VAL D 110 18.90 -11.69 12.30
C VAL D 110 19.60 -10.94 11.16
N GLU D 111 20.84 -10.46 11.36
CA GLU D 111 21.64 -9.84 10.27
C GLU D 111 21.77 -10.82 9.12
N SER D 112 22.03 -12.10 9.40
CA SER D 112 22.11 -13.16 8.36
C SER D 112 20.74 -13.28 7.69
N LEU D 113 19.66 -13.45 8.46
CA LEU D 113 18.29 -13.60 7.90
C LEU D 113 17.97 -12.42 6.97
N VAL D 114 18.23 -11.20 7.44
CA VAL D 114 17.98 -9.94 6.68
C VAL D 114 18.85 -9.92 5.41
N GLY D 115 20.12 -10.31 5.51
CA GLY D 115 21.00 -10.54 4.35
C GLY D 115 20.39 -11.51 3.33
N TRP D 116 19.64 -12.51 3.77
CA TRP D 116 19.01 -13.53 2.87
C TRP D 116 17.66 -13.02 2.38
N GLY D 117 17.24 -11.83 2.81
CA GLY D 117 16.09 -11.09 2.26
C GLY D 117 14.90 -11.04 3.21
N TYR D 118 15.05 -11.51 4.45
CA TYR D 118 13.98 -11.46 5.48
C TYR D 118 13.85 -10.00 5.92
N THR D 119 12.66 -9.65 6.43
CA THR D 119 12.31 -8.27 6.86
C THR D 119 11.87 -8.34 8.32
N ARG D 120 12.53 -7.57 9.19
CA ARG D 120 12.26 -7.54 10.65
C ARG D 120 10.81 -7.11 10.87
N GLY D 121 10.06 -7.84 11.70
CA GLY D 121 8.66 -7.50 12.02
C GLY D 121 7.68 -7.94 10.95
N GLU D 122 8.16 -8.52 9.84
CA GLU D 122 7.30 -9.02 8.75
C GLU D 122 7.45 -10.54 8.68
N ASP D 123 8.31 -11.07 7.82
CA ASP D 123 8.43 -12.54 7.62
C ASP D 123 9.48 -13.12 8.58
N VAL D 124 10.14 -12.29 9.39
CA VAL D 124 10.89 -12.78 10.58
C VAL D 124 10.39 -11.97 11.78
N ARG D 125 9.88 -12.67 12.79
CA ARG D 125 9.35 -12.05 14.01
C ARG D 125 9.91 -12.77 15.23
N GLY D 126 10.15 -12.01 16.29
CA GLY D 126 10.53 -12.58 17.60
C GLY D 126 9.29 -12.91 18.41
N ALA D 127 9.42 -13.91 19.29
CA ALA D 127 8.45 -14.29 20.33
C ALA D 127 9.11 -14.16 21.70
N PRO D 128 9.49 -12.94 22.11
CA PRO D 128 10.07 -12.73 23.43
C PRO D 128 8.99 -12.98 24.50
N TYR D 129 9.42 -13.34 25.69
CA TYR D 129 8.52 -13.65 26.82
C TYR D 129 9.20 -13.32 28.13
N ASP D 130 8.42 -13.38 29.20
CA ASP D 130 8.92 -13.17 30.56
C ASP D 130 9.62 -14.47 30.99
N TRP D 131 10.90 -14.59 30.68
CA TRP D 131 11.72 -15.83 30.86
C TRP D 131 11.94 -16.12 32.36
N ARG D 132 11.58 -15.22 33.27
CA ARG D 132 11.60 -15.48 34.73
C ARG D 132 10.55 -16.56 35.05
N ARG D 133 9.51 -16.66 34.24
CA ARG D 133 8.39 -17.59 34.52
C ARG D 133 8.54 -18.85 33.67
N ALA D 134 7.90 -19.93 34.12
CA ALA D 134 7.74 -21.18 33.35
C ALA D 134 6.45 -21.05 32.55
N PRO D 135 6.18 -21.96 31.60
CA PRO D 135 4.97 -21.87 30.77
C PRO D 135 3.63 -21.80 31.53
N ASN D 136 3.56 -22.36 32.74
CA ASN D 136 2.32 -22.36 33.55
C ASN D 136 1.91 -20.91 33.83
N GLU D 137 2.82 -19.93 33.78
CA GLU D 137 2.46 -18.51 34.03
C GLU D 137 2.69 -17.67 32.78
N ASN D 138 2.62 -18.27 31.59
CA ASN D 138 2.76 -17.50 30.32
C ASN D 138 1.67 -17.94 29.33
N GLY D 139 0.46 -18.20 29.84
CA GLY D 139 -0.74 -18.51 29.03
C GLY D 139 -0.94 -17.50 27.90
N PRO D 140 -1.07 -16.19 28.21
CA PRO D 140 -1.23 -15.16 27.18
C PRO D 140 -0.16 -15.18 26.08
N TYR D 141 1.10 -15.42 26.43
CA TYR D 141 2.21 -15.54 25.46
C TYR D 141 1.88 -16.62 24.42
N PHE D 142 1.47 -17.80 24.86
CA PHE D 142 1.21 -18.95 23.95
C PHE D 142 0.01 -18.63 23.06
N LEU D 143 -1.00 -17.91 23.57
CA LEU D 143 -2.15 -17.51 22.72
C LEU D 143 -1.62 -16.55 21.66
N ALA D 144 -0.83 -15.55 22.06
CA ALA D 144 -0.26 -14.55 21.13
C ALA D 144 0.64 -15.27 20.11
N LEU D 145 1.41 -16.26 20.54
CA LEU D 145 2.32 -17.04 19.64
C LEU D 145 1.49 -17.79 18.59
N ARG D 146 0.42 -18.46 19.02
CA ARG D 146 -0.50 -19.21 18.10
C ARG D 146 -1.05 -18.21 17.05
N GLU D 147 -1.51 -17.06 17.51
CA GLU D 147 -2.17 -16.03 16.65
C GLU D 147 -1.14 -15.47 15.67
N MET D 148 0.10 -15.21 16.12
CA MET D 148 1.17 -14.65 15.26
C MET D 148 1.56 -15.69 14.21
N ILE D 149 1.67 -16.96 14.58
CA ILE D 149 2.01 -18.03 13.59
C ILE D 149 0.91 -18.09 12.53
N GLU D 150 -0.37 -18.02 12.94
CA GLU D 150 -1.52 -18.12 12.01
C GLU D 150 -1.51 -16.91 11.07
N GLU D 151 -1.31 -15.70 11.61
CA GLU D 151 -1.25 -14.46 10.82
C GLU D 151 -0.09 -14.57 9.81
N MET D 152 1.09 -15.03 10.22
CA MET D 152 2.26 -15.09 9.30
C MET D 152 2.00 -16.14 8.22
N TYR D 153 1.34 -17.25 8.57
CA TYR D 153 0.93 -18.29 7.60
C TYR D 153 0.07 -17.62 6.50
N GLN D 154 -0.87 -16.77 6.92
CA GLN D 154 -1.89 -16.18 6.04
C GLN D 154 -1.23 -15.12 5.16
N LEU D 155 -0.38 -14.24 5.72
CA LEU D 155 0.27 -13.14 4.97
C LEU D 155 1.30 -13.69 3.99
N TYR D 156 2.13 -14.65 4.39
CA TYR D 156 3.32 -15.03 3.58
C TYR D 156 3.04 -16.35 2.82
N GLY D 157 1.84 -16.91 2.95
CA GLY D 157 1.32 -18.01 2.10
C GLY D 157 1.98 -19.35 2.36
N GLY D 158 2.37 -19.66 3.61
CA GLY D 158 2.91 -20.99 3.93
C GLY D 158 3.25 -21.15 5.41
N PRO D 159 3.42 -22.41 5.86
CA PRO D 159 3.74 -22.73 7.25
C PRO D 159 5.07 -22.14 7.73
N VAL D 160 5.18 -21.94 9.03
CA VAL D 160 6.27 -21.16 9.69
C VAL D 160 7.39 -22.11 10.15
N VAL D 161 8.64 -21.63 10.10
CA VAL D 161 9.79 -22.32 10.73
C VAL D 161 10.01 -21.66 12.10
N LEU D 162 9.98 -22.46 13.15
CA LEU D 162 10.28 -22.04 14.54
C LEU D 162 11.77 -22.28 14.76
N VAL D 163 12.47 -21.26 15.24
CA VAL D 163 13.91 -21.33 15.58
C VAL D 163 14.01 -20.95 17.04
N ALA D 164 14.47 -21.87 17.88
CA ALA D 164 14.51 -21.64 19.34
C ALA D 164 15.89 -21.96 19.89
N HIS D 165 16.30 -21.20 20.90
CA HIS D 165 17.62 -21.36 21.55
C HIS D 165 17.41 -21.67 23.03
N SER D 166 18.17 -22.65 23.55
CA SER D 166 18.23 -22.95 25.00
C SER D 166 16.80 -23.18 25.51
N MET D 167 16.37 -22.46 26.56
CA MET D 167 15.06 -22.70 27.23
C MET D 167 13.89 -22.43 26.26
N GLY D 168 14.11 -21.65 25.21
CA GLY D 168 13.10 -21.37 24.18
C GLY D 168 12.60 -22.67 23.55
N ASN D 169 13.46 -23.68 23.51
CA ASN D 169 13.13 -25.01 22.95
C ASN D 169 12.08 -25.68 23.85
N MET D 170 12.17 -25.46 25.16
CA MET D 170 11.25 -26.08 26.13
C MET D 170 9.90 -25.35 26.05
N TYR D 171 9.91 -24.02 25.97
CA TYR D 171 8.70 -23.19 25.72
C TYR D 171 8.03 -23.67 24.43
N THR D 172 8.80 -23.87 23.37
CA THR D 172 8.26 -24.27 22.03
C THR D 172 7.69 -25.70 22.12
N LEU D 173 8.36 -26.60 22.81
CA LEU D 173 7.89 -28.00 22.97
C LEU D 173 6.56 -27.99 23.74
N TYR D 174 6.49 -27.22 24.83
CA TYR D 174 5.28 -27.07 25.67
C TYR D 174 4.13 -26.64 24.76
N PHE D 175 4.36 -25.60 23.96
CA PHE D 175 3.39 -25.04 23.00
C PHE D 175 2.94 -26.15 22.04
N LEU D 176 3.86 -26.84 21.37
CA LEU D 176 3.53 -27.82 20.29
C LEU D 176 2.78 -29.02 20.87
N GLN D 177 3.15 -29.49 22.06
CA GLN D 177 2.49 -30.62 22.76
C GLN D 177 1.00 -30.31 22.98
N ARG D 178 0.61 -29.05 23.07
CA ARG D 178 -0.78 -28.63 23.41
C ARG D 178 -1.54 -28.13 22.18
N GLN D 179 -0.94 -28.14 20.99
CA GLN D 179 -1.68 -27.83 19.75
C GLN D 179 -2.07 -29.18 19.14
N PRO D 180 -3.32 -29.31 18.64
CA PRO D 180 -3.71 -30.51 17.88
C PRO D 180 -2.76 -30.78 16.71
N GLN D 181 -2.56 -32.05 16.37
CA GLN D 181 -1.67 -32.48 15.26
C GLN D 181 -2.12 -31.76 13.96
N ALA D 182 -3.43 -31.65 13.74
CA ALA D 182 -3.99 -31.00 12.52
C ALA D 182 -3.49 -29.55 12.41
N TRP D 183 -3.46 -28.85 13.54
CA TRP D 183 -2.99 -27.44 13.59
C TRP D 183 -1.50 -27.38 13.21
N LYS D 184 -0.69 -28.27 13.77
CA LYS D 184 0.78 -28.28 13.54
C LYS D 184 1.08 -28.66 12.09
N ASP D 185 0.35 -29.63 11.51
CA ASP D 185 0.52 -30.06 10.11
C ASP D 185 0.23 -28.88 9.18
N LYS D 186 -0.71 -28.03 9.52
CA LYS D 186 -1.07 -26.87 8.69
C LYS D 186 -0.04 -25.74 8.86
N TYR D 187 0.29 -25.37 10.11
CA TYR D 187 0.88 -24.04 10.43
C TYR D 187 2.39 -24.12 10.60
N ILE D 188 2.94 -25.31 10.90
CA ILE D 188 4.38 -25.47 11.22
C ILE D 188 5.07 -26.24 10.10
N ARG D 189 6.08 -25.61 9.49
CA ARG D 189 6.95 -26.23 8.47
C ARG D 189 8.05 -27.04 9.17
N ALA D 190 8.74 -26.44 10.12
CA ALA D 190 9.82 -27.11 10.86
C ALA D 190 10.14 -26.37 12.16
N PHE D 191 10.81 -27.10 13.04
CA PHE D 191 11.31 -26.63 14.33
C PHE D 191 12.82 -26.83 14.30
N VAL D 192 13.57 -25.73 14.26
CA VAL D 192 15.05 -25.72 14.37
C VAL D 192 15.38 -25.45 15.82
N SER D 193 15.92 -26.48 16.48
CA SER D 193 16.17 -26.54 17.93
C SER D 193 17.67 -26.32 18.20
N LEU D 194 18.04 -25.19 18.77
CA LEU D 194 19.47 -24.84 19.01
C LEU D 194 19.77 -24.93 20.52
N GLY D 195 20.64 -25.87 20.91
CA GLY D 195 21.14 -26.01 22.28
C GLY D 195 20.00 -26.21 23.27
N ALA D 196 19.12 -27.17 22.98
CA ALA D 196 17.90 -27.48 23.76
C ALA D 196 18.24 -28.27 25.03
N PRO D 197 17.94 -27.73 26.23
CA PRO D 197 18.14 -28.47 27.48
C PRO D 197 16.94 -29.39 27.80
N TRP D 198 16.65 -30.32 26.89
CA TRP D 198 15.65 -31.38 27.16
C TRP D 198 16.11 -32.10 28.44
N GLY D 199 15.21 -32.39 29.37
CA GLY D 199 15.63 -33.08 30.62
C GLY D 199 16.44 -32.20 31.58
N GLY D 200 16.55 -30.88 31.33
CA GLY D 200 17.20 -29.93 32.24
C GLY D 200 18.72 -29.98 32.14
N VAL D 201 19.41 -29.18 32.94
CA VAL D 201 20.90 -29.07 32.91
C VAL D 201 21.45 -29.11 34.33
N ALA D 202 22.57 -29.78 34.54
CA ALA D 202 23.26 -29.94 35.85
C ALA D 202 23.50 -28.57 36.47
N LYS D 203 23.85 -27.58 35.65
CA LYS D 203 24.34 -26.25 36.08
C LYS D 203 23.29 -25.55 36.97
N THR D 204 22.01 -25.89 36.83
CA THR D 204 20.89 -25.35 37.63
C THR D 204 21.13 -25.60 39.13
N LEU D 205 21.68 -26.76 39.50
CA LEU D 205 21.93 -27.09 40.93
C LEU D 205 22.85 -26.03 41.53
N ARG D 206 23.93 -25.67 40.84
CA ARG D 206 24.94 -24.70 41.36
C ARG D 206 24.31 -23.31 41.44
N VAL D 207 23.60 -22.88 40.38
CA VAL D 207 22.91 -21.57 40.32
C VAL D 207 22.08 -21.42 41.59
N LEU D 208 21.23 -22.41 41.89
CA LEU D 208 20.28 -22.37 43.02
C LEU D 208 21.03 -22.44 44.36
N ALA D 209 22.05 -23.29 44.48
CA ALA D 209 22.78 -23.50 45.76
C ALA D 209 23.60 -22.26 46.12
N SER D 210 24.53 -21.87 45.25
CA SER D 210 25.62 -20.90 45.57
C SER D 210 25.64 -19.71 44.59
N GLY D 211 24.76 -19.66 43.59
CA GLY D 211 24.67 -18.53 42.64
C GLY D 211 25.68 -18.64 41.51
N ASP D 212 25.43 -17.96 40.41
CA ASP D 212 26.31 -17.97 39.22
C ASP D 212 26.46 -16.53 38.70
N ASN D 213 27.65 -15.95 38.88
CA ASN D 213 28.00 -14.59 38.41
C ASN D 213 28.87 -14.68 37.15
N ASN D 214 28.93 -15.84 36.48
CA ASN D 214 29.28 -15.92 35.04
C ASN D 214 30.66 -15.29 34.82
N ARG D 215 31.59 -15.46 35.76
CA ARG D 215 32.96 -14.85 35.71
C ARG D 215 32.86 -13.33 35.53
N ILE D 216 31.77 -12.73 36.01
CA ILE D 216 31.51 -11.25 36.12
C ILE D 216 31.82 -10.89 37.58
N PRO D 217 33.13 -10.84 37.95
CA PRO D 217 33.56 -10.85 39.35
C PRO D 217 33.07 -9.63 40.16
N VAL D 218 32.60 -8.59 39.49
CA VAL D 218 32.07 -7.35 40.12
C VAL D 218 30.76 -7.69 40.85
N ILE D 219 30.02 -8.71 40.41
CA ILE D 219 28.75 -9.19 41.04
C ILE D 219 29.07 -10.35 41.99
N GLY D 220 28.69 -10.30 43.26
CA GLY D 220 28.87 -11.41 44.22
C GLY D 220 27.92 -12.55 43.88
N PRO D 221 28.37 -13.82 43.86
CA PRO D 221 27.48 -14.92 43.47
C PRO D 221 26.27 -15.04 44.41
N LEU D 222 26.45 -14.77 45.72
CA LEU D 222 25.39 -14.89 46.74
C LEU D 222 24.35 -13.78 46.54
N LYS D 223 24.76 -12.65 45.97
CA LYS D 223 23.87 -11.49 45.70
C LYS D 223 22.97 -11.81 44.49
N ILE D 224 23.55 -12.24 43.37
CA ILE D 224 22.80 -12.58 42.13
C ILE D 224 21.95 -13.84 42.37
N ARG D 225 22.33 -14.68 43.33
CA ARG D 225 21.58 -15.91 43.68
C ARG D 225 20.14 -15.54 44.05
N GLU D 226 19.94 -14.40 44.73
CA GLU D 226 18.61 -13.92 45.15
C GLU D 226 17.69 -13.83 43.93
N GLN D 227 18.15 -13.22 42.84
CA GLN D 227 17.37 -13.05 41.60
C GLN D 227 17.15 -14.42 40.93
N GLN D 228 18.23 -15.20 40.84
CA GLN D 228 18.25 -16.45 40.04
C GLN D 228 17.25 -17.43 40.69
N ARG D 229 17.14 -17.45 42.01
CA ARG D 229 16.25 -18.37 42.75
C ARG D 229 14.79 -17.94 42.57
N SER D 230 14.53 -16.62 42.52
CA SER D 230 13.16 -16.02 42.42
C SER D 230 12.51 -16.37 41.08
N ALA D 231 13.31 -16.67 40.07
CA ALA D 231 12.86 -17.06 38.72
C ALA D 231 12.40 -18.52 38.72
N VAL D 232 11.11 -18.76 38.55
CA VAL D 232 10.52 -20.12 38.42
C VAL D 232 11.28 -20.93 37.35
N SER D 233 11.63 -20.28 36.23
CA SER D 233 12.31 -20.96 35.10
C SER D 233 13.58 -21.69 35.59
N THR D 234 14.25 -21.20 36.63
CA THR D 234 15.51 -21.84 37.09
C THR D 234 15.20 -23.23 37.67
N SER D 235 14.20 -23.32 38.54
CA SER D 235 13.78 -24.59 39.19
C SER D 235 13.20 -25.55 38.13
N TRP D 236 12.52 -24.98 37.13
CA TRP D 236 11.93 -25.72 35.99
C TRP D 236 13.01 -26.49 35.24
N LEU D 237 14.23 -25.95 35.13
CA LEU D 237 15.30 -26.57 34.32
C LEU D 237 16.23 -27.48 35.16
N LEU D 238 15.86 -27.84 36.39
CA LEU D 238 16.60 -28.91 37.12
C LEU D 238 16.47 -30.20 36.34
N PRO D 239 17.52 -31.05 36.36
CA PRO D 239 17.50 -32.35 35.70
C PRO D 239 16.20 -33.16 35.94
N TYR D 240 15.72 -33.81 34.90
CA TYR D 240 14.54 -34.70 34.89
C TYR D 240 14.98 -36.15 34.73
N ASN D 241 14.17 -37.09 35.20
CA ASN D 241 14.48 -38.54 35.24
C ASN D 241 14.24 -39.19 33.87
N TYR D 242 13.68 -38.49 32.89
CA TYR D 242 13.56 -39.08 31.54
C TYR D 242 14.88 -38.91 30.78
N THR D 243 15.85 -38.16 31.30
CA THR D 243 17.19 -37.97 30.69
C THR D 243 18.26 -38.59 31.59
N TRP D 244 18.19 -38.31 32.89
CA TRP D 244 19.23 -38.65 33.87
C TRP D 244 18.78 -39.82 34.73
N SER D 245 19.72 -40.68 35.10
CA SER D 245 19.53 -41.73 36.12
C SER D 245 19.04 -41.07 37.42
N PRO D 246 18.00 -41.62 38.05
CA PRO D 246 17.62 -41.20 39.41
C PRO D 246 18.72 -41.35 40.48
N GLU D 247 19.77 -42.14 40.21
CA GLU D 247 20.89 -42.42 41.15
C GLU D 247 22.08 -41.46 40.89
N LYS D 248 22.04 -40.68 39.82
CA LYS D 248 23.12 -39.72 39.45
C LYS D 248 23.18 -38.59 40.49
N VAL D 249 24.35 -38.40 41.10
CA VAL D 249 24.60 -37.37 42.13
C VAL D 249 25.03 -36.09 41.42
N PHE D 250 24.25 -35.03 41.56
CA PHE D 250 24.51 -33.70 40.93
C PHE D 250 25.28 -32.82 41.90
N VAL D 251 24.98 -32.97 43.19
CA VAL D 251 25.61 -32.21 44.28
C VAL D 251 26.01 -33.20 45.36
N GLN D 252 27.31 -33.23 45.67
CA GLN D 252 27.90 -33.97 46.80
C GLN D 252 28.46 -32.94 47.80
N THR D 253 28.17 -33.14 49.07
CA THR D 253 28.73 -32.38 50.22
C THR D 253 29.37 -33.41 51.14
N PRO D 254 30.09 -32.99 52.19
CA PRO D 254 30.67 -33.94 53.15
C PRO D 254 29.60 -34.82 53.82
N THR D 255 28.36 -34.32 53.96
CA THR D 255 27.31 -34.98 54.77
C THR D 255 26.13 -35.47 53.93
N ILE D 256 25.96 -35.04 52.69
CA ILE D 256 24.74 -35.38 51.93
C ILE D 256 25.00 -35.35 50.43
N ASN D 257 24.31 -36.23 49.71
CA ASN D 257 24.17 -36.20 48.24
C ASN D 257 22.80 -35.69 47.85
N TYR D 258 22.71 -35.11 46.67
CA TYR D 258 21.43 -34.73 46.01
C TYR D 258 21.42 -35.29 44.59
N THR D 259 20.53 -36.26 44.39
CA THR D 259 20.14 -36.77 43.07
C THR D 259 18.87 -36.02 42.66
N LEU D 260 18.30 -36.35 41.51
CA LEU D 260 17.05 -35.69 41.06
C LEU D 260 15.86 -36.19 41.88
N ARG D 261 16.06 -37.19 42.76
CA ARG D 261 14.99 -37.67 43.68
C ARG D 261 15.03 -36.87 45.00
N ASP D 262 15.93 -35.91 45.12
CA ASP D 262 16.23 -35.25 46.42
C ASP D 262 15.99 -33.75 46.37
N TYR D 263 15.16 -33.26 45.44
CA TYR D 263 15.02 -31.80 45.23
C TYR D 263 14.37 -31.13 46.45
N ARG D 264 13.38 -31.78 47.06
CA ARG D 264 12.70 -31.24 48.27
C ARG D 264 13.74 -31.01 49.39
N LYS D 265 14.60 -31.99 49.69
CA LYS D 265 15.70 -31.83 50.68
C LYS D 265 16.65 -30.72 50.23
N PHE D 266 16.99 -30.71 48.94
CA PHE D 266 17.94 -29.73 48.35
C PHE D 266 17.43 -28.31 48.66
N PHE D 267 16.16 -28.07 48.38
CA PHE D 267 15.53 -26.74 48.56
C PHE D 267 15.49 -26.39 50.06
N GLN D 268 15.17 -27.35 50.93
CA GLN D 268 15.22 -27.14 52.40
C GLN D 268 16.64 -26.74 52.80
N ASP D 269 17.65 -27.47 52.33
CA ASP D 269 19.03 -27.37 52.84
C ASP D 269 19.71 -26.10 52.33
N ILE D 270 19.26 -25.50 51.23
CA ILE D 270 19.84 -24.23 50.72
C ILE D 270 19.07 -23.04 51.29
N GLY D 271 17.98 -23.27 52.04
CA GLY D 271 17.15 -22.21 52.64
C GLY D 271 16.24 -21.55 51.61
N PHE D 272 15.73 -22.32 50.65
CA PHE D 272 14.83 -21.80 49.60
C PHE D 272 13.69 -22.79 49.32
N GLU D 273 12.77 -22.92 50.26
CA GLU D 273 11.67 -23.93 50.18
C GLU D 273 10.71 -23.56 49.04
N ASP D 274 10.60 -22.28 48.71
CA ASP D 274 9.75 -21.79 47.59
C ASP D 274 10.13 -22.50 46.29
N GLY D 275 11.40 -22.83 46.10
CA GLY D 275 11.90 -23.51 44.88
C GLY D 275 11.27 -24.88 44.68
N TRP D 276 11.07 -25.61 45.78
CA TRP D 276 10.40 -26.93 45.76
C TRP D 276 8.96 -26.76 45.26
N LEU D 277 8.25 -25.76 45.75
CA LEU D 277 6.87 -25.46 45.31
C LEU D 277 6.90 -25.09 43.83
N MET D 278 7.89 -24.31 43.39
CA MET D 278 8.11 -23.97 41.96
C MET D 278 8.36 -25.25 41.16
N ARG D 279 9.14 -26.19 41.68
CA ARG D 279 9.48 -27.43 40.94
C ARG D 279 8.21 -28.27 40.81
N GLN D 280 7.40 -28.36 41.87
CA GLN D 280 6.10 -29.09 41.81
C GLN D 280 5.18 -28.43 40.79
N ASP D 281 5.12 -27.10 40.78
CA ASP D 281 4.26 -26.35 39.82
C ASP D 281 4.64 -26.70 38.38
N THR D 282 5.92 -26.97 38.08
CA THR D 282 6.44 -26.89 36.70
C THR D 282 6.90 -28.25 36.16
N GLU D 283 7.12 -29.26 37.02
CA GLU D 283 7.81 -30.51 36.61
C GLU D 283 6.96 -31.32 35.63
N GLY D 284 5.63 -31.20 35.69
CA GLY D 284 4.71 -31.92 34.80
C GLY D 284 4.35 -31.16 33.54
N LEU D 285 4.85 -29.94 33.33
CA LEU D 285 4.36 -29.06 32.22
C LEU D 285 4.67 -29.71 30.88
N VAL D 286 5.91 -30.14 30.68
CA VAL D 286 6.37 -30.77 29.40
C VAL D 286 6.29 -32.28 29.56
N GLU D 287 5.42 -32.92 28.77
CA GLU D 287 5.21 -34.39 28.80
C GLU D 287 6.53 -35.06 28.46
N ALA D 288 6.99 -35.92 29.37
CA ALA D 288 8.30 -36.60 29.40
C ALA D 288 8.67 -37.15 28.00
N THR D 289 7.77 -37.95 27.40
CA THR D 289 8.05 -38.80 26.22
C THR D 289 7.55 -38.16 24.93
N MET D 290 6.44 -37.41 24.97
CA MET D 290 5.64 -37.00 23.79
C MET D 290 6.45 -36.05 22.90
N PRO D 291 6.66 -36.40 21.62
CA PRO D 291 7.46 -35.59 20.70
C PRO D 291 6.68 -34.38 20.18
N PRO D 292 7.34 -33.38 19.57
CA PRO D 292 6.66 -32.16 19.12
C PRO D 292 5.64 -32.41 17.98
N GLY D 293 5.85 -33.44 17.17
CA GLY D 293 4.96 -33.81 16.06
C GLY D 293 5.15 -32.90 14.85
N VAL D 294 6.37 -32.41 14.64
CA VAL D 294 6.74 -31.55 13.47
C VAL D 294 8.15 -31.93 13.05
N GLN D 295 8.51 -31.60 11.81
CA GLN D 295 9.89 -31.76 11.33
C GLN D 295 10.80 -31.01 12.30
N LEU D 296 11.79 -31.71 12.84
CA LEU D 296 12.65 -31.23 13.94
C LEU D 296 14.11 -31.36 13.53
N HIS D 297 14.87 -30.27 13.66
CA HIS D 297 16.34 -30.22 13.48
C HIS D 297 16.93 -29.94 14.85
N CYS D 298 17.55 -30.96 15.44
CA CYS D 298 18.20 -30.92 16.77
CA CYS D 298 18.21 -30.96 16.77
C CYS D 298 19.68 -30.58 16.63
N LEU D 299 20.03 -29.32 16.85
CA LEU D 299 21.44 -28.86 16.77
C LEU D 299 21.95 -28.71 18.20
N TYR D 300 23.05 -29.40 18.52
CA TYR D 300 23.63 -29.45 19.89
C TYR D 300 25.16 -29.40 19.77
N GLY D 301 25.77 -28.57 20.60
CA GLY D 301 27.23 -28.47 20.75
C GLY D 301 27.79 -29.64 21.55
N THR D 302 28.97 -30.12 21.15
CA THR D 302 29.81 -31.12 21.85
C THR D 302 31.24 -30.58 21.96
N GLY D 303 32.06 -31.24 22.78
CA GLY D 303 33.50 -30.94 22.93
C GLY D 303 33.73 -29.64 23.69
N VAL D 304 32.74 -29.12 24.42
CA VAL D 304 32.95 -28.00 25.38
C VAL D 304 32.73 -28.57 26.78
N PRO D 305 33.73 -28.46 27.68
CA PRO D 305 33.54 -28.92 29.06
C PRO D 305 32.25 -28.33 29.62
N THR D 306 31.36 -29.19 30.11
CA THR D 306 29.99 -28.81 30.56
C THR D 306 29.81 -29.27 32.00
N PRO D 307 29.55 -28.37 32.98
CA PRO D 307 29.34 -28.81 34.34
C PRO D 307 28.29 -29.93 34.35
N ASP D 308 28.62 -31.00 35.07
CA ASP D 308 27.87 -32.28 35.14
C ASP D 308 27.51 -32.58 36.60
N SER D 309 28.42 -32.29 37.53
CA SER D 309 28.23 -32.49 38.99
C SER D 309 29.11 -31.49 39.75
N PHE D 310 28.77 -31.31 41.03
CA PHE D 310 29.40 -30.30 41.90
C PHE D 310 29.76 -30.95 43.23
N TYR D 311 30.98 -30.68 43.67
CA TYR D 311 31.49 -31.07 45.00
C TYR D 311 31.65 -29.81 45.84
N TYR D 312 30.90 -29.73 46.95
CA TYR D 312 30.92 -28.61 47.91
C TYR D 312 31.66 -29.06 49.18
N GLU D 313 32.79 -28.44 49.51
CA GLU D 313 33.48 -28.65 50.82
C GLU D 313 32.67 -27.95 51.90
N SER D 314 32.02 -26.86 51.53
CA SER D 314 31.16 -26.01 52.39
C SER D 314 29.94 -25.59 51.56
N PHE D 315 28.75 -25.90 52.06
CA PHE D 315 27.47 -25.85 51.32
C PHE D 315 26.40 -25.14 52.15
N PRO D 316 25.59 -24.24 51.56
CA PRO D 316 25.68 -23.87 50.14
C PRO D 316 26.35 -22.52 49.75
N ASP D 317 27.05 -21.85 50.66
CA ASP D 317 27.47 -20.42 50.49
C ASP D 317 28.92 -20.32 50.00
N ARG D 318 29.47 -21.37 49.37
CA ARG D 318 30.86 -21.35 48.83
C ARG D 318 30.89 -22.05 47.46
N ASP D 319 31.63 -21.50 46.51
CA ASP D 319 31.73 -22.05 45.12
C ASP D 319 32.15 -23.52 45.21
N PRO D 320 31.54 -24.43 44.43
CA PRO D 320 31.96 -25.83 44.42
C PRO D 320 33.11 -26.11 43.46
N LYS D 321 33.75 -27.27 43.64
CA LYS D 321 34.62 -27.88 42.61
C LYS D 321 33.70 -28.46 41.56
N ILE D 322 34.10 -28.43 40.30
CA ILE D 322 33.23 -28.81 39.17
C ILE D 322 33.79 -30.05 38.48
N CYS D 323 32.90 -30.99 38.21
CA CYS D 323 33.15 -32.19 37.37
CA CYS D 323 33.14 -32.20 37.38
C CYS D 323 32.45 -31.96 36.03
N PHE D 324 33.17 -32.14 34.93
CA PHE D 324 32.68 -31.76 33.59
C PHE D 324 32.41 -33.03 32.78
N GLY D 325 31.36 -32.96 31.96
CA GLY D 325 31.03 -33.96 30.94
C GLY D 325 30.97 -33.26 29.59
N ASP D 326 30.43 -33.96 28.60
CA ASP D 326 30.37 -33.42 27.22
C ASP D 326 29.15 -32.50 27.10
N GLY D 327 29.15 -31.62 26.11
CA GLY D 327 28.06 -30.66 25.80
C GLY D 327 28.58 -29.40 25.15
N ASP D 328 27.89 -28.27 25.35
CA ASP D 328 28.21 -26.98 24.71
C ASP D 328 28.67 -25.99 25.77
N GLY D 329 29.01 -26.48 26.97
CA GLY D 329 29.46 -25.62 28.08
C GLY D 329 28.34 -25.29 29.05
N THR D 330 27.08 -25.46 28.63
CA THR D 330 25.86 -25.15 29.43
C THR D 330 24.93 -26.37 29.39
N VAL D 331 24.50 -26.76 28.19
CA VAL D 331 23.62 -27.92 27.94
C VAL D 331 24.46 -29.19 27.91
N ASN D 332 24.15 -30.12 28.83
CA ASN D 332 24.77 -31.46 28.92
C ASN D 332 24.39 -32.23 27.65
N LEU D 333 25.31 -33.04 27.12
CA LEU D 333 25.12 -33.86 25.89
C LEU D 333 23.92 -34.78 26.06
N LYS D 334 23.70 -35.37 27.23
CA LYS D 334 22.56 -36.29 27.51
C LYS D 334 21.22 -35.66 27.10
N SER D 335 21.09 -34.34 27.16
CA SER D 335 19.86 -33.62 26.68
C SER D 335 19.54 -34.01 25.23
N ALA D 336 20.53 -34.14 24.35
CA ALA D 336 20.36 -34.56 22.95
C ALA D 336 19.77 -35.97 22.83
N LEU D 337 19.98 -36.87 23.79
CA LEU D 337 19.42 -38.24 23.71
C LEU D 337 17.90 -38.10 23.48
N GLN D 338 17.28 -37.05 24.02
CA GLN D 338 15.80 -36.89 23.98
C GLN D 338 15.34 -36.80 22.53
N CYS D 339 16.05 -36.03 21.69
CA CYS D 339 15.79 -35.94 20.22
CA CYS D 339 15.77 -35.94 20.23
C CYS D 339 15.77 -37.33 19.60
N GLN D 340 16.78 -38.14 19.94
CA GLN D 340 16.96 -39.50 19.38
C GLN D 340 15.74 -40.35 19.77
N ALA D 341 15.27 -40.22 21.02
CA ALA D 341 14.10 -40.97 21.52
C ALA D 341 12.87 -40.64 20.67
N TRP D 342 12.79 -39.40 20.15
CA TRP D 342 11.61 -38.90 19.40
C TRP D 342 11.58 -39.47 17.97
N GLN D 343 12.71 -39.91 17.42
CA GLN D 343 12.78 -40.50 16.04
C GLN D 343 11.70 -41.57 15.87
N SER D 344 11.50 -42.43 16.87
CA SER D 344 10.61 -43.62 16.79
C SER D 344 9.20 -43.32 17.28
N ARG D 345 8.92 -42.09 17.74
CA ARG D 345 7.60 -41.74 18.34
C ARG D 345 6.81 -40.76 17.46
N GLN D 346 7.41 -40.21 16.39
CA GLN D 346 6.66 -39.28 15.49
C GLN D 346 7.00 -39.66 14.04
N GLU D 347 6.02 -39.45 13.14
CA GLU D 347 6.17 -39.69 11.69
C GLU D 347 7.10 -38.64 11.07
N HIS D 348 6.96 -37.37 11.44
CA HIS D 348 7.82 -36.27 10.93
CA HIS D 348 7.82 -36.28 10.91
C HIS D 348 9.29 -36.59 11.25
N GLN D 349 10.19 -36.24 10.34
CA GLN D 349 11.64 -36.50 10.47
C GLN D 349 12.19 -35.79 11.71
N VAL D 350 13.07 -36.48 12.44
CA VAL D 350 13.98 -35.89 13.45
C VAL D 350 15.40 -36.03 12.91
N LEU D 351 16.02 -34.91 12.53
CA LEU D 351 17.42 -34.82 12.08
C LEU D 351 18.28 -34.33 13.26
N LEU D 352 19.34 -35.08 13.58
CA LEU D 352 20.33 -34.73 14.62
C LEU D 352 21.52 -34.11 13.93
N GLN D 353 22.05 -33.01 14.46
CA GLN D 353 23.21 -32.31 13.90
C GLN D 353 24.13 -31.90 15.04
N GLU D 354 25.23 -32.64 15.20
CA GLU D 354 26.29 -32.31 16.15
C GLU D 354 27.03 -31.06 15.65
N LEU D 355 27.35 -30.13 16.56
CA LEU D 355 28.20 -28.94 16.32
C LEU D 355 29.44 -29.06 17.21
N PRO D 356 30.46 -29.88 16.83
CA PRO D 356 31.61 -30.12 17.69
C PRO D 356 32.41 -28.82 17.88
N GLY D 357 32.73 -28.50 19.13
CA GLY D 357 33.46 -27.30 19.53
C GLY D 357 32.59 -26.06 19.50
N SER D 358 31.26 -26.18 19.43
CA SER D 358 30.35 -25.00 19.39
C SER D 358 29.79 -24.72 20.79
N GLU D 359 30.18 -23.58 21.38
CA GLU D 359 29.73 -23.12 22.72
C GLU D 359 28.27 -22.63 22.64
N HIS D 360 27.56 -22.75 23.75
CA HIS D 360 26.09 -22.59 23.87
C HIS D 360 25.60 -21.32 23.18
N ILE D 361 26.19 -20.17 23.51
CA ILE D 361 25.76 -18.84 23.00
C ILE D 361 26.43 -18.58 21.65
N GLU D 362 27.71 -18.89 21.49
CA GLU D 362 28.49 -18.61 20.25
C GLU D 362 27.83 -19.34 19.06
N MET D 363 27.11 -20.45 19.28
CA MET D 363 26.48 -21.21 18.17
C MET D 363 25.47 -20.30 17.42
N LEU D 364 24.94 -19.27 18.07
CA LEU D 364 23.95 -18.33 17.47
C LEU D 364 24.62 -17.35 16.49
N ALA D 365 25.96 -17.20 16.53
CA ALA D 365 26.75 -16.28 15.66
C ALA D 365 27.71 -17.08 14.80
N ASN D 366 27.53 -18.39 14.74
CA ASN D 366 28.54 -19.32 14.15
C ASN D 366 28.11 -19.63 12.71
N ALA D 367 29.05 -19.49 11.76
CA ALA D 367 28.84 -19.61 10.29
C ALA D 367 28.24 -20.99 9.94
N THR D 368 28.66 -22.05 10.63
CA THR D 368 28.15 -23.44 10.38
C THR D 368 26.68 -23.54 10.80
N THR D 369 26.29 -22.94 11.93
CA THR D 369 24.88 -22.95 12.40
C THR D 369 24.04 -22.18 11.38
N LEU D 370 24.50 -20.99 11.01
CA LEU D 370 23.77 -20.10 10.10
C LEU D 370 23.66 -20.79 8.73
N ALA D 371 24.71 -21.50 8.28
CA ALA D 371 24.70 -22.22 6.99
C ALA D 371 23.64 -23.31 7.06
N TYR D 372 23.50 -23.99 8.20
CA TYR D 372 22.47 -25.05 8.40
C TYR D 372 21.06 -24.43 8.29
N LEU D 373 20.82 -23.33 9.01
CA LEU D 373 19.52 -22.64 9.02
C LEU D 373 19.19 -22.17 7.59
N LYS D 374 20.19 -21.69 6.86
CA LYS D 374 20.03 -21.19 5.48
C LYS D 374 19.55 -22.33 4.56
N ARG D 375 20.10 -23.53 4.71
CA ARG D 375 19.67 -24.74 3.96
C ARG D 375 18.20 -25.04 4.31
N VAL D 376 17.83 -24.97 5.60
CA VAL D 376 16.45 -25.30 6.06
C VAL D 376 15.47 -24.31 5.41
N LEU D 377 15.80 -23.02 5.39
CA LEU D 377 14.87 -21.95 4.96
C LEU D 377 14.81 -21.85 3.43
N LEU D 378 15.96 -21.79 2.75
CA LEU D 378 16.06 -21.46 1.30
C LEU D 378 16.16 -22.73 0.45
N GLY D 379 16.30 -23.90 1.07
CA GLY D 379 16.29 -25.19 0.36
C GLY D 379 17.61 -25.52 -0.32
N PRO D 380 17.66 -26.57 -1.18
CA PRO D 380 18.91 -27.05 -1.79
C PRO D 380 19.44 -26.08 -2.86
#